data_9NWK
#
_entry.id   9NWK
#
_cell.length_a   1.00
_cell.length_b   1.00
_cell.length_c   1.00
_cell.angle_alpha   90.00
_cell.angle_beta   90.00
_cell.angle_gamma   90.00
#
_symmetry.space_group_name_H-M   'P 1'
#
loop_
_entity.id
_entity.type
_entity.pdbx_description
1 polymer 'Putative transcriptional regulator, Crp/Fnr family'
2 non-polymer "ADENOSINE-3',5'-CYCLIC-MONOPHOSPHATE"
3 non-polymer '[(2~{R})-1-[2-azanylethoxy(oxidanyl)phosphoryl]oxy-3-hexadecanoyloxy-propan-2-yl] (~{Z})-octadec-9-enoate'
#
_entity_poly.entity_id   1
_entity_poly.type   'polypeptide(L)'
_entity_poly.pdbx_seq_one_letter_code
;MAKDIGINSDPNSSSVDKLMKSSGVSNPTYTLVWKVWILAVTLYYAIRIPLTLVFPSLFSPLLPLDILASLALIADIPLD
LAFESRRTSGRKPTLLAPSRLPDLLAALPLDLLVFALHLPSPLSLLSLVRLLKLISVQRSATRILSYRINPALLRLLSLV
GFILLAAHGIACGWMSLQPPSENPAGTRYLSAFYWTITTLTTIGYGDITPSTPTQTVYTIVIELLGAAMYGLVIGNIASL
VSKLDAAKLLHRERVERVTAFLSYKRISPELQRRIIEYFDYLWETRRGYEEREVLKELPHPLRLAVAMEIHGDVIEKVPL
FKGAGEEFIRDIILHLEPVIYGPGEYIIRAGEMGSDVYFINRGSVEVLSADEKTRYAILSEGQFFGEMALILRAPRTATV
RARAFCDLYRLDKETFDRILSRYPEIAAQIQELAVRRKELESSGLVPRGSVKHHHH
;
_entity_poly.pdbx_strand_id   A,B,C,D
#
loop_
_chem_comp.id
_chem_comp.type
_chem_comp.name
_chem_comp.formula
6OU non-polymer '[(2~{R})-1-[2-azanylethoxy(oxidanyl)phosphoryl]oxy-3-hexadecanoyloxy-propan-2-yl] (~{Z})-octadec-9-enoate' 'C39 H76 N O8 P'
CMP non-polymer ADENOSINE-3',5'-CYCLIC-MONOPHOSPHATE 'C10 H12 N5 O6 P'
#
# COMPACT_ATOMS: atom_id res chain seq x y z
N THR A 29 -6.91 -9.50 -36.39
CA THR A 29 -6.42 -10.61 -35.56
C THR A 29 -5.09 -11.12 -36.08
N TYR A 30 -4.72 -10.70 -37.29
CA TYR A 30 -3.46 -11.11 -37.91
C TYR A 30 -2.31 -10.16 -37.61
N THR A 31 -2.52 -9.14 -36.78
CA THR A 31 -1.44 -8.25 -36.39
C THR A 31 -0.58 -8.82 -35.27
N LEU A 32 -1.07 -9.85 -34.57
CA LEU A 32 -0.29 -10.46 -33.50
C LEU A 32 0.97 -11.13 -34.04
N VAL A 33 0.84 -11.87 -35.15
CA VAL A 33 2.01 -12.50 -35.75
C VAL A 33 2.97 -11.45 -36.28
N TRP A 34 2.45 -10.34 -36.81
CA TRP A 34 3.34 -9.27 -37.26
C TRP A 34 4.11 -8.65 -36.09
N LYS A 35 3.43 -8.45 -34.95
CA LYS A 35 4.11 -7.91 -33.79
C LYS A 35 5.14 -8.91 -33.26
N VAL A 36 4.84 -10.20 -33.31
CA VAL A 36 5.80 -11.22 -32.90
C VAL A 36 7.02 -11.19 -33.83
N TRP A 37 6.79 -11.03 -35.13
CA TRP A 37 7.89 -10.92 -36.08
C TRP A 37 8.74 -9.68 -35.81
N ILE A 38 8.08 -8.57 -35.46
CA ILE A 38 8.83 -7.36 -35.10
C ILE A 38 9.68 -7.61 -33.86
N LEU A 39 9.11 -8.30 -32.87
CA LEU A 39 9.87 -8.70 -31.69
C LEU A 39 11.10 -9.50 -32.09
N ALA A 40 10.92 -10.51 -32.95
CA ALA A 40 12.03 -11.36 -33.34
C ALA A 40 13.09 -10.57 -34.09
N VAL A 41 12.67 -9.67 -35.00
CA VAL A 41 13.63 -8.94 -35.81
C VAL A 41 14.39 -7.92 -34.97
N THR A 42 13.72 -7.29 -33.99
CA THR A 42 14.42 -6.32 -33.16
C THR A 42 15.35 -7.02 -32.17
N LEU A 43 14.97 -8.21 -31.68
CA LEU A 43 15.91 -8.97 -30.87
C LEU A 43 17.11 -9.43 -31.69
N TYR A 44 16.87 -9.83 -32.94
CA TYR A 44 17.97 -10.22 -33.82
C TYR A 44 18.92 -9.05 -34.04
N TYR A 45 18.38 -7.85 -34.25
CA TYR A 45 19.22 -6.67 -34.37
C TYR A 45 19.99 -6.39 -33.09
N ALA A 46 19.32 -6.50 -31.94
CA ALA A 46 19.97 -6.22 -30.67
C ALA A 46 21.11 -7.21 -30.40
N ILE A 47 21.00 -8.43 -30.89
CA ILE A 47 22.05 -9.43 -30.68
C ILE A 47 23.11 -9.31 -31.76
N ARG A 48 22.74 -8.77 -32.92
CA ARG A 48 23.65 -8.78 -34.07
C ARG A 48 24.52 -7.53 -34.14
N ILE A 49 23.93 -6.34 -34.11
CA ILE A 49 24.70 -5.12 -34.38
C ILE A 49 25.86 -4.92 -33.42
N PRO A 50 25.76 -5.21 -32.11
CA PRO A 50 26.97 -5.07 -31.28
C PRO A 50 27.99 -6.15 -31.54
N LEU A 51 27.55 -7.38 -31.85
CA LEU A 51 28.49 -8.44 -32.21
C LEU A 51 29.22 -8.10 -33.49
N THR A 52 28.51 -7.55 -34.48
CA THR A 52 29.16 -7.15 -35.73
C THR A 52 30.05 -5.94 -35.52
N LEU A 53 29.70 -5.06 -34.58
CA LEU A 53 30.60 -3.98 -34.21
C LEU A 53 31.90 -4.53 -33.62
N VAL A 54 31.78 -5.57 -32.80
CA VAL A 54 32.96 -6.20 -32.21
C VAL A 54 33.78 -6.91 -33.28
N PHE A 55 33.12 -7.74 -34.10
CA PHE A 55 33.80 -8.53 -35.12
C PHE A 55 33.47 -7.98 -36.50
N PRO A 56 34.40 -7.28 -37.15
CA PRO A 56 34.12 -6.79 -38.52
C PRO A 56 33.86 -7.91 -39.52
N SER A 57 34.33 -9.13 -39.26
CA SER A 57 34.10 -10.25 -40.15
C SER A 57 32.76 -10.94 -39.85
N LEU A 58 31.71 -10.14 -39.70
CA LEU A 58 30.37 -10.66 -39.48
C LEU A 58 29.31 -9.98 -40.32
N PHE A 59 29.63 -8.89 -41.03
CA PHE A 59 28.63 -8.21 -41.86
C PHE A 59 28.20 -9.09 -43.03
N SER A 60 29.16 -9.63 -43.78
CA SER A 60 28.82 -10.41 -44.96
C SER A 60 28.06 -11.70 -44.67
N PRO A 61 28.42 -12.53 -43.67
CA PRO A 61 27.66 -13.78 -43.48
C PRO A 61 26.19 -13.56 -43.17
N LEU A 62 25.84 -12.47 -42.50
CA LEU A 62 24.45 -12.17 -42.16
C LEU A 62 23.88 -11.03 -43.00
N LEU A 63 24.46 -10.79 -44.18
CA LEU A 63 23.96 -9.73 -45.04
C LEU A 63 22.52 -9.96 -45.51
N PRO A 64 22.12 -11.15 -45.97
CA PRO A 64 20.71 -11.33 -46.35
C PRO A 64 19.74 -11.09 -45.20
N LEU A 65 20.08 -11.59 -44.00
CA LEU A 65 19.22 -11.32 -42.84
C LEU A 65 19.21 -9.84 -42.50
N ASP A 66 20.34 -9.16 -42.66
CA ASP A 66 20.41 -7.73 -42.38
C ASP A 66 19.50 -6.94 -43.31
N ILE A 67 19.57 -7.23 -44.62
CA ILE A 67 18.74 -6.49 -45.56
C ILE A 67 17.27 -6.85 -45.38
N LEU A 68 16.97 -8.11 -45.04
CA LEU A 68 15.59 -8.49 -44.75
C LEU A 68 15.07 -7.72 -43.55
N ALA A 69 15.87 -7.61 -42.50
CA ALA A 69 15.45 -6.84 -41.33
C ALA A 69 15.26 -5.36 -41.67
N SER A 70 16.14 -4.81 -42.49
CA SER A 70 16.03 -3.41 -42.88
C SER A 70 14.74 -3.17 -43.65
N LEU A 71 14.44 -4.03 -44.63
CA LEU A 71 13.21 -3.85 -45.40
C LEU A 71 11.98 -4.10 -44.54
N ALA A 72 12.06 -5.02 -43.57
CA ALA A 72 10.95 -5.22 -42.66
C ALA A 72 10.69 -3.97 -41.82
N LEU A 73 11.76 -3.33 -41.33
CA LEU A 73 11.58 -2.10 -40.57
C LEU A 73 11.00 -1.00 -41.44
N ILE A 74 11.47 -0.88 -42.69
CA ILE A 74 10.96 0.14 -43.59
C ILE A 74 9.48 -0.09 -43.87
N ALA A 75 9.08 -1.35 -44.09
CA ALA A 75 7.68 -1.65 -44.35
C ALA A 75 6.82 -1.55 -43.09
N ASP A 76 7.43 -1.65 -41.91
CA ASP A 76 6.69 -1.54 -40.66
C ASP A 76 6.50 -0.10 -40.21
N ILE A 77 7.40 0.80 -40.60
CA ILE A 77 7.33 2.19 -40.13
C ILE A 77 6.06 2.89 -40.61
N PRO A 78 5.42 2.54 -41.77
CA PRO A 78 4.10 3.12 -42.05
C PRO A 78 2.97 2.29 -41.49
N LEU A 79 3.24 1.00 -41.24
CA LEU A 79 2.21 0.10 -40.76
C LEU A 79 1.78 0.42 -39.33
N ASP A 80 2.61 1.14 -38.57
CA ASP A 80 2.22 1.52 -37.21
C ASP A 80 1.03 2.46 -37.21
N LEU A 81 0.95 3.34 -38.21
CA LEU A 81 -0.19 4.26 -38.31
C LEU A 81 -1.49 3.52 -38.63
N ALA A 82 -1.42 2.33 -39.21
CA ALA A 82 -2.59 1.54 -39.52
C ALA A 82 -2.91 0.60 -38.35
N PHE A 83 -4.15 0.66 -37.87
CA PHE A 83 -4.62 -0.15 -36.75
C PHE A 83 -3.75 0.08 -35.52
N GLU A 84 -3.75 1.33 -35.05
CA GLU A 84 -2.97 1.72 -33.88
C GLU A 84 -3.54 1.11 -32.61
N SER A 99 6.33 11.12 -29.46
CA SER A 99 6.39 9.75 -28.97
C SER A 99 6.85 8.79 -30.07
N ARG A 100 6.62 9.18 -31.32
CA ARG A 100 7.02 8.37 -32.47
C ARG A 100 8.44 8.66 -32.93
N LEU A 101 9.15 9.55 -32.25
CA LEU A 101 10.53 9.86 -32.63
C LEU A 101 11.47 8.65 -32.59
N PRO A 102 11.45 7.79 -31.56
CA PRO A 102 12.34 6.62 -31.61
C PRO A 102 12.08 5.71 -32.80
N ASP A 103 10.83 5.56 -33.21
CA ASP A 103 10.53 4.73 -34.39
C ASP A 103 11.15 5.33 -35.64
N LEU A 104 11.02 6.65 -35.81
CA LEU A 104 11.63 7.30 -36.97
C LEU A 104 13.15 7.19 -36.93
N LEU A 105 13.74 7.33 -35.75
CA LEU A 105 15.19 7.21 -35.62
C LEU A 105 15.67 5.81 -35.98
N ALA A 106 14.93 4.79 -35.53
CA ALA A 106 15.31 3.41 -35.81
C ALA A 106 14.83 2.93 -37.17
N ALA A 107 14.09 3.74 -37.92
CA ALA A 107 13.61 3.33 -39.23
C ALA A 107 14.74 3.32 -40.26
N LEU A 108 15.36 4.47 -40.48
CA LEU A 108 16.39 4.56 -41.52
C LEU A 108 17.62 3.78 -41.11
N PRO A 109 18.28 3.09 -42.05
CA PRO A 109 19.40 2.16 -41.74
C PRO A 109 20.77 2.82 -41.58
N LEU A 110 21.05 3.30 -40.38
CA LEU A 110 22.40 3.80 -40.09
C LEU A 110 23.40 2.65 -39.98
N ASP A 111 22.94 1.47 -39.55
CA ASP A 111 23.86 0.35 -39.33
C ASP A 111 24.44 -0.15 -40.65
N LEU A 112 23.66 -0.15 -41.72
CA LEU A 112 24.16 -0.63 -43.00
C LEU A 112 25.27 0.25 -43.53
N LEU A 113 25.16 1.57 -43.36
CA LEU A 113 26.15 2.49 -43.89
C LEU A 113 27.48 2.37 -43.16
N VAL A 114 27.44 2.33 -41.81
CA VAL A 114 28.67 2.33 -41.04
C VAL A 114 29.42 1.02 -41.22
N PHE A 115 28.70 -0.10 -41.32
CA PHE A 115 29.37 -1.39 -41.45
C PHE A 115 29.95 -1.58 -42.86
N ALA A 116 29.23 -1.11 -43.88
CA ALA A 116 29.74 -1.21 -45.24
C ALA A 116 30.97 -0.33 -45.44
N LEU A 117 30.97 0.87 -44.85
CA LEU A 117 32.09 1.79 -44.98
C LEU A 117 33.22 1.51 -44.00
N HIS A 118 33.01 0.59 -43.05
CA HIS A 118 34.03 0.24 -42.04
C HIS A 118 34.50 1.48 -41.29
N LEU A 119 33.54 2.28 -40.85
CA LEU A 119 33.86 3.50 -40.12
C LEU A 119 34.45 3.16 -38.75
N PRO A 120 35.28 4.04 -38.19
CA PRO A 120 35.83 3.80 -36.85
C PRO A 120 34.74 3.76 -35.79
N SER A 121 35.15 3.37 -34.59
CA SER A 121 34.19 3.19 -33.50
C SER A 121 33.39 4.47 -33.18
N PRO A 122 34.01 5.66 -33.05
CA PRO A 122 33.18 6.85 -32.79
C PRO A 122 32.16 7.13 -33.87
N LEU A 123 32.49 6.87 -35.13
CA LEU A 123 31.57 7.11 -36.23
C LEU A 123 30.64 5.92 -36.49
N SER A 124 30.89 4.77 -35.87
CA SER A 124 30.04 3.61 -36.00
C SER A 124 29.14 3.39 -34.78
N LEU A 125 29.35 4.14 -33.70
CA LEU A 125 28.45 4.07 -32.56
C LEU A 125 27.06 4.58 -32.89
N LEU A 126 26.89 5.28 -34.02
CA LEU A 126 25.57 5.73 -34.44
C LEU A 126 24.69 4.58 -34.94
N SER A 127 25.27 3.40 -35.18
CA SER A 127 24.46 2.24 -35.56
C SER A 127 23.59 1.75 -34.41
N LEU A 128 23.87 2.17 -33.18
CA LEU A 128 23.11 1.76 -32.01
C LEU A 128 21.70 2.34 -31.98
N VAL A 129 21.33 3.18 -32.96
CA VAL A 129 19.99 3.74 -33.01
C VAL A 129 18.94 2.69 -33.31
N ARG A 130 19.35 1.51 -33.78
CA ARG A 130 18.39 0.44 -34.05
C ARG A 130 17.72 -0.05 -32.76
N LEU A 131 18.36 0.15 -31.62
CA LEU A 131 17.75 -0.21 -30.35
C LEU A 131 16.64 0.76 -29.93
N LEU A 132 16.47 1.88 -30.64
CA LEU A 132 15.30 2.72 -30.40
C LEU A 132 14.02 2.00 -30.77
N LYS A 133 14.10 0.94 -31.59
CA LYS A 133 12.95 0.10 -31.85
C LYS A 133 12.46 -0.60 -30.58
N LEU A 134 13.35 -0.79 -29.61
CA LEU A 134 12.99 -1.49 -28.39
C LEU A 134 11.95 -0.72 -27.58
N ILE A 135 12.03 0.61 -27.58
CA ILE A 135 11.07 1.41 -26.81
C ILE A 135 9.67 1.22 -27.37
N SER A 136 9.53 1.34 -28.70
CA SER A 136 8.23 1.12 -29.31
C SER A 136 7.77 -0.32 -29.18
N VAL A 137 8.70 -1.27 -29.21
CA VAL A 137 8.35 -2.68 -29.02
C VAL A 137 7.77 -2.90 -27.62
N GLN A 138 8.42 -2.31 -26.61
CA GLN A 138 7.93 -2.45 -25.24
C GLN A 138 6.57 -1.77 -25.09
N ARG A 139 6.40 -0.60 -25.71
CA ARG A 139 5.11 0.08 -25.66
C ARG A 139 4.01 -0.78 -26.28
N SER A 140 4.29 -1.38 -27.45
CA SER A 140 3.31 -2.24 -28.09
C SER A 140 3.02 -3.47 -27.25
N ALA A 141 4.04 -4.06 -26.64
CA ALA A 141 3.84 -5.23 -25.81
C ALA A 141 2.97 -4.91 -24.60
N THR A 142 3.22 -3.77 -23.96
CA THR A 142 2.37 -3.35 -22.85
C THR A 142 0.96 -3.01 -23.32
N ARG A 143 0.82 -2.55 -24.56
CA ARG A 143 -0.51 -2.21 -25.07
C ARG A 143 -1.34 -3.44 -25.41
N ILE A 144 -0.71 -4.49 -25.93
CA ILE A 144 -1.47 -5.61 -26.48
C ILE A 144 -1.88 -6.61 -25.41
N LEU A 145 -1.00 -6.95 -24.47
CA LEU A 145 -1.26 -8.05 -23.55
C LEU A 145 -1.30 -7.61 -22.09
N SER A 146 -1.63 -6.35 -21.82
CA SER A 146 -1.77 -5.90 -20.44
C SER A 146 -3.01 -6.52 -19.78
N TYR A 147 -4.07 -6.77 -20.55
CA TYR A 147 -5.29 -7.31 -19.98
C TYR A 147 -5.16 -8.79 -19.63
N ARG A 148 -4.25 -9.51 -20.27
CA ARG A 148 -4.11 -10.95 -20.07
C ARG A 148 -3.02 -11.30 -19.07
N ILE A 149 -2.03 -10.43 -18.87
CA ILE A 149 -0.89 -10.71 -17.99
C ILE A 149 -0.82 -9.59 -16.96
N ASN A 150 -0.52 -9.97 -15.71
CA ASN A 150 -0.34 -9.02 -14.62
C ASN A 150 0.65 -7.93 -15.04
N PRO A 151 0.26 -6.65 -15.03
CA PRO A 151 1.16 -5.60 -15.49
C PRO A 151 2.47 -5.53 -14.72
N ALA A 152 2.46 -5.80 -13.42
CA ALA A 152 3.71 -5.83 -12.67
C ALA A 152 4.62 -6.94 -13.19
N LEU A 153 4.07 -8.13 -13.41
CA LEU A 153 4.86 -9.24 -13.95
C LEU A 153 5.31 -8.93 -15.37
N LEU A 154 4.45 -8.29 -16.16
CA LEU A 154 4.84 -7.93 -17.53
C LEU A 154 6.00 -6.94 -17.52
N ARG A 155 5.95 -5.95 -16.63
CA ARG A 155 7.07 -5.00 -16.51
C ARG A 155 8.32 -5.71 -16.04
N LEU A 156 8.18 -6.68 -15.13
CA LEU A 156 9.34 -7.42 -14.66
C LEU A 156 9.98 -8.22 -15.79
N LEU A 157 9.18 -8.91 -16.60
CA LEU A 157 9.73 -9.67 -17.72
C LEU A 157 10.34 -8.76 -18.78
N SER A 158 9.70 -7.61 -19.04
CA SER A 158 10.28 -6.66 -19.97
C SER A 158 11.63 -6.15 -19.49
N LEU A 159 11.71 -5.85 -18.19
CA LEU A 159 12.98 -5.41 -17.61
C LEU A 159 14.03 -6.51 -17.67
N VAL A 160 13.62 -7.76 -17.45
CA VAL A 160 14.57 -8.88 -17.52
C VAL A 160 15.10 -9.03 -18.94
N GLY A 161 14.22 -8.95 -19.95
CA GLY A 161 14.67 -9.03 -21.32
C GLY A 161 15.59 -7.88 -21.70
N PHE A 162 15.22 -6.66 -21.30
CA PHE A 162 16.09 -5.52 -21.56
C PHE A 162 17.42 -5.66 -20.85
N ILE A 163 17.43 -6.26 -19.66
CA ILE A 163 18.66 -6.47 -18.92
C ILE A 163 19.54 -7.49 -19.63
N LEU A 164 18.94 -8.55 -20.17
CA LEU A 164 19.72 -9.52 -20.93
C LEU A 164 20.32 -8.89 -22.19
N LEU A 165 19.53 -8.09 -22.91
CA LEU A 165 20.05 -7.40 -24.09
C LEU A 165 21.17 -6.43 -23.71
N ALA A 166 20.99 -5.71 -22.59
CA ALA A 166 22.01 -4.78 -22.13
C ALA A 166 23.27 -5.53 -21.70
N ALA A 167 23.11 -6.71 -21.11
CA ALA A 167 24.26 -7.52 -20.73
C ALA A 167 25.04 -7.98 -21.97
N HIS A 168 24.32 -8.36 -23.02
CA HIS A 168 24.99 -8.70 -24.27
C HIS A 168 25.74 -7.49 -24.83
N GLY A 169 25.10 -6.32 -24.81
CA GLY A 169 25.76 -5.11 -25.28
C GLY A 169 26.98 -4.75 -24.45
N ILE A 170 26.89 -4.94 -23.13
CA ILE A 170 28.02 -4.64 -22.26
C ILE A 170 29.16 -5.62 -22.50
N ALA A 171 28.83 -6.89 -22.76
CA ALA A 171 29.87 -7.84 -23.15
C ALA A 171 30.56 -7.42 -24.44
N CYS A 172 29.78 -6.92 -25.41
CA CYS A 172 30.37 -6.42 -26.64
C CYS A 172 31.27 -5.22 -26.37
N GLY A 173 30.83 -4.30 -25.53
CA GLY A 173 31.68 -3.19 -25.13
C GLY A 173 32.94 -3.64 -24.43
N TRP A 174 32.84 -4.71 -23.64
CA TRP A 174 34.02 -5.30 -23.00
C TRP A 174 34.99 -5.82 -24.05
N MET A 175 34.47 -6.43 -25.12
CA MET A 175 35.33 -6.74 -26.27
C MET A 175 36.01 -5.49 -26.79
N SER A 176 35.25 -4.40 -26.94
CA SER A 176 35.76 -3.20 -27.60
C SER A 176 36.98 -2.62 -26.89
N LEU A 177 37.16 -2.93 -25.60
CA LEU A 177 38.31 -2.42 -24.86
C LEU A 177 39.30 -3.50 -24.46
N GLN A 178 38.93 -4.78 -24.55
CA GLN A 178 39.86 -5.84 -24.26
C GLN A 178 41.01 -5.84 -25.27
N PRO A 179 42.25 -6.03 -24.83
CA PRO A 179 43.38 -6.06 -25.76
C PRO A 179 43.23 -7.19 -26.76
N PRO A 180 43.64 -6.98 -28.01
CA PRO A 180 43.55 -8.06 -29.01
C PRO A 180 44.40 -9.26 -28.60
N SER A 181 43.89 -10.46 -28.86
CA SER A 181 44.58 -11.68 -28.51
C SER A 181 44.12 -12.80 -29.43
N GLU A 182 44.92 -13.87 -29.49
CA GLU A 182 44.60 -15.04 -30.30
C GLU A 182 43.68 -15.97 -29.49
N ASN A 183 42.44 -15.52 -29.31
CA ASN A 183 41.44 -16.25 -28.56
C ASN A 183 40.21 -16.45 -29.44
N PRO A 184 39.57 -17.62 -29.37
CA PRO A 184 38.35 -17.83 -30.16
C PRO A 184 37.26 -16.85 -29.77
N ALA A 185 36.42 -16.50 -30.75
CA ALA A 185 35.34 -15.55 -30.51
C ALA A 185 34.38 -16.07 -29.45
N GLY A 186 34.06 -17.37 -29.49
CA GLY A 186 33.17 -17.94 -28.50
C GLY A 186 33.71 -17.85 -27.09
N THR A 187 34.99 -18.18 -26.92
CA THR A 187 35.59 -18.16 -25.58
C THR A 187 35.65 -16.75 -25.02
N ARG A 188 36.07 -15.78 -25.83
CA ARG A 188 36.14 -14.40 -25.34
C ARG A 188 34.74 -13.83 -25.10
N TYR A 189 33.75 -14.21 -25.92
CA TYR A 189 32.39 -13.76 -25.64
C TYR A 189 31.87 -14.38 -24.35
N LEU A 190 32.20 -15.64 -24.09
CA LEU A 190 31.81 -16.26 -22.83
C LEU A 190 32.44 -15.54 -21.65
N SER A 191 33.71 -15.19 -21.77
CA SER A 191 34.38 -14.46 -20.68
C SER A 191 33.75 -13.09 -20.47
N ALA A 192 33.46 -12.37 -21.56
CA ALA A 192 32.85 -11.04 -21.43
C ALA A 192 31.46 -11.12 -20.83
N PHE A 193 30.66 -12.10 -21.28
CA PHE A 193 29.32 -12.27 -20.72
C PHE A 193 29.38 -12.67 -19.26
N TYR A 194 30.34 -13.51 -18.89
CA TYR A 194 30.53 -13.86 -17.50
C TYR A 194 30.85 -12.63 -16.66
N TRP A 195 31.76 -11.79 -17.16
CA TRP A 195 32.12 -10.59 -16.42
C TRP A 195 30.92 -9.65 -16.26
N THR A 196 30.16 -9.45 -17.35
CA THR A 196 29.05 -8.50 -17.25
C THR A 196 27.92 -9.04 -16.39
N ILE A 197 27.67 -10.35 -16.43
CA ILE A 197 26.64 -10.92 -15.58
C ILE A 197 27.08 -10.85 -14.12
N THR A 198 28.37 -11.05 -13.85
CA THR A 198 28.88 -10.87 -12.50
C THR A 198 28.70 -9.42 -12.03
N THR A 199 28.93 -8.47 -12.92
CA THR A 199 28.80 -7.06 -12.55
C THR A 199 27.35 -6.68 -12.29
N LEU A 200 26.44 -7.04 -13.20
CA LEU A 200 25.07 -6.59 -13.09
C LEU A 200 24.38 -7.16 -11.85
N THR A 201 24.66 -8.43 -11.53
CA THR A 201 24.06 -9.07 -10.37
C THR A 201 24.75 -8.69 -9.06
N THR A 202 25.61 -7.67 -9.09
CA THR A 202 26.31 -7.16 -7.90
C THR A 202 26.99 -8.29 -7.13
N ILE A 203 27.65 -9.18 -7.87
CA ILE A 203 28.37 -10.30 -7.27
C ILE A 203 29.86 -10.00 -7.16
N GLY A 204 30.48 -9.58 -8.26
CA GLY A 204 31.87 -9.14 -8.24
C GLY A 204 32.87 -10.19 -7.79
N TYR A 205 33.07 -11.23 -8.60
CA TYR A 205 34.08 -12.23 -8.26
C TYR A 205 35.48 -11.63 -8.22
N GLY A 206 35.79 -10.77 -9.18
CA GLY A 206 37.10 -10.16 -9.24
C GLY A 206 38.13 -10.92 -10.06
N ASP A 207 37.79 -12.09 -10.58
CA ASP A 207 38.72 -12.81 -11.44
C ASP A 207 38.87 -12.16 -12.80
N ILE A 208 37.94 -11.29 -13.19
CA ILE A 208 38.04 -10.50 -14.40
C ILE A 208 37.92 -9.04 -13.99
N THR A 209 39.03 -8.32 -14.06
CA THR A 209 39.12 -6.95 -13.59
C THR A 209 39.76 -6.08 -14.66
N PRO A 210 39.48 -4.78 -14.66
CA PRO A 210 40.08 -3.90 -15.66
C PRO A 210 41.58 -3.82 -15.52
N SER A 211 42.26 -3.62 -16.65
CA SER A 211 43.71 -3.45 -16.68
C SER A 211 44.14 -2.13 -17.30
N THR A 212 43.24 -1.40 -17.97
CA THR A 212 43.54 -0.13 -18.60
C THR A 212 42.59 0.94 -18.09
N PRO A 213 43.00 2.21 -18.12
CA PRO A 213 42.11 3.28 -17.60
C PRO A 213 40.77 3.34 -18.30
N THR A 214 40.74 3.15 -19.62
CA THR A 214 39.45 3.14 -20.32
C THR A 214 38.59 1.96 -19.87
N GLN A 215 39.22 0.80 -19.65
CA GLN A 215 38.51 -0.33 -19.08
C GLN A 215 37.97 -0.01 -17.71
N THR A 216 38.74 0.74 -16.90
CA THR A 216 38.28 1.11 -15.57
C THR A 216 37.08 2.05 -15.64
N VAL A 217 37.10 3.03 -16.54
CA VAL A 217 35.95 3.93 -16.69
C VAL A 217 34.73 3.15 -17.15
N TYR A 218 34.91 2.25 -18.12
CA TYR A 218 33.79 1.45 -18.60
C TYR A 218 33.25 0.55 -17.49
N THR A 219 34.13 0.00 -16.66
CA THR A 219 33.69 -0.84 -15.56
C THR A 219 32.95 -0.04 -14.50
N ILE A 220 33.36 1.20 -14.26
CA ILE A 220 32.61 2.06 -13.34
C ILE A 220 31.21 2.33 -13.88
N VAL A 221 31.13 2.66 -15.17
CA VAL A 221 29.82 2.93 -15.78
C VAL A 221 28.93 1.69 -15.70
N ILE A 222 29.50 0.52 -16.04
CA ILE A 222 28.74 -0.72 -15.99
C ILE A 222 28.38 -1.07 -14.56
N GLU A 223 29.23 -0.71 -13.59
CA GLU A 223 28.93 -0.92 -12.19
C GLU A 223 27.70 -0.14 -11.78
N LEU A 224 27.67 1.14 -12.12
CA LEU A 224 26.50 1.96 -11.79
C LEU A 224 25.25 1.45 -12.51
N LEU A 225 25.38 1.08 -13.79
CA LEU A 225 24.23 0.57 -14.52
C LEU A 225 23.72 -0.74 -13.92
N GLY A 226 24.63 -1.62 -13.54
CA GLY A 226 24.22 -2.89 -12.94
C GLY A 226 23.57 -2.71 -11.60
N ALA A 227 24.09 -1.79 -10.79
CA ALA A 227 23.41 -1.46 -9.52
C ALA A 227 22.01 -0.92 -9.79
N ALA A 228 21.87 -0.04 -10.77
CA ALA A 228 20.57 0.52 -11.09
C ALA A 228 19.58 -0.55 -11.53
N MET A 229 20.00 -1.44 -12.43
CA MET A 229 19.06 -2.44 -12.92
C MET A 229 18.82 -3.55 -11.90
N TYR A 230 19.78 -3.84 -11.02
CA TYR A 230 19.51 -4.77 -9.94
C TYR A 230 18.51 -4.18 -8.95
N GLY A 231 18.65 -2.89 -8.64
CA GLY A 231 17.63 -2.23 -7.83
C GLY A 231 16.28 -2.23 -8.50
N LEU A 232 16.25 -2.04 -9.82
CA LEU A 232 14.99 -2.10 -10.56
C LEU A 232 14.37 -3.48 -10.48
N VAL A 233 15.18 -4.53 -10.63
CA VAL A 233 14.67 -5.90 -10.54
C VAL A 233 14.11 -6.18 -9.16
N ILE A 234 14.85 -5.76 -8.11
CA ILE A 234 14.40 -6.02 -6.75
C ILE A 234 13.13 -5.24 -6.45
N GLY A 235 13.03 -3.99 -6.94
CA GLY A 235 11.82 -3.22 -6.73
C GLY A 235 10.63 -3.80 -7.46
N ASN A 236 10.83 -4.27 -8.70
CA ASN A 236 9.74 -4.92 -9.42
C ASN A 236 9.29 -6.19 -8.72
N ILE A 237 10.24 -6.97 -8.21
CA ILE A 237 9.89 -8.19 -7.48
C ILE A 237 9.13 -7.85 -6.22
N ALA A 238 9.57 -6.81 -5.50
CA ALA A 238 8.88 -6.42 -4.27
C ALA A 238 7.46 -5.95 -4.58
N SER A 239 7.28 -5.16 -5.63
CA SER A 239 5.94 -4.71 -6.00
C SER A 239 5.06 -5.88 -6.41
N LEU A 240 5.61 -6.85 -7.15
CA LEU A 240 4.85 -8.02 -7.54
C LEU A 240 4.45 -8.85 -6.32
N VAL A 241 5.37 -9.02 -5.37
CA VAL A 241 5.10 -9.85 -4.21
C VAL A 241 4.08 -9.19 -3.29
N SER A 242 4.20 -7.87 -3.08
CA SER A 242 3.31 -7.18 -2.17
C SER A 242 1.86 -7.23 -2.63
N LYS A 243 1.61 -7.46 -3.91
CA LYS A 243 0.25 -7.58 -4.43
C LYS A 243 -0.10 -9.00 -4.83
N LEU A 244 0.74 -9.98 -4.51
CA LEU A 244 0.44 -11.37 -4.82
C LEU A 244 -0.78 -11.86 -4.04
N ASP A 245 -0.84 -11.52 -2.75
CA ASP A 245 -1.93 -11.96 -1.89
C ASP A 245 -2.67 -10.77 -1.29
N ALA A 246 -3.03 -9.81 -2.14
CA ALA A 246 -3.73 -8.62 -1.66
C ALA A 246 -5.04 -8.98 -0.97
N ALA A 247 -5.81 -9.88 -1.59
CA ALA A 247 -7.09 -10.29 -1.00
C ALA A 247 -6.87 -11.03 0.31
N LYS A 248 -5.90 -11.95 0.33
CA LYS A 248 -5.63 -12.73 1.53
C LYS A 248 -5.15 -11.83 2.66
N LEU A 249 -4.26 -10.88 2.35
CA LEU A 249 -3.78 -9.96 3.38
C LEU A 249 -4.90 -9.04 3.86
N LEU A 250 -5.77 -8.60 2.95
CA LEU A 250 -6.90 -7.78 3.35
C LEU A 250 -7.82 -8.53 4.31
N HIS A 251 -8.10 -9.80 3.98
CA HIS A 251 -8.94 -10.60 4.88
C HIS A 251 -8.23 -10.84 6.21
N ARG A 252 -6.91 -11.05 6.19
CA ARG A 252 -6.17 -11.30 7.41
C ARG A 252 -6.22 -10.08 8.34
N GLU A 253 -6.01 -8.88 7.78
CA GLU A 253 -6.07 -7.68 8.61
C GLU A 253 -7.50 -7.40 9.05
N ARG A 254 -8.48 -7.71 8.19
CA ARG A 254 -9.89 -7.64 8.57
C ARG A 254 -10.20 -8.48 9.79
N VAL A 255 -9.75 -9.74 9.79
CA VAL A 255 -9.93 -10.64 10.93
C VAL A 255 -9.17 -10.14 12.15
N GLU A 256 -7.93 -9.67 11.96
CA GLU A 256 -7.12 -9.25 13.08
C GLU A 256 -7.70 -8.04 13.79
N ARG A 257 -8.14 -7.03 13.03
CA ARG A 257 -8.73 -5.85 13.65
C ARG A 257 -10.02 -6.20 14.39
N VAL A 258 -10.84 -7.08 13.81
CA VAL A 258 -12.10 -7.46 14.44
C VAL A 258 -11.82 -8.21 15.74
N THR A 259 -10.91 -9.18 15.71
CA THR A 259 -10.64 -9.95 16.91
C THR A 259 -9.95 -9.12 17.98
N ALA A 260 -9.10 -8.16 17.59
CA ALA A 260 -8.50 -7.28 18.58
C ALA A 260 -9.54 -6.38 19.23
N PHE A 261 -10.46 -5.82 18.43
CA PHE A 261 -11.52 -5.00 18.99
C PHE A 261 -12.41 -5.81 19.93
N LEU A 262 -12.73 -7.05 19.55
CA LEU A 262 -13.57 -7.88 20.39
C LEU A 262 -12.85 -8.27 21.69
N SER A 263 -11.56 -8.59 21.60
CA SER A 263 -10.80 -8.92 22.81
C SER A 263 -10.69 -7.71 23.72
N TYR A 264 -10.64 -6.50 23.16
CA TYR A 264 -10.67 -5.31 23.99
C TYR A 264 -12.00 -5.19 24.72
N LYS A 265 -13.10 -5.54 24.05
CA LYS A 265 -14.43 -5.40 24.60
C LYS A 265 -14.85 -6.59 25.48
N ARG A 266 -13.91 -7.47 25.81
CA ARG A 266 -14.15 -8.62 26.68
C ARG A 266 -15.25 -9.52 26.10
N ILE A 267 -14.97 -10.06 24.92
CA ILE A 267 -15.88 -10.95 24.24
C ILE A 267 -15.51 -12.39 24.56
N SER A 268 -16.52 -13.20 24.86
CA SER A 268 -16.28 -14.58 25.30
C SER A 268 -15.66 -15.39 24.17
N PRO A 269 -14.89 -16.43 24.51
CA PRO A 269 -14.27 -17.26 23.47
C PRO A 269 -15.28 -17.93 22.55
N GLU A 270 -16.51 -18.16 23.00
CA GLU A 270 -17.51 -18.77 22.12
C GLU A 270 -17.88 -17.85 20.97
N LEU A 271 -18.19 -16.59 21.28
CA LEU A 271 -18.52 -15.64 20.22
C LEU A 271 -17.31 -15.35 19.34
N GLN A 272 -16.12 -15.28 19.95
CA GLN A 272 -14.90 -15.10 19.17
C GLN A 272 -14.70 -16.25 18.19
N ARG A 273 -14.89 -17.48 18.64
CA ARG A 273 -14.74 -18.64 17.77
C ARG A 273 -15.79 -18.64 16.67
N ARG A 274 -17.02 -18.26 17.00
CA ARG A 274 -18.07 -18.20 15.99
C ARG A 274 -17.73 -17.15 14.92
N ILE A 275 -17.22 -15.99 15.33
CA ILE A 275 -16.86 -14.95 14.38
C ILE A 275 -15.68 -15.39 13.53
N ILE A 276 -14.70 -16.06 14.14
CA ILE A 276 -13.55 -16.56 13.39
C ILE A 276 -14.00 -17.60 12.36
N GLU A 277 -14.92 -18.48 12.75
CA GLU A 277 -15.44 -19.48 11.82
C GLU A 277 -16.20 -18.81 10.68
N TYR A 278 -16.98 -17.78 10.98
CA TYR A 278 -17.68 -17.05 9.92
C TYR A 278 -16.70 -16.40 8.96
N PHE A 279 -15.64 -15.80 9.48
CA PHE A 279 -14.64 -15.18 8.62
C PHE A 279 -13.93 -16.21 7.77
N ASP A 280 -13.63 -17.37 8.35
CA ASP A 280 -13.00 -18.44 7.57
C ASP A 280 -13.92 -18.91 6.44
N TYR A 281 -15.21 -19.07 6.74
CA TYR A 281 -16.17 -19.45 5.70
C TYR A 281 -16.26 -18.38 4.62
N LEU A 282 -16.28 -17.11 5.03
CA LEU A 282 -16.33 -16.01 4.06
C LEU A 282 -15.10 -16.02 3.16
N TRP A 283 -13.92 -16.23 3.74
CA TRP A 283 -12.71 -16.29 2.93
C TRP A 283 -12.72 -17.49 1.99
N GLU A 284 -13.22 -18.63 2.46
CA GLU A 284 -13.21 -19.83 1.63
C GLU A 284 -14.26 -19.79 0.53
N THR A 285 -15.33 -19.01 0.69
CA THR A 285 -16.38 -18.95 -0.32
C THR A 285 -16.27 -17.71 -1.20
N ARG A 286 -16.32 -16.52 -0.61
CA ARG A 286 -16.33 -15.27 -1.36
C ARG A 286 -14.96 -14.60 -1.40
N ARG A 287 -13.91 -15.29 -0.95
CA ARG A 287 -12.56 -14.73 -0.89
C ARG A 287 -12.51 -13.47 -0.03
N GLY A 288 -13.35 -13.41 1.01
CA GLY A 288 -13.37 -12.28 1.91
C GLY A 288 -14.03 -11.03 1.38
N TYR A 289 -14.70 -11.11 0.24
CA TYR A 289 -15.35 -9.95 -0.36
C TYR A 289 -16.80 -9.86 0.11
N GLU A 290 -17.18 -8.69 0.63
CA GLU A 290 -18.56 -8.45 0.98
C GLU A 290 -19.41 -8.29 -0.28
N GLU A 291 -20.62 -8.83 -0.26
CA GLU A 291 -21.48 -8.78 -1.43
C GLU A 291 -21.88 -7.34 -1.77
N ARG A 292 -22.19 -6.54 -0.74
CA ARG A 292 -22.65 -5.18 -0.98
C ARG A 292 -21.57 -4.35 -1.67
N GLU A 293 -20.32 -4.47 -1.22
CA GLU A 293 -19.24 -3.69 -1.81
C GLU A 293 -19.03 -4.06 -3.27
N VAL A 294 -19.07 -5.35 -3.60
CA VAL A 294 -18.90 -5.77 -4.98
C VAL A 294 -20.07 -5.32 -5.84
N LEU A 295 -21.29 -5.47 -5.33
CA LEU A 295 -22.47 -5.12 -6.12
C LEU A 295 -22.55 -3.61 -6.39
N LYS A 296 -22.25 -2.79 -5.38
CA LYS A 296 -22.33 -1.35 -5.57
C LYS A 296 -21.24 -0.82 -6.49
N GLU A 297 -20.19 -1.60 -6.72
CA GLU A 297 -19.10 -1.15 -7.59
C GLU A 297 -19.43 -1.33 -9.07
N LEU A 298 -20.50 -2.10 -9.40
CA LEU A 298 -21.04 -2.36 -10.72
C LEU A 298 -22.04 -1.28 -11.11
N PRO A 299 -22.25 -1.05 -12.40
CA PRO A 299 -23.26 -0.08 -12.84
C PRO A 299 -24.67 -0.64 -12.62
N HIS A 300 -25.66 0.23 -12.81
CA HIS A 300 -27.05 -0.17 -12.56
C HIS A 300 -27.50 -1.32 -13.45
N PRO A 301 -27.31 -1.31 -14.78
CA PRO A 301 -27.81 -2.44 -15.58
C PRO A 301 -27.09 -3.75 -15.30
N LEU A 302 -25.77 -3.70 -15.12
CA LEU A 302 -25.03 -4.92 -14.82
C LEU A 302 -25.41 -5.47 -13.45
N ARG A 303 -25.59 -4.58 -12.46
CA ARG A 303 -26.06 -5.01 -11.15
C ARG A 303 -27.46 -5.62 -11.25
N LEU A 304 -28.32 -5.04 -12.09
CA LEU A 304 -29.66 -5.59 -12.28
C LEU A 304 -29.60 -6.99 -12.89
N ALA A 305 -28.73 -7.18 -13.89
CA ALA A 305 -28.59 -8.50 -14.50
C ALA A 305 -28.01 -9.50 -13.51
N VAL A 306 -27.06 -9.07 -12.69
CA VAL A 306 -26.49 -9.93 -11.67
C VAL A 306 -27.56 -10.35 -10.66
N ALA A 307 -28.40 -9.40 -10.24
CA ALA A 307 -29.50 -9.73 -9.35
C ALA A 307 -30.47 -10.69 -10.02
N MET A 308 -30.79 -10.45 -11.29
CA MET A 308 -31.58 -11.40 -12.07
C MET A 308 -31.04 -12.82 -11.91
N GLU A 309 -29.79 -13.03 -12.31
CA GLU A 309 -29.24 -14.38 -12.34
C GLU A 309 -29.11 -14.97 -10.94
N ILE A 310 -28.73 -14.15 -9.96
CA ILE A 310 -28.56 -14.65 -8.60
C ILE A 310 -29.90 -15.07 -8.00
N HIS A 311 -30.82 -14.12 -7.84
CA HIS A 311 -32.13 -14.46 -7.26
C HIS A 311 -33.23 -13.88 -8.17
N GLY A 312 -33.51 -14.58 -9.26
CA GLY A 312 -34.77 -14.40 -9.94
C GLY A 312 -35.61 -15.66 -9.85
N ASP A 313 -34.96 -16.82 -9.85
CA ASP A 313 -35.70 -18.07 -9.72
C ASP A 313 -36.34 -18.19 -8.34
N VAL A 314 -35.63 -17.76 -7.29
CA VAL A 314 -36.12 -17.93 -5.93
C VAL A 314 -37.35 -17.06 -5.67
N ILE A 315 -37.46 -15.94 -6.38
CA ILE A 315 -38.66 -15.12 -6.25
C ILE A 315 -39.69 -15.54 -7.29
N GLU A 316 -39.26 -16.26 -8.33
CA GLU A 316 -40.20 -16.79 -9.31
C GLU A 316 -40.99 -17.94 -8.69
N LYS A 317 -40.37 -18.69 -7.78
CA LYS A 317 -41.12 -19.70 -7.02
C LYS A 317 -42.13 -19.06 -6.08
N VAL A 318 -41.86 -17.84 -5.61
CA VAL A 318 -42.66 -17.20 -4.57
C VAL A 318 -44.09 -17.02 -5.04
N PRO A 319 -45.08 -17.58 -4.33
CA PRO A 319 -46.47 -17.44 -4.80
C PRO A 319 -47.01 -16.02 -4.69
N LEU A 320 -46.51 -15.23 -3.74
CA LEU A 320 -47.09 -13.91 -3.49
C LEU A 320 -46.89 -12.96 -4.67
N PHE A 321 -45.74 -13.05 -5.34
CA PHE A 321 -45.33 -12.03 -6.30
C PHE A 321 -45.80 -12.27 -7.73
N LYS A 322 -46.56 -13.33 -7.98
CA LYS A 322 -47.18 -13.51 -9.29
C LYS A 322 -48.36 -12.55 -9.48
N GLY A 323 -48.75 -12.36 -10.74
CA GLY A 323 -49.64 -11.28 -11.10
C GLY A 323 -48.96 -9.92 -11.07
N ALA A 324 -47.64 -9.91 -11.20
CA ALA A 324 -46.85 -8.68 -11.15
C ALA A 324 -45.91 -8.62 -12.35
N GLY A 325 -45.68 -7.41 -12.84
CA GLY A 325 -44.76 -7.17 -13.94
C GLY A 325 -43.30 -7.31 -13.58
N GLU A 326 -42.43 -7.44 -14.59
CA GLU A 326 -41.00 -7.60 -14.35
C GLU A 326 -40.38 -6.37 -13.71
N GLU A 327 -40.95 -5.18 -13.91
CA GLU A 327 -40.42 -3.99 -13.28
C GLU A 327 -40.49 -4.10 -11.76
N PHE A 328 -41.63 -4.57 -11.25
CA PHE A 328 -41.77 -4.74 -9.80
C PHE A 328 -40.77 -5.76 -9.27
N ILE A 329 -40.57 -6.86 -10.01
CA ILE A 329 -39.62 -7.89 -9.59
C ILE A 329 -38.21 -7.31 -9.53
N ARG A 330 -37.81 -6.59 -10.56
CA ARG A 330 -36.47 -6.00 -10.57
C ARG A 330 -36.32 -4.99 -9.45
N ASP A 331 -37.37 -4.20 -9.18
CA ASP A 331 -37.29 -3.21 -8.12
C ASP A 331 -37.15 -3.85 -6.75
N ILE A 332 -37.91 -4.93 -6.49
CA ILE A 332 -37.82 -5.55 -5.17
C ILE A 332 -36.50 -6.26 -5.00
N ILE A 333 -36.00 -6.94 -6.04
CA ILE A 333 -34.75 -7.67 -5.88
C ILE A 333 -33.54 -6.75 -5.91
N LEU A 334 -33.68 -5.52 -6.41
CA LEU A 334 -32.58 -4.56 -6.31
C LEU A 334 -32.39 -4.05 -4.89
N HIS A 335 -33.33 -4.32 -3.98
CA HIS A 335 -33.25 -3.88 -2.59
C HIS A 335 -33.03 -5.05 -1.64
N LEU A 336 -32.64 -6.21 -2.16
CA LEU A 336 -32.39 -7.38 -1.33
C LEU A 336 -31.03 -7.24 -0.67
N GLU A 337 -31.02 -7.13 0.67
CA GLU A 337 -29.78 -6.97 1.41
C GLU A 337 -29.29 -8.34 1.87
N PRO A 338 -28.14 -8.82 1.38
CA PRO A 338 -27.67 -10.14 1.78
C PRO A 338 -27.16 -10.17 3.21
N VAL A 339 -27.39 -11.29 3.89
CA VAL A 339 -26.90 -11.51 5.24
C VAL A 339 -26.47 -12.97 5.36
N ILE A 340 -25.38 -13.20 6.08
CA ILE A 340 -24.82 -14.53 6.26
C ILE A 340 -25.11 -14.97 7.70
N TYR A 341 -25.72 -16.14 7.83
CA TYR A 341 -26.08 -16.71 9.13
C TYR A 341 -25.27 -17.98 9.36
N GLY A 342 -24.56 -18.03 10.48
CA GLY A 342 -23.77 -19.18 10.84
C GLY A 342 -24.62 -20.30 11.40
N PRO A 343 -24.02 -21.47 11.54
CA PRO A 343 -24.76 -22.61 12.10
C PRO A 343 -25.20 -22.33 13.53
N GLY A 344 -26.40 -22.79 13.86
CA GLY A 344 -26.95 -22.61 15.18
C GLY A 344 -27.45 -21.22 15.49
N GLU A 345 -27.52 -20.34 14.49
CA GLU A 345 -27.98 -18.97 14.71
C GLU A 345 -29.46 -18.85 14.43
N TYR A 346 -30.13 -18.00 15.20
CA TYR A 346 -31.57 -17.79 15.09
C TYR A 346 -31.82 -16.67 14.09
N ILE A 347 -32.43 -17.01 12.95
CA ILE A 347 -32.77 -15.99 11.97
C ILE A 347 -33.85 -15.07 12.53
N ILE A 348 -34.92 -15.65 13.07
CA ILE A 348 -35.95 -14.91 13.79
C ILE A 348 -36.43 -15.75 14.96
N ARG A 349 -37.33 -15.18 15.75
CA ARG A 349 -37.92 -15.86 16.89
C ARG A 349 -39.43 -15.82 16.79
N ALA A 350 -40.07 -16.97 16.99
CA ALA A 350 -41.52 -17.04 16.96
C ALA A 350 -42.11 -16.24 18.11
N GLY A 351 -43.25 -15.59 17.85
CA GLY A 351 -43.87 -14.71 18.80
C GLY A 351 -43.40 -13.28 18.73
N GLU A 352 -42.26 -13.02 18.10
CA GLU A 352 -41.80 -11.66 17.90
C GLU A 352 -42.51 -11.03 16.71
N MET A 353 -42.45 -9.70 16.64
CA MET A 353 -43.19 -8.96 15.61
C MET A 353 -42.79 -9.43 14.22
N GLY A 354 -41.55 -9.16 13.82
CA GLY A 354 -41.06 -9.64 12.54
C GLY A 354 -41.42 -8.73 11.39
N SER A 355 -40.42 -8.29 10.62
CA SER A 355 -40.66 -7.44 9.47
C SER A 355 -39.72 -7.78 8.31
N ASP A 356 -39.25 -9.02 8.24
CA ASP A 356 -38.25 -9.42 7.26
C ASP A 356 -38.69 -10.67 6.53
N VAL A 357 -38.26 -10.79 5.28
CA VAL A 357 -38.45 -11.99 4.47
C VAL A 357 -37.11 -12.42 3.92
N TYR A 358 -36.81 -13.71 4.01
CA TYR A 358 -35.50 -14.24 3.68
C TYR A 358 -35.60 -15.22 2.53
N PHE A 359 -34.65 -15.12 1.59
CA PHE A 359 -34.59 -15.99 0.42
C PHE A 359 -33.25 -16.74 0.47
N ILE A 360 -33.32 -18.06 0.66
CA ILE A 360 -32.10 -18.86 0.71
C ILE A 360 -31.44 -18.87 -0.66
N ASN A 361 -30.12 -18.69 -0.68
CA ASN A 361 -29.36 -18.60 -1.92
C ASN A 361 -28.47 -19.81 -2.15
N ARG A 362 -27.59 -20.13 -1.20
CA ARG A 362 -26.64 -21.22 -1.38
C ARG A 362 -26.54 -22.17 -0.19
N GLY A 363 -27.03 -21.79 0.99
CA GLY A 363 -26.91 -22.62 2.17
C GLY A 363 -28.13 -23.50 2.39
N SER A 364 -28.11 -24.21 3.51
CA SER A 364 -29.21 -25.07 3.95
C SER A 364 -29.62 -24.66 5.35
N VAL A 365 -30.93 -24.58 5.57
CA VAL A 365 -31.48 -24.05 6.82
C VAL A 365 -32.67 -24.89 7.23
N GLU A 366 -32.90 -24.98 8.54
CA GLU A 366 -33.98 -25.78 9.11
C GLU A 366 -34.94 -24.88 9.86
N VAL A 367 -36.21 -25.30 9.92
CA VAL A 367 -37.25 -24.57 10.61
C VAL A 367 -37.82 -25.47 11.71
N LEU A 368 -37.94 -24.94 12.91
CA LEU A 368 -38.47 -25.65 14.06
C LEU A 368 -39.82 -25.06 14.45
N SER A 369 -40.38 -25.57 15.55
CA SER A 369 -41.65 -25.08 16.05
C SER A 369 -41.46 -23.75 16.77
N ALA A 370 -42.56 -23.23 17.32
CA ALA A 370 -42.48 -21.98 18.08
C ALA A 370 -41.60 -22.13 19.31
N ASP A 371 -41.74 -23.25 20.03
CA ASP A 371 -40.91 -23.54 21.19
C ASP A 371 -39.69 -24.40 20.85
N GLU A 372 -39.55 -24.80 19.59
CA GLU A 372 -38.37 -25.50 19.09
C GLU A 372 -38.18 -26.88 19.74
N LYS A 373 -39.23 -27.70 19.64
CA LYS A 373 -39.16 -29.12 19.95
C LYS A 373 -39.19 -30.01 18.71
N THR A 374 -40.02 -29.67 17.73
CA THR A 374 -40.18 -30.48 16.53
C THR A 374 -39.73 -29.71 15.30
N ARG A 375 -39.25 -30.46 14.30
CA ARG A 375 -38.77 -29.88 13.05
C ARG A 375 -39.92 -29.80 12.05
N TYR A 376 -40.30 -28.59 11.67
CA TYR A 376 -41.42 -28.42 10.74
C TYR A 376 -41.05 -28.94 9.36
N ALA A 377 -39.91 -28.51 8.82
CA ALA A 377 -39.49 -28.90 7.47
C ALA A 377 -38.02 -28.52 7.31
N ILE A 378 -37.51 -28.74 6.11
CA ILE A 378 -36.13 -28.40 5.74
C ILE A 378 -36.17 -27.54 4.50
N LEU A 379 -35.52 -26.38 4.55
CA LEU A 379 -35.46 -25.45 3.42
C LEU A 379 -34.04 -25.39 2.86
N SER A 380 -33.94 -25.41 1.54
CA SER A 380 -32.64 -25.42 0.88
C SER A 380 -32.53 -24.28 -0.12
N GLU A 381 -31.49 -24.32 -0.96
CA GLU A 381 -31.30 -23.29 -1.96
C GLU A 381 -32.50 -23.22 -2.91
N GLY A 382 -32.90 -22.00 -3.23
CA GLY A 382 -34.07 -21.77 -4.05
C GLY A 382 -35.37 -21.64 -3.29
N GLN A 383 -35.36 -21.88 -1.98
CA GLN A 383 -36.54 -21.75 -1.14
C GLN A 383 -36.51 -20.44 -0.37
N PHE A 384 -37.62 -20.13 0.28
CA PHE A 384 -37.76 -18.89 1.02
C PHE A 384 -38.74 -19.09 2.18
N PHE A 385 -38.64 -18.21 3.17
CA PHE A 385 -39.55 -18.21 4.30
C PHE A 385 -39.81 -16.77 4.70
N GLY A 386 -40.66 -16.60 5.73
CA GLY A 386 -41.06 -15.28 6.16
C GLY A 386 -42.06 -14.59 5.26
N GLU A 387 -42.77 -15.33 4.42
CA GLU A 387 -43.72 -14.72 3.50
C GLU A 387 -44.93 -14.16 4.22
N MET A 388 -45.23 -14.66 5.42
CA MET A 388 -46.42 -14.21 6.15
C MET A 388 -46.28 -12.76 6.60
N ALA A 389 -45.04 -12.29 6.80
CA ALA A 389 -44.84 -10.92 7.27
C ALA A 389 -45.21 -9.88 6.21
N LEU A 390 -45.19 -10.24 4.93
CA LEU A 390 -45.51 -9.29 3.88
C LEU A 390 -46.99 -8.98 3.81
N ILE A 391 -47.84 -9.98 4.05
CA ILE A 391 -49.29 -9.81 3.90
C ILE A 391 -49.99 -9.43 5.20
N LEU A 392 -49.35 -9.65 6.35
CA LEU A 392 -50.00 -9.40 7.63
C LEU A 392 -48.95 -9.03 8.67
N ARG A 393 -49.32 -8.11 9.55
CA ARG A 393 -48.45 -7.64 10.62
C ARG A 393 -48.85 -8.34 11.93
N ALA A 394 -48.41 -9.58 12.06
CA ALA A 394 -48.68 -10.41 13.22
C ALA A 394 -47.41 -11.11 13.65
N PRO A 395 -47.34 -11.55 14.91
CA PRO A 395 -46.14 -12.27 15.36
C PRO A 395 -45.92 -13.54 14.55
N ARG A 396 -44.65 -13.87 14.35
CA ARG A 396 -44.28 -15.02 13.54
C ARG A 396 -44.72 -16.32 14.20
N THR A 397 -44.99 -17.33 13.37
CA THR A 397 -45.52 -18.60 13.85
C THR A 397 -44.44 -19.55 14.34
N ALA A 398 -43.30 -19.61 13.66
CA ALA A 398 -42.27 -20.59 13.98
C ALA A 398 -40.88 -19.94 13.86
N THR A 399 -39.93 -20.53 14.59
CA THR A 399 -38.54 -20.10 14.51
C THR A 399 -37.82 -20.88 13.41
N VAL A 400 -36.80 -20.24 12.85
CA VAL A 400 -35.96 -20.87 11.83
C VAL A 400 -34.50 -20.66 12.21
N ARG A 401 -33.72 -21.74 12.21
CA ARG A 401 -32.32 -21.70 12.60
C ARG A 401 -31.47 -22.34 11.50
N ALA A 402 -30.28 -21.79 11.29
CA ALA A 402 -29.41 -22.29 10.24
C ALA A 402 -28.77 -23.60 10.67
N ARG A 403 -28.79 -24.58 9.77
CA ARG A 403 -28.10 -25.85 10.02
C ARG A 403 -26.59 -25.68 9.87
N ALA A 404 -26.15 -25.26 8.69
CA ALA A 404 -24.76 -24.94 8.41
C ALA A 404 -24.67 -23.46 8.01
N PHE A 405 -23.50 -23.06 7.54
CA PHE A 405 -23.31 -21.69 7.08
C PHE A 405 -24.17 -21.42 5.86
N CYS A 406 -25.25 -20.66 6.04
CA CYS A 406 -26.19 -20.36 4.97
C CYS A 406 -26.21 -18.87 4.69
N ASP A 407 -26.28 -18.52 3.42
CA ASP A 407 -26.39 -17.13 2.99
C ASP A 407 -27.78 -16.90 2.38
N LEU A 408 -28.46 -15.88 2.88
CA LEU A 408 -29.82 -15.57 2.42
C LEU A 408 -30.00 -14.06 2.37
N TYR A 409 -30.96 -13.64 1.55
CA TYR A 409 -31.21 -12.23 1.31
C TYR A 409 -32.42 -11.78 2.12
N ARG A 410 -32.23 -10.74 2.92
CA ARG A 410 -33.26 -10.23 3.82
C ARG A 410 -33.85 -8.96 3.23
N LEU A 411 -35.18 -8.89 3.18
CA LEU A 411 -35.91 -7.73 2.68
C LEU A 411 -36.82 -7.24 3.80
N ASP A 412 -36.51 -6.05 4.35
CA ASP A 412 -37.31 -5.49 5.42
C ASP A 412 -38.60 -4.90 4.86
N LYS A 413 -39.55 -4.62 5.77
CA LYS A 413 -40.85 -4.11 5.37
C LYS A 413 -40.78 -2.70 4.81
N GLU A 414 -39.78 -1.91 5.19
CA GLU A 414 -39.70 -0.53 4.72
C GLU A 414 -39.48 -0.48 3.21
N THR A 415 -38.48 -1.22 2.71
CA THR A 415 -38.22 -1.21 1.28
C THR A 415 -39.36 -1.85 0.49
N PHE A 416 -39.97 -2.90 1.05
CA PHE A 416 -41.10 -3.52 0.37
C PHE A 416 -42.27 -2.55 0.26
N ASP A 417 -42.58 -1.83 1.33
CA ASP A 417 -43.65 -0.85 1.29
C ASP A 417 -43.32 0.29 0.33
N ARG A 418 -42.06 0.72 0.30
CA ARG A 418 -41.66 1.76 -0.65
C ARG A 418 -41.82 1.29 -2.09
N ILE A 419 -41.47 0.02 -2.37
CA ILE A 419 -41.59 -0.50 -3.73
C ILE A 419 -43.06 -0.64 -4.12
N LEU A 420 -43.87 -1.23 -3.25
CA LEU A 420 -45.28 -1.42 -3.59
C LEU A 420 -46.06 -0.12 -3.65
N SER A 421 -45.58 0.93 -2.98
CA SER A 421 -46.22 2.23 -3.09
C SER A 421 -46.11 2.78 -4.50
N ARG A 422 -44.96 2.57 -5.15
CA ARG A 422 -44.77 2.98 -6.53
C ARG A 422 -45.61 2.15 -7.50
N TYR A 423 -46.10 1.00 -7.07
CA TYR A 423 -46.89 0.09 -7.92
C TYR A 423 -48.19 -0.23 -7.20
N PRO A 424 -49.17 0.68 -7.25
CA PRO A 424 -50.45 0.42 -6.58
C PRO A 424 -51.18 -0.79 -7.14
N GLU A 425 -50.99 -1.12 -8.42
CA GLU A 425 -51.66 -2.27 -9.01
C GLU A 425 -51.19 -3.57 -8.37
N ILE A 426 -49.96 -3.60 -7.85
CA ILE A 426 -49.46 -4.80 -7.18
C ILE A 426 -49.90 -4.85 -5.73
N ALA A 427 -50.20 -3.71 -5.11
CA ALA A 427 -50.63 -3.68 -3.72
C ALA A 427 -52.04 -4.22 -3.52
N ALA A 428 -52.79 -4.49 -4.60
CA ALA A 428 -54.17 -4.94 -4.47
C ALA A 428 -54.24 -6.41 -4.08
N GLN A 429 -53.68 -7.29 -4.91
CA GLN A 429 -53.81 -8.72 -4.67
C GLN A 429 -53.04 -9.16 -3.43
N ILE A 430 -51.95 -8.47 -3.10
CA ILE A 430 -51.17 -8.85 -1.92
C ILE A 430 -51.96 -8.57 -0.65
N GLN A 431 -52.85 -7.58 -0.67
CA GLN A 431 -53.65 -7.26 0.50
C GLN A 431 -54.86 -8.18 0.62
N THR B 29 -8.08 -35.73 10.85
CA THR B 29 -7.06 -35.08 11.68
C THR B 29 -5.73 -35.82 11.58
N TYR B 30 -5.76 -37.03 11.02
CA TYR B 30 -4.56 -37.84 10.87
C TYR B 30 -3.86 -37.62 9.53
N THR B 31 -4.34 -36.69 8.71
CA THR B 31 -3.66 -36.38 7.45
C THR B 31 -2.48 -35.44 7.64
N LEU B 32 -2.40 -34.76 8.79
CA LEU B 32 -1.27 -33.86 9.03
C LEU B 32 0.04 -34.62 9.12
N VAL B 33 0.05 -35.76 9.82
CA VAL B 33 1.26 -36.56 9.91
C VAL B 33 1.62 -37.14 8.54
N TRP B 34 0.62 -37.49 7.73
CA TRP B 34 0.91 -37.97 6.39
C TRP B 34 1.53 -36.88 5.53
N LYS B 35 1.02 -35.64 5.64
CA LYS B 35 1.61 -34.53 4.90
C LYS B 35 3.02 -34.24 5.38
N VAL B 36 3.27 -34.35 6.69
CA VAL B 36 4.62 -34.16 7.21
C VAL B 36 5.56 -35.24 6.67
N TRP B 37 5.07 -36.48 6.59
CA TRP B 37 5.88 -37.56 6.03
C TRP B 37 6.16 -37.31 4.55
N ILE B 38 5.19 -36.78 3.81
CA ILE B 38 5.42 -36.43 2.42
C ILE B 38 6.47 -35.34 2.32
N LEU B 39 6.40 -34.34 3.20
CA LEU B 39 7.45 -33.32 3.27
C LEU B 39 8.82 -33.93 3.49
N ALA B 40 8.92 -34.83 4.46
CA ALA B 40 10.21 -35.46 4.77
C ALA B 40 10.72 -36.28 3.59
N VAL B 41 9.83 -37.03 2.93
CA VAL B 41 10.27 -37.91 1.85
C VAL B 41 10.68 -37.10 0.63
N THR B 42 9.97 -36.00 0.35
CA THR B 42 10.34 -35.19 -0.80
C THR B 42 11.62 -34.39 -0.54
N LEU B 43 11.84 -33.95 0.71
CA LEU B 43 13.12 -33.34 1.04
C LEU B 43 14.26 -34.36 0.93
N TYR B 44 14.01 -35.59 1.39
CA TYR B 44 15.01 -36.64 1.27
C TYR B 44 15.36 -36.89 -0.20
N TYR B 45 14.35 -36.93 -1.07
CA TYR B 45 14.61 -37.07 -2.49
C TYR B 45 15.39 -35.88 -3.04
N ALA B 46 15.01 -34.66 -2.64
CA ALA B 46 15.69 -33.47 -3.13
C ALA B 46 17.16 -33.44 -2.72
N ILE B 47 17.48 -34.02 -1.56
CA ILE B 47 18.86 -34.02 -1.08
C ILE B 47 19.60 -35.24 -1.65
N ARG B 48 18.87 -36.29 -2.01
CA ARG B 48 19.50 -37.55 -2.40
C ARG B 48 19.78 -37.64 -3.90
N ILE B 49 18.76 -37.42 -4.73
CA ILE B 49 18.92 -37.69 -6.17
C ILE B 49 20.03 -36.87 -6.82
N PRO B 50 20.26 -35.59 -6.48
CA PRO B 50 21.43 -34.93 -7.10
C PRO B 50 22.75 -35.42 -6.53
N LEU B 51 22.80 -35.75 -5.25
CA LEU B 51 24.01 -36.33 -4.68
C LEU B 51 24.34 -37.67 -5.31
N THR B 52 23.31 -38.50 -5.54
CA THR B 52 23.54 -39.79 -6.20
C THR B 52 23.88 -39.60 -7.67
N LEU B 53 23.35 -38.56 -8.30
CA LEU B 53 23.79 -38.22 -9.65
C LEU B 53 25.27 -37.87 -9.67
N VAL B 54 25.72 -37.12 -8.66
CA VAL B 54 27.13 -36.76 -8.57
C VAL B 54 27.98 -37.99 -8.28
N PHE B 55 27.60 -38.77 -7.27
CA PHE B 55 28.37 -39.93 -6.85
C PHE B 55 27.63 -41.21 -7.24
N PRO B 56 28.09 -41.93 -8.26
CA PRO B 56 27.42 -43.19 -8.63
C PRO B 56 27.48 -44.23 -7.51
N SER B 57 28.43 -44.14 -6.60
CA SER B 57 28.55 -45.09 -5.49
C SER B 57 27.67 -44.67 -4.31
N LEU B 58 26.42 -44.31 -4.60
CA LEU B 58 25.46 -43.95 -3.57
C LEU B 58 24.09 -44.58 -3.76
N PHE B 59 23.83 -45.24 -4.90
CA PHE B 59 22.54 -45.86 -5.12
C PHE B 59 22.31 -47.03 -4.17
N SER B 60 23.28 -47.94 -4.10
CA SER B 60 23.10 -49.13 -3.26
C SER B 60 22.98 -48.85 -1.77
N PRO B 61 23.80 -47.98 -1.14
CA PRO B 61 23.66 -47.79 0.31
C PRO B 61 22.29 -47.27 0.72
N LEU B 62 21.64 -46.46 -0.11
CA LEU B 62 20.32 -45.91 0.19
C LEU B 62 19.21 -46.58 -0.62
N LEU B 63 19.45 -47.80 -1.11
CA LEU B 63 18.43 -48.49 -1.88
C LEU B 63 17.16 -48.77 -1.08
N PRO B 64 17.21 -49.29 0.16
CA PRO B 64 15.95 -49.48 0.90
C PRO B 64 15.17 -48.19 1.10
N LEU B 65 15.86 -47.10 1.43
CA LEU B 65 15.17 -45.81 1.58
C LEU B 65 14.60 -45.36 0.24
N ASP B 66 15.32 -45.61 -0.85
CA ASP B 66 14.85 -45.21 -2.17
C ASP B 66 13.56 -45.95 -2.53
N ILE B 67 13.54 -47.27 -2.33
CA ILE B 67 12.34 -48.02 -2.68
C ILE B 67 11.19 -47.68 -1.73
N LEU B 68 11.49 -47.41 -0.46
CA LEU B 68 10.45 -46.97 0.46
C LEU B 68 9.85 -45.65 0.02
N ALA B 69 10.69 -44.70 -0.41
CA ALA B 69 10.19 -43.44 -0.92
C ALA B 69 9.36 -43.62 -2.18
N SER B 70 9.81 -44.51 -3.07
CA SER B 70 9.07 -44.75 -4.30
C SER B 70 7.68 -45.32 -4.01
N LEU B 71 7.61 -46.32 -3.12
CA LEU B 71 6.32 -46.90 -2.79
C LEU B 71 5.44 -45.91 -2.03
N ALA B 72 6.04 -45.04 -1.22
CA ALA B 72 5.28 -43.99 -0.55
C ALA B 72 4.67 -43.04 -1.56
N LEU B 73 5.43 -42.64 -2.58
CA LEU B 73 4.90 -41.77 -3.61
C LEU B 73 3.79 -42.46 -4.40
N ILE B 74 3.98 -43.74 -4.72
CA ILE B 74 2.95 -44.48 -5.45
C ILE B 74 1.67 -44.57 -4.64
N ALA B 75 1.79 -44.84 -3.33
CA ALA B 75 0.61 -44.93 -2.48
C ALA B 75 -0.01 -43.57 -2.19
N ASP B 76 0.76 -42.49 -2.33
CA ASP B 76 0.25 -41.15 -2.10
C ASP B 76 -0.43 -40.55 -3.33
N ILE B 77 -0.04 -40.98 -4.52
CA ILE B 77 -0.60 -40.40 -5.74
C ILE B 77 -2.11 -40.65 -5.88
N PRO B 78 -2.71 -41.73 -5.31
CA PRO B 78 -4.18 -41.78 -5.31
C PRO B 78 -4.77 -41.14 -4.07
N LEU B 79 -3.97 -41.04 -3.00
CA LEU B 79 -4.46 -40.49 -1.74
C LEU B 79 -4.74 -39.00 -1.82
N ASP B 80 -4.17 -38.31 -2.81
CA ASP B 80 -4.46 -36.88 -2.97
C ASP B 80 -5.91 -36.64 -3.34
N LEU B 81 -6.50 -37.54 -4.13
CA LEU B 81 -7.92 -37.41 -4.48
C LEU B 81 -8.84 -37.60 -3.29
N ALA B 82 -8.37 -38.28 -2.24
CA ALA B 82 -9.17 -38.49 -1.05
C ALA B 82 -8.89 -37.39 -0.04
N PHE B 83 -9.95 -36.74 0.43
CA PHE B 83 -9.86 -35.64 1.39
C PHE B 83 -8.98 -34.51 0.84
N GLU B 84 -9.41 -33.95 -0.29
CA GLU B 84 -8.69 -32.88 -0.94
C GLU B 84 -8.75 -31.59 -0.13
N SER B 99 -3.43 -29.00 -13.25
CA SER B 99 -2.74 -28.63 -12.03
C SER B 99 -2.12 -29.85 -11.37
N ARG B 100 -2.67 -31.03 -11.66
CA ARG B 100 -2.18 -32.29 -11.10
C ARG B 100 -1.09 -32.91 -11.96
N LEU B 101 -0.70 -32.25 -13.06
CA LEU B 101 0.36 -32.80 -13.92
C LEU B 101 1.70 -32.99 -13.20
N PRO B 102 2.20 -32.04 -12.39
CA PRO B 102 3.46 -32.30 -11.69
C PRO B 102 3.41 -33.52 -10.79
N ASP B 103 2.28 -33.76 -10.13
CA ASP B 103 2.16 -34.95 -9.28
C ASP B 103 2.27 -36.23 -10.11
N LEU B 104 1.60 -36.26 -11.27
CA LEU B 104 1.70 -37.43 -12.13
C LEU B 104 3.11 -37.62 -12.65
N LEU B 105 3.78 -36.52 -13.00
CA LEU B 105 5.15 -36.60 -13.49
C LEU B 105 6.09 -37.13 -12.41
N ALA B 106 5.92 -36.68 -11.17
CA ALA B 106 6.77 -37.12 -10.07
C ALA B 106 6.33 -38.44 -9.47
N ALA B 107 5.20 -39.00 -9.91
CA ALA B 107 4.73 -40.27 -9.37
C ALA B 107 5.60 -41.44 -9.84
N LEU B 108 5.66 -41.65 -11.15
CA LEU B 108 6.37 -42.81 -11.68
C LEU B 108 7.88 -42.63 -11.47
N PRO B 109 8.59 -43.71 -11.13
CA PRO B 109 10.03 -43.63 -10.75
C PRO B 109 11.02 -43.61 -11.91
N LEU B 110 11.26 -42.42 -12.45
CA LEU B 110 12.33 -42.28 -13.44
C LEU B 110 13.70 -42.40 -12.81
N ASP B 111 13.84 -42.00 -11.54
CA ASP B 111 15.15 -42.01 -10.90
C ASP B 111 15.68 -43.42 -10.70
N LEU B 112 14.80 -44.38 -10.41
CA LEU B 112 15.24 -45.75 -10.20
C LEU B 112 15.81 -46.35 -11.48
N LEU B 113 15.19 -46.06 -12.62
CA LEU B 113 15.63 -46.65 -13.88
C LEU B 113 16.99 -46.11 -14.30
N VAL B 114 17.18 -44.79 -14.22
CA VAL B 114 18.41 -44.19 -14.72
C VAL B 114 19.60 -44.57 -13.84
N PHE B 115 19.39 -44.67 -12.53
CA PHE B 115 20.49 -44.99 -11.63
C PHE B 115 20.86 -46.47 -11.73
N ALA B 116 19.87 -47.35 -11.88
CA ALA B 116 20.15 -48.77 -12.02
C ALA B 116 20.87 -49.05 -13.34
N LEU B 117 20.48 -48.37 -14.42
CA LEU B 117 21.08 -48.58 -15.72
C LEU B 117 22.37 -47.79 -15.91
N HIS B 118 22.72 -46.90 -14.97
CA HIS B 118 23.92 -46.08 -15.05
C HIS B 118 23.97 -45.30 -16.36
N LEU B 119 22.84 -44.66 -16.69
CA LEU B 119 22.76 -43.88 -17.91
C LEU B 119 23.64 -42.64 -17.82
N PRO B 120 24.12 -42.12 -18.96
CA PRO B 120 24.93 -40.91 -18.95
C PRO B 120 24.13 -39.72 -18.43
N SER B 121 24.84 -38.61 -18.22
CA SER B 121 24.22 -37.41 -17.65
C SER B 121 23.05 -36.89 -18.48
N PRO B 122 23.13 -36.75 -19.80
CA PRO B 122 21.95 -36.28 -20.54
C PRO B 122 20.74 -37.19 -20.40
N LEU B 123 20.94 -38.50 -20.32
CA LEU B 123 19.84 -39.43 -20.17
C LEU B 123 19.46 -39.68 -18.71
N SER B 124 20.24 -39.18 -17.77
CA SER B 124 19.93 -39.28 -16.36
C SER B 124 19.40 -37.99 -15.76
N LEU B 125 19.44 -36.89 -16.52
CA LEU B 125 18.85 -35.64 -16.05
C LEU B 125 17.33 -35.74 -15.94
N LEU B 126 16.73 -36.77 -16.53
CA LEU B 126 15.29 -36.98 -16.41
C LEU B 126 14.89 -37.43 -15.01
N SER B 127 15.85 -37.84 -14.17
CA SER B 127 15.52 -38.21 -12.79
C SER B 127 15.12 -37.00 -11.97
N LEU B 128 15.39 -35.79 -12.45
CA LEU B 128 15.06 -34.57 -11.73
C LEU B 128 13.57 -34.30 -11.68
N VAL B 129 12.74 -35.14 -12.30
CA VAL B 129 11.30 -34.96 -12.26
C VAL B 129 10.74 -35.20 -10.87
N ARG B 130 11.51 -35.81 -9.98
CA ARG B 130 11.04 -36.04 -8.61
C ARG B 130 10.82 -34.73 -7.87
N LEU B 131 11.51 -33.66 -8.29
CA LEU B 131 11.30 -32.36 -7.69
C LEU B 131 9.98 -31.71 -8.11
N LEU B 132 9.26 -32.30 -9.07
CA LEU B 132 7.90 -31.84 -9.34
C LEU B 132 6.98 -32.08 -8.15
N LYS B 133 7.35 -32.99 -7.25
CA LYS B 133 6.62 -33.16 -6.01
C LYS B 133 6.66 -31.90 -5.15
N LEU B 134 7.70 -31.08 -5.33
CA LEU B 134 7.85 -29.87 -4.51
C LEU B 134 6.73 -28.87 -4.77
N ILE B 135 6.26 -28.77 -6.02
CA ILE B 135 5.19 -27.82 -6.33
C ILE B 135 3.91 -28.20 -5.59
N SER B 136 3.53 -29.48 -5.66
CA SER B 136 2.35 -29.94 -4.94
C SER B 136 2.55 -29.85 -3.43
N VAL B 137 3.77 -30.09 -2.95
CA VAL B 137 4.04 -29.97 -1.53
C VAL B 137 3.85 -28.53 -1.06
N GLN B 138 4.35 -27.57 -1.84
CA GLN B 138 4.17 -26.16 -1.49
C GLN B 138 2.70 -25.76 -1.55
N ARG B 139 1.98 -26.27 -2.55
CA ARG B 139 0.54 -25.99 -2.63
C ARG B 139 -0.18 -26.52 -1.41
N SER B 140 0.12 -27.76 -1.01
CA SER B 140 -0.52 -28.34 0.17
C SER B 140 -0.15 -27.57 1.44
N ALA B 141 1.11 -27.16 1.56
CA ALA B 141 1.53 -26.40 2.73
C ALA B 141 0.81 -25.06 2.82
N THR B 142 0.67 -24.37 1.68
CA THR B 142 -0.09 -23.12 1.67
C THR B 142 -1.57 -23.37 1.94
N ARG B 143 -2.08 -24.54 1.56
CA ARG B 143 -3.49 -24.83 1.78
C ARG B 143 -3.78 -25.14 3.25
N ILE B 144 -2.88 -25.83 3.93
CA ILE B 144 -3.20 -26.37 5.25
C ILE B 144 -3.00 -25.35 6.36
N LEU B 145 -1.91 -24.56 6.32
CA LEU B 145 -1.55 -23.71 7.45
C LEU B 145 -1.53 -22.23 7.08
N SER B 146 -2.31 -21.81 6.07
CA SER B 146 -2.40 -20.40 5.76
C SER B 146 -3.15 -19.63 6.85
N TYR B 147 -4.13 -20.26 7.49
CA TYR B 147 -4.92 -19.57 8.50
C TYR B 147 -4.16 -19.37 9.81
N ARG B 148 -3.14 -20.19 10.07
CA ARG B 148 -2.39 -20.12 11.32
C ARG B 148 -1.10 -19.32 11.22
N ILE B 149 -0.54 -19.18 10.03
CA ILE B 149 0.72 -18.48 9.82
C ILE B 149 0.52 -17.39 8.79
N ASN B 150 1.12 -16.23 9.03
CA ASN B 150 1.07 -15.11 8.11
C ASN B 150 1.45 -15.55 6.71
N PRO B 151 0.58 -15.39 5.71
CA PRO B 151 0.90 -15.88 4.36
C PRO B 151 2.17 -15.29 3.77
N ALA B 152 2.48 -14.02 4.05
CA ALA B 152 3.74 -13.46 3.58
C ALA B 152 4.93 -14.18 4.19
N LEU B 153 4.88 -14.42 5.50
CA LEU B 153 5.94 -15.16 6.17
C LEU B 153 6.01 -16.61 5.68
N LEU B 154 4.85 -17.22 5.44
CA LEU B 154 4.83 -18.58 4.92
C LEU B 154 5.48 -18.65 3.54
N ARG B 155 5.18 -17.69 2.67
CA ARG B 155 5.82 -17.64 1.36
C ARG B 155 7.31 -17.40 1.50
N LEU B 156 7.72 -16.56 2.44
CA LEU B 156 9.14 -16.32 2.66
C LEU B 156 9.86 -17.59 3.10
N LEU B 157 9.28 -18.34 4.04
CA LEU B 157 9.92 -19.58 4.48
C LEU B 157 9.92 -20.63 3.39
N SER B 158 8.85 -20.71 2.59
CA SER B 158 8.83 -21.64 1.47
C SER B 158 9.91 -21.29 0.46
N LEU B 159 10.07 -19.99 0.17
CA LEU B 159 11.13 -19.56 -0.74
C LEU B 159 12.51 -19.85 -0.17
N VAL B 160 12.68 -19.68 1.14
CA VAL B 160 13.98 -19.98 1.76
C VAL B 160 14.29 -21.47 1.65
N GLY B 161 13.32 -22.32 1.92
CA GLY B 161 13.53 -23.76 1.79
C GLY B 161 13.83 -24.17 0.36
N PHE B 162 13.07 -23.62 -0.60
CA PHE B 162 13.35 -23.90 -2.00
C PHE B 162 14.72 -23.39 -2.41
N ILE B 163 15.16 -22.26 -1.84
CA ILE B 163 16.47 -21.72 -2.15
C ILE B 163 17.56 -22.61 -1.60
N LEU B 164 17.36 -23.16 -0.40
CA LEU B 164 18.34 -24.10 0.15
C LEU B 164 18.43 -25.36 -0.70
N LEU B 165 17.27 -25.90 -1.11
CA LEU B 165 17.28 -27.08 -1.97
C LEU B 165 17.95 -26.77 -3.32
N ALA B 166 17.67 -25.60 -3.88
CA ALA B 166 18.30 -25.21 -5.13
C ALA B 166 19.79 -25.01 -4.97
N ALA B 167 20.22 -24.50 -3.81
CA ALA B 167 21.65 -24.36 -3.54
C ALA B 167 22.34 -25.72 -3.48
N HIS B 168 21.68 -26.68 -2.84
CA HIS B 168 22.22 -28.05 -2.84
C HIS B 168 22.32 -28.60 -4.26
N GLY B 169 21.27 -28.39 -5.06
CA GLY B 169 21.30 -28.85 -6.44
C GLY B 169 22.38 -28.16 -7.27
N ILE B 170 22.60 -26.87 -7.02
CA ILE B 170 23.62 -26.14 -7.74
C ILE B 170 25.01 -26.60 -7.32
N ALA B 171 25.19 -26.94 -6.05
CA ALA B 171 26.45 -27.53 -5.62
C ALA B 171 26.68 -28.86 -6.31
N CYS B 172 25.63 -29.66 -6.45
CA CYS B 172 25.77 -30.93 -7.18
C CYS B 172 26.13 -30.69 -8.64
N GLY B 173 25.50 -29.70 -9.28
CA GLY B 173 25.87 -29.34 -10.64
C GLY B 173 27.31 -28.86 -10.73
N TRP B 174 27.78 -28.16 -9.70
CA TRP B 174 29.18 -27.74 -9.65
C TRP B 174 30.10 -28.95 -9.60
N MET B 175 29.70 -29.98 -8.85
CA MET B 175 30.42 -31.26 -8.94
C MET B 175 30.45 -31.76 -10.37
N SER B 176 29.29 -31.72 -11.05
CA SER B 176 29.16 -32.33 -12.36
C SER B 176 30.13 -31.75 -13.38
N LEU B 177 30.63 -30.54 -13.15
CA LEU B 177 31.58 -29.92 -14.07
C LEU B 177 32.97 -29.74 -13.49
N GLN B 178 33.14 -29.89 -12.17
CA GLN B 178 34.46 -29.82 -11.59
C GLN B 178 35.32 -30.97 -12.10
N PRO B 179 36.58 -30.72 -12.42
CA PRO B 179 37.47 -31.80 -12.87
C PRO B 179 37.64 -32.84 -11.80
N PRO B 180 37.73 -34.13 -12.18
CA PRO B 180 37.93 -35.18 -11.18
C PRO B 180 39.24 -34.99 -10.44
N SER B 181 39.23 -35.30 -9.15
CA SER B 181 40.40 -35.14 -8.32
C SER B 181 40.29 -36.08 -7.12
N GLU B 182 41.43 -36.33 -6.48
CA GLU B 182 41.49 -37.18 -5.30
C GLU B 182 41.18 -36.34 -4.06
N ASN B 183 39.91 -35.95 -3.95
CA ASN B 183 39.42 -35.14 -2.86
C ASN B 183 38.26 -35.85 -2.18
N PRO B 184 38.17 -35.80 -0.85
CA PRO B 184 37.03 -36.43 -0.17
C PRO B 184 35.71 -35.82 -0.60
N ALA B 185 34.66 -36.63 -0.59
CA ALA B 185 33.34 -36.17 -1.00
C ALA B 185 32.85 -35.04 -0.11
N GLY B 186 33.09 -35.15 1.19
CA GLY B 186 32.65 -34.10 2.10
C GLY B 186 33.34 -32.77 1.83
N THR B 187 34.66 -32.80 1.60
CA THR B 187 35.40 -31.56 1.37
C THR B 187 34.97 -30.89 0.06
N ARG B 188 34.82 -31.68 -1.01
CA ARG B 188 34.40 -31.09 -2.27
C ARG B 188 32.96 -30.61 -2.21
N TYR B 189 32.09 -31.31 -1.47
CA TYR B 189 30.73 -30.82 -1.31
C TYR B 189 30.71 -29.52 -0.52
N LEU B 190 31.56 -29.42 0.50
CA LEU B 190 31.66 -28.18 1.25
C LEU B 190 32.12 -27.04 0.36
N SER B 191 33.11 -27.30 -0.50
CA SER B 191 33.58 -26.26 -1.41
C SER B 191 32.49 -25.85 -2.39
N ALA B 192 31.77 -26.81 -2.95
CA ALA B 192 30.70 -26.50 -3.91
C ALA B 192 29.57 -25.73 -3.24
N PHE B 193 29.18 -26.14 -2.04
CA PHE B 193 28.12 -25.42 -1.32
C PHE B 193 28.58 -24.02 -0.95
N TYR B 194 29.84 -23.86 -0.57
CA TYR B 194 30.38 -22.54 -0.29
C TYR B 194 30.29 -21.66 -1.53
N TRP B 195 30.69 -22.19 -2.69
CA TRP B 195 30.65 -21.42 -3.92
C TRP B 195 29.21 -21.02 -4.26
N THR B 196 28.28 -21.97 -4.17
CA THR B 196 26.91 -21.65 -4.56
C THR B 196 26.25 -20.69 -3.59
N ILE B 197 26.55 -20.80 -2.29
CA ILE B 197 25.99 -19.86 -1.33
C ILE B 197 26.58 -18.48 -1.55
N THR B 198 27.87 -18.40 -1.90
CA THR B 198 28.47 -17.12 -2.24
C THR B 198 27.80 -16.52 -3.48
N THR B 199 27.47 -17.36 -4.47
CA THR B 199 26.84 -16.86 -5.69
C THR B 199 25.43 -16.36 -5.42
N LEU B 200 24.62 -17.17 -4.73
CA LEU B 200 23.20 -16.84 -4.58
C LEU B 200 23.01 -15.57 -3.75
N THR B 201 23.82 -15.40 -2.70
CA THR B 201 23.74 -14.22 -1.85
C THR B 201 24.40 -12.99 -2.46
N THR B 202 24.76 -13.05 -3.74
CA THR B 202 25.37 -11.93 -4.47
C THR B 202 26.57 -11.36 -3.72
N ILE B 203 27.40 -12.25 -3.18
CA ILE B 203 28.60 -11.85 -2.45
C ILE B 203 29.84 -11.92 -3.34
N GLY B 204 30.06 -13.05 -4.00
CA GLY B 204 31.13 -13.18 -4.97
C GLY B 204 32.52 -12.95 -4.43
N TYR B 205 33.00 -13.87 -3.58
CA TYR B 205 34.36 -13.77 -3.07
C TYR B 205 35.38 -13.86 -4.20
N GLY B 206 35.17 -14.79 -5.14
CA GLY B 206 36.10 -14.98 -6.23
C GLY B 206 37.20 -15.98 -5.98
N ASP B 207 37.28 -16.55 -4.78
CA ASP B 207 38.29 -17.58 -4.52
C ASP B 207 37.94 -18.89 -5.21
N ILE B 208 36.68 -19.07 -5.61
CA ILE B 208 36.26 -20.22 -6.40
C ILE B 208 35.63 -19.67 -7.68
N THR B 209 36.32 -19.83 -8.80
CA THR B 209 35.92 -19.27 -10.08
C THR B 209 35.97 -20.35 -11.15
N PRO B 210 35.19 -20.20 -12.22
CA PRO B 210 35.22 -21.20 -13.29
C PRO B 210 36.57 -21.25 -13.98
N SER B 211 36.91 -22.44 -14.46
CA SER B 211 38.14 -22.66 -15.21
C SER B 211 37.90 -23.22 -16.60
N THR B 212 36.70 -23.70 -16.91
CA THR B 212 36.35 -24.26 -18.20
C THR B 212 35.13 -23.53 -18.78
N PRO B 213 34.99 -23.51 -20.10
CA PRO B 213 33.83 -22.79 -20.69
C PRO B 213 32.49 -23.29 -20.22
N THR B 214 32.32 -24.61 -20.05
CA THR B 214 31.06 -25.13 -19.52
C THR B 214 30.85 -24.66 -18.09
N GLN B 215 31.92 -24.63 -17.29
CA GLN B 215 31.82 -24.07 -15.94
C GLN B 215 31.41 -22.60 -15.99
N THR B 216 31.93 -21.86 -16.97
CA THR B 216 31.58 -20.45 -17.10
C THR B 216 30.11 -20.27 -17.45
N VAL B 217 29.58 -21.08 -18.38
CA VAL B 217 28.17 -21.01 -18.72
C VAL B 217 27.31 -21.35 -17.51
N TYR B 218 27.68 -22.41 -16.80
CA TYR B 218 26.93 -22.80 -15.61
C TYR B 218 26.97 -21.71 -14.55
N THR B 219 28.12 -21.06 -14.39
CA THR B 219 28.24 -19.98 -13.42
C THR B 219 27.42 -18.76 -13.83
N ILE B 220 27.32 -18.47 -15.13
CA ILE B 220 26.44 -17.39 -15.57
C ILE B 220 24.99 -17.71 -15.25
N VAL B 221 24.58 -18.95 -15.54
CA VAL B 221 23.20 -19.35 -15.26
C VAL B 221 22.91 -19.26 -13.76
N ILE B 222 23.84 -19.76 -12.94
CA ILE B 222 23.67 -19.72 -11.50
C ILE B 222 23.72 -18.27 -11.00
N GLU B 223 24.49 -17.42 -11.65
CA GLU B 223 24.53 -16.01 -11.32
C GLU B 223 23.16 -15.36 -11.51
N LEU B 224 22.55 -15.60 -12.66
CA LEU B 224 21.23 -15.05 -12.93
C LEU B 224 20.20 -15.62 -11.96
N LEU B 225 20.27 -16.93 -11.70
CA LEU B 225 19.32 -17.55 -10.77
C LEU B 225 19.49 -16.99 -9.36
N GLY B 226 20.73 -16.81 -8.92
CA GLY B 226 20.97 -16.27 -7.59
C GLY B 226 20.51 -14.84 -7.46
N ALA B 227 20.73 -14.03 -8.49
CA ALA B 227 20.20 -12.67 -8.48
C ALA B 227 18.68 -12.69 -8.41
N ALA B 228 18.03 -13.58 -9.17
CA ALA B 228 16.58 -13.66 -9.15
C ALA B 228 16.06 -14.05 -7.78
N MET B 229 16.65 -15.08 -7.16
CA MET B 229 16.14 -15.51 -5.86
C MET B 229 16.53 -14.56 -4.74
N TYR B 230 17.65 -13.86 -4.85
CA TYR B 230 17.96 -12.82 -3.87
C TYR B 230 16.98 -11.67 -3.98
N GLY B 231 16.62 -11.26 -5.20
CA GLY B 231 15.58 -10.28 -5.37
C GLY B 231 14.25 -10.76 -4.82
N LEU B 232 13.94 -12.04 -5.01
CA LEU B 232 12.71 -12.60 -4.45
C LEU B 232 12.73 -12.56 -2.92
N VAL B 233 13.86 -12.90 -2.31
CA VAL B 233 13.97 -12.85 -0.86
C VAL B 233 13.80 -11.44 -0.35
N ILE B 234 14.46 -10.47 -1.00
CA ILE B 234 14.37 -9.09 -0.56
C ILE B 234 12.95 -8.56 -0.74
N GLY B 235 12.29 -8.92 -1.84
CA GLY B 235 10.92 -8.49 -2.04
C GLY B 235 9.96 -9.09 -1.02
N ASN B 236 10.13 -10.37 -0.72
CA ASN B 236 9.31 -11.00 0.31
C ASN B 236 9.53 -10.35 1.67
N ILE B 237 10.78 -10.04 2.00
CA ILE B 237 11.08 -9.37 3.27
C ILE B 237 10.46 -7.99 3.30
N ALA B 238 10.53 -7.25 2.19
CA ALA B 238 9.94 -5.93 2.13
C ALA B 238 8.43 -5.99 2.29
N SER B 239 7.79 -6.94 1.63
CA SER B 239 6.34 -7.09 1.76
C SER B 239 5.96 -7.46 3.19
N LEU B 240 6.73 -8.36 3.81
CA LEU B 240 6.45 -8.73 5.20
C LEU B 240 6.63 -7.55 6.14
N VAL B 241 7.67 -6.74 5.93
CA VAL B 241 7.96 -5.62 6.83
C VAL B 241 6.91 -4.52 6.66
N SER B 242 6.52 -4.23 5.41
CA SER B 242 5.58 -3.15 5.17
C SER B 242 4.22 -3.41 5.80
N LYS B 243 3.89 -4.66 6.10
CA LYS B 243 2.63 -5.00 6.75
C LYS B 243 2.82 -5.46 8.19
N LEU B 244 4.04 -5.34 8.73
CA LEU B 244 4.28 -5.72 10.12
C LEU B 244 3.50 -4.82 11.07
N ASP B 245 3.51 -3.53 10.82
CA ASP B 245 2.85 -2.56 11.70
C ASP B 245 1.80 -1.77 10.93
N ALA B 246 0.93 -2.48 10.19
CA ALA B 246 -0.09 -1.80 9.40
C ALA B 246 -1.02 -0.99 10.28
N ALA B 247 -1.45 -1.56 11.41
CA ALA B 247 -2.33 -0.84 12.32
C ALA B 247 -1.63 0.36 12.94
N LYS B 248 -0.38 0.17 13.37
CA LYS B 248 0.36 1.26 14.00
C LYS B 248 0.61 2.39 12.99
N LEU B 249 0.97 2.04 11.76
CA LEU B 249 1.20 3.06 10.73
C LEU B 249 -0.10 3.76 10.38
N LEU B 250 -1.21 3.02 10.32
CA LEU B 250 -2.51 3.64 10.05
C LEU B 250 -2.86 4.63 11.13
N HIS B 251 -2.66 4.26 12.39
CA HIS B 251 -2.93 5.20 13.49
C HIS B 251 -2.00 6.39 13.45
N ARG B 252 -0.73 6.16 13.08
CA ARG B 252 0.23 7.26 13.02
C ARG B 252 -0.17 8.27 11.95
N GLU B 253 -0.54 7.80 10.77
CA GLU B 253 -0.96 8.73 9.72
C GLU B 253 -2.30 9.37 10.05
N ARG B 254 -3.18 8.63 10.73
CA ARG B 254 -4.42 9.21 11.25
C ARG B 254 -4.16 10.38 12.18
N VAL B 255 -3.25 10.22 13.13
CA VAL B 255 -2.87 11.30 14.05
C VAL B 255 -2.19 12.44 13.30
N GLU B 256 -1.30 12.12 12.36
CA GLU B 256 -0.55 13.16 11.66
C GLU B 256 -1.47 14.03 10.81
N ARG B 257 -2.39 13.42 10.06
CA ARG B 257 -3.30 14.22 9.25
C ARG B 257 -4.20 15.10 10.11
N VAL B 258 -4.67 14.55 11.24
CA VAL B 258 -5.55 15.32 12.12
C VAL B 258 -4.80 16.50 12.72
N THR B 259 -3.59 16.26 13.21
CA THR B 259 -2.84 17.35 13.83
C THR B 259 -2.39 18.38 12.81
N ALA B 260 -2.08 17.96 11.58
CA ALA B 260 -1.74 18.92 10.54
C ALA B 260 -2.94 19.79 10.17
N PHE B 261 -4.12 19.17 10.03
CA PHE B 261 -5.32 19.94 9.73
C PHE B 261 -5.65 20.91 10.86
N LEU B 262 -5.49 20.47 12.11
CA LEU B 262 -5.77 21.36 13.23
C LEU B 262 -4.77 22.51 13.30
N SER B 263 -3.47 22.23 13.07
CA SER B 263 -2.48 23.29 13.07
C SER B 263 -2.72 24.28 11.94
N TYR B 264 -3.24 23.80 10.80
CA TYR B 264 -3.64 24.72 9.75
C TYR B 264 -4.77 25.64 10.21
N LYS B 265 -5.72 25.10 10.96
CA LYS B 265 -6.89 25.85 11.41
C LYS B 265 -6.64 26.65 12.67
N ARG B 266 -5.38 26.79 13.09
CA ARG B 266 -5.00 27.59 14.26
C ARG B 266 -5.71 27.09 15.52
N ILE B 267 -5.43 25.84 15.87
CA ILE B 267 -6.00 25.21 17.05
C ILE B 267 -5.03 25.37 18.22
N SER B 268 -5.56 25.74 19.38
CA SER B 268 -4.73 26.02 20.53
C SER B 268 -4.00 24.76 21.00
N PRO B 269 -2.84 24.90 21.63
CA PRO B 269 -2.12 23.71 22.11
C PRO B 269 -2.88 22.89 23.12
N GLU B 270 -3.84 23.48 23.85
CA GLU B 270 -4.62 22.71 24.80
C GLU B 270 -5.51 21.70 24.09
N LEU B 271 -6.27 22.14 23.09
CA LEU B 271 -7.11 21.22 22.33
C LEU B 271 -6.27 20.21 21.56
N GLN B 272 -5.13 20.65 21.01
CA GLN B 272 -4.24 19.74 20.32
C GLN B 272 -3.74 18.64 21.26
N ARG B 273 -3.34 19.02 22.48
CA ARG B 273 -2.87 18.04 23.44
C ARG B 273 -3.99 17.09 23.86
N ARG B 274 -5.20 17.63 24.04
CA ARG B 274 -6.33 16.77 24.39
C ARG B 274 -6.61 15.75 23.29
N ILE B 275 -6.57 16.19 22.03
CA ILE B 275 -6.82 15.29 20.92
C ILE B 275 -5.70 14.25 20.80
N ILE B 276 -4.45 14.67 21.01
CA ILE B 276 -3.34 13.73 20.99
C ILE B 276 -3.48 12.69 22.09
N GLU B 277 -3.89 13.12 23.29
CA GLU B 277 -4.10 12.19 24.38
C GLU B 277 -5.23 11.22 24.08
N TYR B 278 -6.31 11.72 23.47
CA TYR B 278 -7.41 10.83 23.08
C TYR B 278 -6.94 9.80 22.06
N PHE B 279 -6.14 10.23 21.08
CA PHE B 279 -5.64 9.28 20.08
C PHE B 279 -4.71 8.26 20.71
N ASP B 280 -3.88 8.69 21.66
CA ASP B 280 -3.00 7.75 22.35
C ASP B 280 -3.82 6.72 23.14
N TYR B 281 -4.87 7.18 23.83
CA TYR B 281 -5.74 6.26 24.55
C TYR B 281 -6.42 5.28 23.59
N LEU B 282 -6.89 5.80 22.44
CA LEU B 282 -7.53 4.94 21.46
C LEU B 282 -6.57 3.88 20.93
N TRP B 283 -5.32 4.27 20.65
CA TRP B 283 -4.34 3.31 20.18
C TRP B 283 -4.01 2.29 21.27
N GLU B 284 -3.93 2.72 22.52
CA GLU B 284 -3.56 1.80 23.59
C GLU B 284 -4.69 0.86 23.97
N THR B 285 -5.95 1.23 23.70
CA THR B 285 -7.08 0.38 24.06
C THR B 285 -7.62 -0.41 22.88
N ARG B 286 -8.06 0.29 21.82
CA ARG B 286 -8.69 -0.34 20.67
C ARG B 286 -7.74 -0.52 19.50
N ARG B 287 -6.44 -0.28 19.70
CA ARG B 287 -5.44 -0.34 18.63
C ARG B 287 -5.78 0.60 17.48
N GLY B 288 -6.40 1.73 17.79
CA GLY B 288 -6.71 2.72 16.79
C GLY B 288 -7.91 2.39 15.92
N TYR B 289 -8.67 1.34 16.25
CA TYR B 289 -9.81 0.94 15.44
C TYR B 289 -11.08 1.61 15.97
N GLU B 290 -11.81 2.27 15.08
CA GLU B 290 -13.10 2.83 15.44
C GLU B 290 -14.12 1.71 15.60
N GLU B 291 -14.98 1.86 16.61
CA GLU B 291 -15.97 0.81 16.89
C GLU B 291 -16.96 0.66 15.75
N ARG B 292 -17.41 1.78 15.17
CA ARG B 292 -18.41 1.72 14.11
C ARG B 292 -17.89 0.96 12.89
N GLU B 293 -16.64 1.22 12.50
CA GLU B 293 -16.07 0.56 11.33
C GLU B 293 -15.97 -0.95 11.54
N VAL B 294 -15.54 -1.37 12.73
CA VAL B 294 -15.42 -2.79 13.02
C VAL B 294 -16.80 -3.44 13.08
N LEU B 295 -17.77 -2.79 13.73
CA LEU B 295 -19.09 -3.37 13.88
C LEU B 295 -19.80 -3.51 12.54
N LYS B 296 -19.72 -2.48 11.69
CA LYS B 296 -20.40 -2.54 10.41
C LYS B 296 -19.78 -3.55 9.46
N GLU B 297 -18.55 -3.99 9.72
CA GLU B 297 -17.90 -4.96 8.86
C GLU B 297 -18.36 -6.39 9.12
N LEU B 298 -19.05 -6.63 10.25
CA LEU B 298 -19.65 -7.88 10.69
C LEU B 298 -21.06 -8.05 10.11
N PRO B 299 -21.54 -9.27 9.97
CA PRO B 299 -22.90 -9.49 9.49
C PRO B 299 -23.91 -9.13 10.59
N HIS B 300 -25.19 -9.10 10.21
CA HIS B 300 -26.23 -8.71 11.15
C HIS B 300 -26.32 -9.62 12.37
N PRO B 301 -26.36 -10.95 12.25
CA PRO B 301 -26.48 -11.77 13.47
C PRO B 301 -25.25 -11.69 14.36
N LEU B 302 -24.05 -11.70 13.79
CA LEU B 302 -22.84 -11.60 14.60
C LEU B 302 -22.75 -10.24 15.27
N ARG B 303 -23.12 -9.17 14.56
CA ARG B 303 -23.16 -7.85 15.17
C ARG B 303 -24.18 -7.81 16.30
N LEU B 304 -25.33 -8.47 16.11
CA LEU B 304 -26.33 -8.52 17.16
C LEU B 304 -25.82 -9.25 18.39
N ALA B 305 -25.12 -10.37 18.20
CA ALA B 305 -24.55 -11.10 19.32
C ALA B 305 -23.46 -10.28 20.03
N VAL B 306 -22.66 -9.56 19.25
CA VAL B 306 -21.63 -8.70 19.83
C VAL B 306 -22.27 -7.61 20.66
N ALA B 307 -23.35 -7.00 20.15
CA ALA B 307 -24.06 -5.99 20.93
C ALA B 307 -24.65 -6.59 22.19
N MET B 308 -25.23 -7.79 22.08
CA MET B 308 -25.68 -8.53 23.25
C MET B 308 -24.59 -8.57 24.32
N GLU B 309 -23.44 -9.14 23.99
CA GLU B 309 -22.41 -9.37 24.99
C GLU B 309 -21.83 -8.05 25.50
N ILE B 310 -21.67 -7.06 24.62
CA ILE B 310 -21.08 -5.79 25.03
C ILE B 310 -22.03 -5.05 25.98
N HIS B 311 -23.23 -4.68 25.50
CA HIS B 311 -24.18 -3.97 26.35
C HIS B 311 -25.54 -4.66 26.26
N GLY B 312 -25.68 -5.76 27.00
CA GLY B 312 -27.00 -6.25 27.35
C GLY B 312 -27.23 -6.14 28.84
N ASP B 313 -26.17 -6.34 29.63
CA ASP B 313 -26.30 -6.20 31.08
C ASP B 313 -26.62 -4.76 31.47
N VAL B 314 -25.99 -3.79 30.81
CA VAL B 314 -26.15 -2.40 31.20
C VAL B 314 -27.57 -1.90 30.92
N ILE B 315 -28.24 -2.49 29.92
CA ILE B 315 -29.63 -2.13 29.68
C ILE B 315 -30.55 -3.06 30.47
N GLU B 316 -30.02 -4.20 30.92
CA GLU B 316 -30.82 -5.07 31.78
C GLU B 316 -30.97 -4.46 33.17
N LYS B 317 -29.97 -3.70 33.61
CA LYS B 317 -30.10 -2.93 34.84
C LYS B 317 -31.12 -1.82 34.70
N VAL B 318 -31.30 -1.30 33.49
CA VAL B 318 -32.11 -0.11 33.25
C VAL B 318 -33.56 -0.35 33.68
N PRO B 319 -34.10 0.42 34.61
CA PRO B 319 -35.48 0.18 35.05
C PRO B 319 -36.52 0.46 33.98
N LEU B 320 -36.25 1.41 33.07
CA LEU B 320 -37.27 1.83 32.12
C LEU B 320 -37.66 0.72 31.14
N PHE B 321 -36.70 -0.10 30.74
CA PHE B 321 -36.89 -1.02 29.63
C PHE B 321 -37.44 -2.38 30.01
N LYS B 322 -37.74 -2.62 31.29
CA LYS B 322 -38.44 -3.84 31.67
C LYS B 322 -39.91 -3.78 31.29
N GLY B 323 -40.53 -4.96 31.25
CA GLY B 323 -41.84 -5.12 30.62
C GLY B 323 -41.77 -5.06 29.12
N ALA B 324 -40.61 -5.37 28.54
CA ALA B 324 -40.38 -5.32 27.11
C ALA B 324 -39.75 -6.63 26.65
N GLY B 325 -40.11 -7.05 25.43
CA GLY B 325 -39.55 -8.25 24.83
C GLY B 325 -38.12 -8.08 24.34
N GLU B 326 -37.46 -9.22 24.08
CA GLU B 326 -36.07 -9.19 23.64
C GLU B 326 -35.89 -8.55 22.28
N GLU B 327 -36.93 -8.57 21.43
CA GLU B 327 -36.84 -7.91 20.13
C GLU B 327 -36.62 -6.41 20.30
N PHE B 328 -37.37 -5.78 21.20
CA PHE B 328 -37.20 -4.36 21.45
C PHE B 328 -35.80 -4.06 21.98
N ILE B 329 -35.29 -4.90 22.88
CA ILE B 329 -33.95 -4.70 23.43
C ILE B 329 -32.90 -4.78 22.33
N ARG B 330 -33.00 -5.81 21.48
CA ARG B 330 -32.04 -5.95 20.40
C ARG B 330 -32.13 -4.77 19.43
N ASP B 331 -33.36 -4.30 19.15
CA ASP B 331 -33.53 -3.18 18.24
C ASP B 331 -32.92 -1.90 18.78
N ILE B 332 -33.12 -1.63 20.08
CA ILE B 332 -32.59 -0.39 20.63
C ILE B 332 -31.07 -0.46 20.74
N ILE B 333 -30.52 -1.61 21.14
CA ILE B 333 -29.07 -1.68 21.29
C ILE B 333 -28.36 -1.81 19.94
N LEU B 334 -29.06 -2.18 18.88
CA LEU B 334 -28.46 -2.14 17.55
C LEU B 334 -28.26 -0.73 17.03
N HIS B 335 -28.86 0.27 17.69
CA HIS B 335 -28.74 1.68 17.28
C HIS B 335 -27.91 2.49 18.27
N LEU B 336 -27.18 1.82 19.16
CA LEU B 336 -26.35 2.51 20.13
C LEU B 336 -25.06 3.00 19.47
N GLU B 337 -24.90 4.32 19.38
CA GLU B 337 -23.73 4.90 18.74
C GLU B 337 -22.66 5.17 19.79
N PRO B 338 -21.50 4.50 19.74
CA PRO B 338 -20.49 4.71 20.76
C PRO B 338 -19.79 6.06 20.60
N VAL B 339 -19.44 6.66 21.73
CA VAL B 339 -18.69 7.91 21.75
C VAL B 339 -17.69 7.84 22.91
N ILE B 340 -16.50 8.39 22.68
CA ILE B 340 -15.43 8.40 23.66
C ILE B 340 -15.29 9.81 24.21
N TYR B 341 -15.34 9.93 25.53
CA TYR B 341 -15.22 11.21 26.21
C TYR B 341 -13.95 11.23 27.04
N GLY B 342 -13.11 12.23 26.81
CA GLY B 342 -11.88 12.38 27.55
C GLY B 342 -12.11 12.96 28.93
N PRO B 343 -11.06 12.92 29.74
CA PRO B 343 -11.17 13.48 31.10
C PRO B 343 -11.46 14.97 31.06
N GLY B 344 -12.29 15.42 31.99
CA GLY B 344 -12.65 16.82 32.06
C GLY B 344 -13.63 17.30 31.01
N GLU B 345 -14.21 16.41 30.23
CA GLU B 345 -15.13 16.79 29.17
C GLU B 345 -16.57 16.73 29.68
N TYR B 346 -17.39 17.65 29.18
CA TYR B 346 -18.79 17.75 29.59
C TYR B 346 -19.63 16.89 28.65
N ILE B 347 -20.22 15.82 29.19
CA ILE B 347 -21.10 14.99 28.39
C ILE B 347 -22.35 15.76 28.00
N ILE B 348 -22.99 16.39 28.98
CA ILE B 348 -24.11 17.30 28.75
C ILE B 348 -24.02 18.45 29.74
N ARG B 349 -24.94 19.41 29.61
CA ARG B 349 -25.00 20.56 30.49
C ARG B 349 -26.40 20.66 31.08
N ALA B 350 -26.47 20.86 32.40
CA ALA B 350 -27.76 21.01 33.06
C ALA B 350 -28.43 22.29 32.60
N GLY B 351 -29.75 22.24 32.47
CA GLY B 351 -30.53 23.34 31.94
C GLY B 351 -30.70 23.34 30.44
N GLU B 352 -29.88 22.57 29.72
CA GLU B 352 -30.04 22.43 28.29
C GLU B 352 -31.13 21.40 27.99
N MET B 353 -31.62 21.43 26.75
CA MET B 353 -32.75 20.58 26.37
C MET B 353 -32.43 19.11 26.60
N GLY B 354 -31.48 18.57 25.84
CA GLY B 354 -31.04 17.21 26.04
C GLY B 354 -31.91 16.18 25.35
N SER B 355 -31.31 15.33 24.52
CA SER B 355 -32.05 14.29 23.81
C SER B 355 -31.25 13.00 23.71
N ASP B 356 -30.34 12.76 24.65
CA ASP B 356 -29.44 11.62 24.58
C ASP B 356 -29.43 10.86 25.89
N VAL B 357 -29.20 9.56 25.79
CA VAL B 357 -29.02 8.69 26.95
C VAL B 357 -27.72 7.93 26.77
N TYR B 358 -26.91 7.86 27.83
CA TYR B 358 -25.57 7.32 27.77
C TYR B 358 -25.43 6.11 28.68
N PHE B 359 -24.79 5.07 28.18
CA PHE B 359 -24.55 3.83 28.92
C PHE B 359 -23.04 3.64 29.05
N ILE B 360 -22.54 3.72 30.27
CA ILE B 360 -21.10 3.54 30.51
C ILE B 360 -20.72 2.10 30.21
N ASN B 361 -19.61 1.91 29.50
CA ASN B 361 -19.17 0.60 29.08
C ASN B 361 -17.90 0.15 29.81
N ARG B 362 -16.83 0.94 29.76
CA ARG B 362 -15.56 0.55 30.35
C ARG B 362 -14.90 1.62 31.21
N GLY B 363 -15.30 2.88 31.09
CA GLY B 363 -14.68 3.96 31.82
C GLY B 363 -15.38 4.27 33.12
N SER B 364 -14.89 5.32 33.78
CA SER B 364 -15.47 5.82 35.02
C SER B 364 -15.79 7.30 34.85
N VAL B 365 -16.97 7.71 35.33
CA VAL B 365 -17.47 9.06 35.09
C VAL B 365 -18.15 9.55 36.36
N GLU B 366 -18.10 10.87 36.56
CA GLU B 366 -18.66 11.51 37.74
C GLU B 366 -19.78 12.46 37.34
N VAL B 367 -20.73 12.65 38.24
CA VAL B 367 -21.87 13.54 38.02
C VAL B 367 -21.83 14.63 39.10
N LEU B 368 -21.97 15.88 38.68
CA LEU B 368 -21.98 17.02 39.58
C LEU B 368 -23.37 17.65 39.61
N SER B 369 -23.49 18.76 40.32
CA SER B 369 -24.75 19.46 40.42
C SER B 369 -25.01 20.26 39.13
N ALA B 370 -26.12 21.00 39.13
CA ALA B 370 -26.44 21.84 37.98
C ALA B 370 -25.39 22.92 37.78
N ASP B 371 -24.95 23.56 38.86
CA ASP B 371 -23.91 24.57 38.80
C ASP B 371 -22.51 24.00 39.07
N GLU B 372 -22.42 22.70 39.36
CA GLU B 372 -21.14 21.98 39.50
C GLU B 372 -20.33 22.49 40.68
N LYS B 373 -20.95 22.46 41.86
CA LYS B 373 -20.25 22.65 43.13
C LYS B 373 -20.12 21.35 43.92
N THR B 374 -21.16 20.52 43.96
CA THR B 374 -21.16 19.30 44.73
C THR B 374 -21.27 18.08 43.82
N ARG B 375 -20.69 16.97 44.28
CA ARG B 375 -20.69 15.72 43.52
C ARG B 375 -21.91 14.89 43.92
N TYR B 376 -22.81 14.68 42.97
CA TYR B 376 -24.02 13.92 43.25
C TYR B 376 -23.70 12.46 43.55
N ALA B 377 -22.94 11.80 42.68
CA ALA B 377 -22.61 10.39 42.82
C ALA B 377 -21.47 10.06 41.87
N ILE B 378 -21.11 8.78 41.83
CA ILE B 378 -20.07 8.27 40.95
C ILE B 378 -20.66 7.11 40.16
N LEU B 379 -20.52 7.17 38.83
CA LEU B 379 -21.03 6.13 37.95
C LEU B 379 -19.87 5.40 37.30
N SER B 380 -19.97 4.07 37.24
CA SER B 380 -18.90 3.24 36.70
C SER B 380 -19.42 2.33 35.61
N GLU B 381 -18.60 1.36 35.19
CA GLU B 381 -19.00 0.42 34.14
C GLU B 381 -20.26 -0.33 34.56
N GLY B 382 -21.18 -0.51 33.62
CA GLY B 382 -22.45 -1.13 33.88
C GLY B 382 -23.55 -0.19 34.30
N GLN B 383 -23.23 1.08 34.55
CA GLN B 383 -24.22 2.08 34.94
C GLN B 383 -24.60 2.93 33.74
N PHE B 384 -25.63 3.75 33.93
CA PHE B 384 -26.15 4.61 32.87
C PHE B 384 -26.75 5.86 33.48
N PHE B 385 -26.87 6.91 32.67
CA PHE B 385 -27.51 8.15 33.06
C PHE B 385 -28.27 8.71 31.87
N GLY B 386 -28.94 9.83 32.08
CA GLY B 386 -29.76 10.43 31.05
C GLY B 386 -31.09 9.75 30.82
N GLU B 387 -31.55 8.94 31.79
CA GLU B 387 -32.80 8.21 31.59
C GLU B 387 -34.01 9.14 31.61
N MET B 388 -33.88 10.32 32.21
CA MET B 388 -35.02 11.24 32.29
C MET B 388 -35.41 11.78 30.93
N ALA B 389 -34.46 11.85 29.99
CA ALA B 389 -34.76 12.40 28.67
C ALA B 389 -35.68 11.49 27.86
N LEU B 390 -35.72 10.19 28.17
CA LEU B 390 -36.56 9.28 27.39
C LEU B 390 -38.04 9.44 27.74
N ILE B 391 -38.35 9.72 29.00
CA ILE B 391 -39.74 9.77 29.43
C ILE B 391 -40.32 11.18 29.41
N LEU B 392 -39.49 12.21 29.37
CA LEU B 392 -39.96 13.58 29.43
C LEU B 392 -39.00 14.50 28.68
N ARG B 393 -39.57 15.50 28.00
CA ARG B 393 -38.81 16.47 27.24
C ARG B 393 -38.69 17.75 28.07
N ALA B 394 -37.76 17.73 29.01
CA ALA B 394 -37.49 18.84 29.91
C ALA B 394 -35.99 19.04 30.03
N PRO B 395 -35.55 20.23 30.42
CA PRO B 395 -34.10 20.46 30.60
C PRO B 395 -33.52 19.52 31.65
N ARG B 396 -32.27 19.12 31.42
CA ARG B 396 -31.60 18.17 32.30
C ARG B 396 -31.36 18.79 33.67
N THR B 397 -31.33 17.92 34.68
CA THR B 397 -31.22 18.36 36.07
C THR B 397 -29.78 18.62 36.50
N ALA B 398 -28.84 17.78 36.07
CA ALA B 398 -27.46 17.88 36.53
C ALA B 398 -26.50 17.63 35.38
N THR B 399 -25.29 18.17 35.53
CA THR B 399 -24.22 17.95 34.57
C THR B 399 -23.43 16.70 34.95
N VAL B 400 -22.85 16.05 33.94
CA VAL B 400 -22.01 14.87 34.15
C VAL B 400 -20.72 15.07 33.35
N ARG B 401 -19.58 14.88 34.02
CA ARG B 401 -18.27 15.07 33.41
C ARG B 401 -17.43 13.82 33.62
N ALA B 402 -16.61 13.50 32.62
CA ALA B 402 -15.78 12.30 32.69
C ALA B 402 -14.60 12.52 33.63
N ARG B 403 -14.37 11.56 34.52
CA ARG B 403 -13.21 11.61 35.40
C ARG B 403 -11.93 11.27 34.62
N ALA B 404 -11.90 10.09 34.02
CA ALA B 404 -10.81 9.65 33.14
C ALA B 404 -11.40 9.37 31.76
N PHE B 405 -10.58 8.77 30.90
CA PHE B 405 -11.04 8.41 29.57
C PHE B 405 -12.12 7.34 29.65
N CYS B 406 -13.36 7.71 29.41
CA CYS B 406 -14.50 6.81 29.51
C CYS B 406 -15.17 6.68 28.15
N ASP B 407 -15.58 5.45 27.83
CA ASP B 407 -16.31 5.15 26.61
C ASP B 407 -17.75 4.76 26.96
N LEU B 408 -18.70 5.43 26.33
CA LEU B 408 -20.11 5.20 26.60
C LEU B 408 -20.90 5.29 25.30
N TYR B 409 -22.06 4.65 25.30
CA TYR B 409 -22.91 4.56 24.12
C TYR B 409 -24.04 5.56 24.22
N ARG B 410 -24.17 6.41 23.21
CA ARG B 410 -25.16 7.47 23.18
C ARG B 410 -26.31 7.08 22.26
N LEU B 411 -27.53 7.22 22.76
CA LEU B 411 -28.74 6.93 21.99
C LEU B 411 -29.59 8.19 21.93
N ASP B 412 -29.70 8.78 20.74
CA ASP B 412 -30.48 9.99 20.59
C ASP B 412 -31.97 9.67 20.56
N LYS B 413 -32.78 10.71 20.72
CA LYS B 413 -34.23 10.54 20.79
C LYS B 413 -34.83 10.09 19.46
N GLU B 414 -34.18 10.41 18.34
CA GLU B 414 -34.74 10.05 17.04
C GLU B 414 -34.81 8.53 16.87
N THR B 415 -33.69 7.83 17.12
CA THR B 415 -33.68 6.39 16.98
C THR B 415 -34.58 5.73 18.01
N PHE B 416 -34.61 6.26 19.24
CA PHE B 416 -35.48 5.70 20.26
C PHE B 416 -36.95 5.82 19.86
N ASP B 417 -37.35 6.98 19.34
CA ASP B 417 -38.72 7.17 18.90
C ASP B 417 -39.04 6.27 17.70
N ARG B 418 -38.08 6.09 16.79
CA ARG B 418 -38.29 5.20 15.67
C ARG B 418 -38.48 3.76 16.14
N ILE B 419 -37.70 3.34 17.13
CA ILE B 419 -37.80 1.97 17.63
C ILE B 419 -39.13 1.76 18.36
N LEU B 420 -39.49 2.68 19.25
CA LEU B 420 -40.72 2.53 20.00
C LEU B 420 -41.96 2.68 19.13
N SER B 421 -41.85 3.36 17.99
CA SER B 421 -42.97 3.45 17.07
C SER B 421 -43.32 2.08 16.49
N ARG B 422 -42.30 1.27 16.21
CA ARG B 422 -42.52 -0.09 15.73
C ARG B 422 -43.09 -0.99 16.81
N TYR B 423 -43.00 -0.60 18.07
CA TYR B 423 -43.47 -1.40 19.20
C TYR B 423 -44.40 -0.54 20.05
N PRO B 424 -45.65 -0.38 19.62
CA PRO B 424 -46.60 0.42 20.40
C PRO B 424 -46.85 -0.12 21.80
N GLU B 425 -46.75 -1.44 21.99
CA GLU B 425 -46.98 -2.02 23.31
C GLU B 425 -45.92 -1.57 24.31
N ILE B 426 -44.73 -1.23 23.83
CA ILE B 426 -43.68 -0.74 24.73
C ILE B 426 -43.83 0.76 24.99
N ALA B 427 -44.47 1.50 24.09
CA ALA B 427 -44.65 2.94 24.27
C ALA B 427 -45.65 3.28 25.35
N ALA B 428 -46.39 2.30 25.87
CA ALA B 428 -47.44 2.57 26.86
C ALA B 428 -46.84 2.85 28.24
N GLN B 429 -46.12 1.88 28.79
CA GLN B 429 -45.62 2.01 30.15
C GLN B 429 -44.54 3.09 30.26
N ILE B 430 -43.78 3.33 29.18
CA ILE B 430 -42.75 4.36 29.23
C ILE B 430 -43.37 5.75 29.33
N GLN B 431 -44.58 5.93 28.80
CA GLN B 431 -45.25 7.22 28.84
C GLN B 431 -45.94 7.42 30.19
N THR C 29 8.87 8.90 36.08
CA THR C 29 9.65 9.63 35.09
C THR C 29 11.14 9.30 35.21
N TYR C 30 11.51 8.65 36.30
CA TYR C 30 12.90 8.27 36.56
C TYR C 30 13.24 6.88 36.04
N THR C 31 12.30 6.21 35.36
CA THR C 31 12.59 4.90 34.78
C THR C 31 13.30 5.01 33.44
N LEU C 32 13.29 6.18 32.81
CA LEU C 32 13.97 6.35 31.53
C LEU C 32 15.48 6.21 31.69
N VAL C 33 16.06 6.80 32.73
CA VAL C 33 17.49 6.66 32.96
C VAL C 33 17.83 5.22 33.31
N TRP C 34 16.95 4.51 34.03
CA TRP C 34 17.20 3.11 34.32
C TRP C 34 17.18 2.27 33.05
N LYS C 35 16.23 2.55 32.15
CA LYS C 35 16.19 1.82 30.87
C LYS C 35 17.43 2.13 30.02
N VAL C 36 17.90 3.39 30.06
CA VAL C 36 19.12 3.74 29.35
C VAL C 36 20.31 3.00 29.93
N TRP C 37 20.37 2.88 31.25
CA TRP C 37 21.44 2.13 31.89
C TRP C 37 21.38 0.65 31.53
N ILE C 38 20.17 0.10 31.43
CA ILE C 38 20.01 -1.29 30.98
C ILE C 38 20.52 -1.44 29.55
N LEU C 39 20.19 -0.48 28.69
CA LEU C 39 20.72 -0.47 27.33
C LEU C 39 22.24 -0.48 27.33
N ALA C 40 22.85 0.39 28.13
CA ALA C 40 24.30 0.48 28.17
C ALA C 40 24.91 -0.82 28.69
N VAL C 41 24.32 -1.41 29.73
CA VAL C 41 24.90 -2.61 30.33
C VAL C 41 24.76 -3.80 29.39
N THR C 42 23.63 -3.90 28.67
CA THR C 42 23.45 -5.03 27.76
C THR C 42 24.32 -4.86 26.52
N LEU C 43 24.54 -3.63 26.05
CA LEU C 43 25.49 -3.42 24.97
C LEU C 43 26.91 -3.76 25.42
N TYR C 44 27.26 -3.38 26.66
CA TYR C 44 28.57 -3.72 27.20
C TYR C 44 28.76 -5.23 27.25
N TYR C 45 27.73 -5.95 27.69
CA TYR C 45 27.80 -7.42 27.68
C TYR C 45 27.94 -7.96 26.27
N ALA C 46 27.16 -7.42 25.32
CA ALA C 46 27.22 -7.90 23.95
C ALA C 46 28.60 -7.68 23.32
N ILE C 47 29.30 -6.63 23.73
CA ILE C 47 30.61 -6.35 23.19
C ILE C 47 31.69 -7.10 23.97
N ARG C 48 31.39 -7.44 25.23
CA ARG C 48 32.42 -8.01 26.10
C ARG C 48 32.47 -9.53 26.04
N ILE C 49 31.33 -10.21 26.25
CA ILE C 49 31.36 -11.67 26.40
C ILE C 49 31.94 -12.40 25.19
N PRO C 50 31.69 -11.99 23.93
CA PRO C 50 32.36 -12.70 22.83
C PRO C 50 33.84 -12.36 22.75
N LEU C 51 34.23 -11.12 23.06
CA LEU C 51 35.63 -10.76 23.09
C LEU C 51 36.37 -11.54 24.16
N THR C 52 35.75 -11.70 25.34
CA THR C 52 36.37 -12.48 26.41
C THR C 52 36.39 -13.96 26.07
N LEU C 53 35.39 -14.44 25.33
CA LEU C 53 35.43 -15.80 24.81
C LEU C 53 36.63 -15.98 23.88
N VAL C 54 36.88 -14.99 23.04
CA VAL C 54 38.02 -15.06 22.12
C VAL C 54 39.33 -14.98 22.90
N PHE C 55 39.46 -14.00 23.79
CA PHE C 55 40.69 -13.78 24.53
C PHE C 55 40.48 -14.17 25.98
N PRO C 56 41.02 -15.30 26.44
CA PRO C 56 40.89 -15.67 27.85
C PRO C 56 41.52 -14.67 28.80
N SER C 57 42.49 -13.89 28.34
CA SER C 57 43.14 -12.87 29.18
C SER C 57 42.36 -11.56 29.18
N LEU C 58 41.05 -11.66 29.37
CA LEU C 58 40.20 -10.48 29.45
C LEU C 58 39.19 -10.54 30.59
N PHE C 59 39.05 -11.68 31.27
CA PHE C 59 38.10 -11.78 32.37
C PHE C 59 38.52 -10.90 33.55
N SER C 60 39.77 -11.03 33.97
CA SER C 60 40.22 -10.28 35.15
C SER C 60 40.23 -8.76 34.97
N PRO C 61 40.71 -8.19 33.85
CA PRO C 61 40.72 -6.71 33.77
C PRO C 61 39.35 -6.08 33.86
N LEU C 62 38.31 -6.75 33.38
CA LEU C 62 36.95 -6.23 33.43
C LEU C 62 36.10 -6.94 34.47
N LEU C 63 36.73 -7.55 35.48
CA LEU C 63 35.96 -8.24 36.53
C LEU C 63 35.06 -7.30 37.32
N PRO C 64 35.50 -6.12 37.78
CA PRO C 64 34.56 -5.24 38.49
C PRO C 64 33.36 -4.83 37.65
N LEU C 65 33.59 -4.50 36.37
CA LEU C 65 32.48 -4.17 35.50
C LEU C 65 31.57 -5.38 35.28
N ASP C 66 32.15 -6.58 35.19
CA ASP C 66 31.36 -7.79 35.01
C ASP C 66 30.45 -8.03 36.20
N ILE C 67 30.99 -7.94 37.42
CA ILE C 67 30.16 -8.18 38.59
C ILE C 67 29.14 -7.06 38.77
N LEU C 68 29.50 -5.82 38.43
CA LEU C 68 28.52 -4.74 38.47
C LEU C 68 27.37 -5.00 37.51
N ALA C 69 27.68 -5.46 36.30
CA ALA C 69 26.64 -5.78 35.33
C ALA C 69 25.77 -6.93 35.83
N SER C 70 26.40 -7.95 36.43
CA SER C 70 25.64 -9.08 36.94
C SER C 70 24.67 -8.65 38.03
N LEU C 71 25.15 -7.85 38.98
CA LEU C 71 24.27 -7.39 40.05
C LEU C 71 23.19 -6.45 39.52
N ALA C 72 23.51 -5.65 38.50
CA ALA C 72 22.50 -4.81 37.88
C ALA C 72 21.40 -5.65 37.24
N LEU C 73 21.77 -6.72 36.53
CA LEU C 73 20.78 -7.61 35.94
C LEU C 73 19.93 -8.30 37.02
N ILE C 74 20.58 -8.73 38.11
CA ILE C 74 19.84 -9.38 39.19
C ILE C 74 18.85 -8.41 39.82
N ALA C 75 19.27 -7.16 40.03
CA ALA C 75 18.37 -6.17 40.62
C ALA C 75 17.31 -5.69 39.63
N ASP C 76 17.55 -5.84 38.33
CA ASP C 76 16.58 -5.44 37.33
C ASP C 76 15.53 -6.51 37.05
N ILE C 77 15.88 -7.78 37.25
CA ILE C 77 14.94 -8.87 36.94
C ILE C 77 13.67 -8.82 37.77
N PRO C 78 13.65 -8.27 39.02
CA PRO C 78 12.35 -8.07 39.68
C PRO C 78 11.74 -6.71 39.36
N LEU C 79 12.58 -5.76 38.96
CA LEU C 79 12.12 -4.41 38.68
C LEU C 79 11.25 -4.34 37.44
N ASP C 80 11.33 -5.33 36.55
CA ASP C 80 10.47 -5.33 35.36
C ASP C 80 9.00 -5.48 35.75
N LEU C 81 8.71 -6.25 36.80
CA LEU C 81 7.33 -6.41 37.25
C LEU C 81 6.77 -5.12 37.82
N ALA C 82 7.62 -4.20 38.27
CA ALA C 82 7.18 -2.93 38.82
C ALA C 82 7.14 -1.88 37.71
N PHE C 83 5.99 -1.23 37.57
CA PHE C 83 5.76 -0.21 36.55
C PHE C 83 6.02 -0.77 35.15
N GLU C 84 5.23 -1.78 34.80
CA GLU C 84 5.34 -2.44 33.50
C GLU C 84 4.89 -1.52 32.38
N SER C 99 6.61 -14.99 27.57
CA SER C 99 7.28 -13.84 26.98
C SER C 99 8.44 -13.37 27.85
N ARG C 100 8.36 -13.67 29.14
CA ARG C 100 9.41 -13.30 30.10
C ARG C 100 10.51 -14.35 30.20
N LEU C 101 10.42 -15.42 29.42
CA LEU C 101 11.46 -16.45 29.46
C LEU C 101 12.86 -15.93 29.09
N PRO C 102 13.05 -15.13 28.04
CA PRO C 102 14.40 -14.62 27.77
C PRO C 102 14.99 -13.83 28.92
N ASP C 103 14.17 -13.05 29.62
CA ASP C 103 14.68 -12.28 30.77
C ASP C 103 15.17 -13.22 31.86
N LEU C 104 14.40 -14.28 32.15
CA LEU C 104 14.83 -15.24 33.17
C LEU C 104 16.09 -15.97 32.74
N LEU C 105 16.20 -16.30 31.45
CA LEU C 105 17.39 -16.98 30.96
C LEU C 105 18.62 -16.08 31.07
N ALA C 106 18.47 -14.80 30.76
CA ALA C 106 19.58 -13.87 30.82
C ALA C 106 19.82 -13.32 32.22
N ALA C 107 18.96 -13.65 33.18
CA ALA C 107 19.14 -13.15 34.55
C ALA C 107 20.31 -13.83 35.24
N LEU C 108 20.25 -15.15 35.39
CA LEU C 108 21.29 -15.85 36.13
C LEU C 108 22.60 -15.83 35.36
N PRO C 109 23.74 -15.68 36.04
CA PRO C 109 25.05 -15.48 35.40
C PRO C 109 25.76 -16.77 34.95
N LEU C 110 25.42 -17.23 33.75
CA LEU C 110 26.16 -18.34 33.17
C LEU C 110 27.55 -17.92 32.72
N ASP C 111 27.71 -16.65 32.32
CA ASP C 111 28.99 -16.18 31.81
C ASP C 111 30.08 -16.18 32.88
N LEU C 112 29.71 -15.85 34.12
CA LEU C 112 30.70 -15.81 35.19
C LEU C 112 31.25 -17.20 35.48
N LEU C 113 30.40 -18.22 35.44
CA LEU C 113 30.84 -19.57 35.77
C LEU C 113 31.78 -20.13 34.71
N VAL C 114 31.43 -19.97 33.43
CA VAL C 114 32.23 -20.57 32.37
C VAL C 114 33.58 -19.89 32.25
N PHE C 115 33.63 -18.58 32.44
CA PHE C 115 34.90 -17.86 32.31
C PHE C 115 35.81 -18.14 33.49
N ALA C 116 35.25 -18.22 34.70
CA ALA C 116 36.06 -18.52 35.88
C ALA C 116 36.62 -19.93 35.81
N LEU C 117 35.82 -20.89 35.34
CA LEU C 117 36.26 -22.27 35.25
C LEU C 117 37.07 -22.56 33.99
N HIS C 118 37.16 -21.62 33.06
CA HIS C 118 37.91 -21.79 31.81
C HIS C 118 37.42 -23.03 31.05
N LEU C 119 36.11 -23.15 30.93
CA LEU C 119 35.52 -24.28 30.24
C LEU C 119 35.83 -24.21 28.74
N PRO C 120 35.87 -25.35 28.06
CA PRO C 120 36.11 -25.35 26.61
C PRO C 120 34.99 -24.64 25.87
N SER C 121 35.21 -24.44 24.56
CA SER C 121 34.26 -23.70 23.75
C SER C 121 32.86 -24.31 23.74
N PRO C 122 32.68 -25.61 23.55
CA PRO C 122 31.31 -26.16 23.60
C PRO C 122 30.60 -25.94 24.92
N LEU C 123 31.33 -25.99 26.04
CA LEU C 123 30.74 -25.76 27.35
C LEU C 123 30.71 -24.29 27.75
N SER C 124 31.37 -23.42 26.99
CA SER C 124 31.35 -21.99 27.25
C SER C 124 30.44 -21.24 26.29
N LEU C 125 29.91 -21.90 25.26
CA LEU C 125 28.95 -21.26 24.38
C LEU C 125 27.63 -20.95 25.09
N LEU C 126 27.41 -21.54 26.27
CA LEU C 126 26.23 -21.24 27.06
C LEU C 126 26.27 -19.84 27.67
N SER C 127 27.42 -19.17 27.66
CA SER C 127 27.49 -17.81 28.15
C SER C 127 26.77 -16.83 27.24
N LEU C 128 26.46 -17.24 26.01
CA LEU C 128 25.76 -16.39 25.04
C LEU C 128 24.32 -16.12 25.42
N VAL C 129 23.83 -16.70 26.52
CA VAL C 129 22.45 -16.45 26.95
C VAL C 129 22.25 -15.02 27.43
N ARG C 130 23.34 -14.30 27.68
CA ARG C 130 23.22 -12.90 28.11
C ARG C 130 22.61 -12.04 27.01
N LEU C 131 22.73 -12.45 25.75
CA LEU C 131 22.10 -11.72 24.66
C LEU C 131 20.59 -11.91 24.62
N LEU C 132 20.04 -12.81 25.43
CA LEU C 132 18.58 -12.87 25.55
C LEU C 132 18.03 -11.59 26.18
N LYS C 133 18.88 -10.83 26.87
CA LYS C 133 18.48 -9.51 27.36
C LYS C 133 18.14 -8.57 26.21
N LEU C 134 18.71 -8.81 25.03
CA LEU C 134 18.48 -7.93 23.89
C LEU C 134 17.03 -7.96 23.43
N ILE C 135 16.37 -9.11 23.50
CA ILE C 135 14.98 -9.20 23.07
C ILE C 135 14.09 -8.33 23.96
N SER C 136 14.26 -8.46 25.29
CA SER C 136 13.49 -7.63 26.20
C SER C 136 13.87 -6.16 26.07
N VAL C 137 15.14 -5.86 25.79
CA VAL C 137 15.56 -4.48 25.60
C VAL C 137 14.86 -3.89 24.38
N GLN C 138 14.81 -4.64 23.27
CA GLN C 138 14.13 -4.15 22.07
C GLN C 138 12.64 -3.98 22.32
N ARG C 139 12.04 -4.92 23.06
CA ARG C 139 10.62 -4.79 23.40
C ARG C 139 10.37 -3.52 24.21
N SER C 140 11.20 -3.27 25.21
CA SER C 140 11.05 -2.06 26.03
C SER C 140 11.26 -0.80 25.20
N ALA C 141 12.25 -0.81 24.30
CA ALA C 141 12.50 0.35 23.46
C ALA C 141 11.32 0.64 22.54
N THR C 142 10.74 -0.41 21.95
CA THR C 142 9.55 -0.22 21.12
C THR C 142 8.36 0.22 21.97
N ARG C 143 8.31 -0.18 23.23
CA ARG C 143 7.19 0.20 24.09
C ARG C 143 7.28 1.67 24.52
N ILE C 144 8.48 2.17 24.79
CA ILE C 144 8.62 3.47 25.44
C ILE C 144 8.56 4.63 24.44
N LEU C 145 9.21 4.50 23.28
CA LEU C 145 9.36 5.63 22.37
C LEU C 145 8.72 5.40 21.00
N SER C 146 7.70 4.54 20.93
CA SER C 146 7.00 4.35 19.67
C SER C 146 6.18 5.58 19.30
N TYR C 147 5.65 6.31 20.30
CA TYR C 147 4.81 7.46 20.01
C TYR C 147 5.63 8.66 19.54
N ARG C 148 6.91 8.72 19.86
CA ARG C 148 7.75 9.86 19.52
C ARG C 148 8.57 9.66 18.26
N ILE C 149 8.84 8.41 17.88
CA ILE C 149 9.67 8.09 16.72
C ILE C 149 8.87 7.19 15.79
N ASN C 150 8.99 7.45 14.49
CA ASN C 150 8.34 6.64 13.47
C ASN C 150 8.65 5.16 13.69
N PRO C 151 7.64 4.31 13.87
CA PRO C 151 7.92 2.90 14.17
C PRO C 151 8.74 2.18 13.10
N ALA C 152 8.55 2.53 11.82
CA ALA C 152 9.38 1.93 10.78
C ALA C 152 10.84 2.33 10.96
N LEU C 153 11.09 3.62 11.23
CA LEU C 153 12.46 4.06 11.47
C LEU C 153 13.02 3.45 12.74
N LEU C 154 12.19 3.32 13.78
CA LEU C 154 12.65 2.70 15.02
C LEU C 154 13.05 1.26 14.79
N ARG C 155 12.24 0.51 14.03
CA ARG C 155 12.60 -0.87 13.70
C ARG C 155 13.88 -0.91 12.86
N LEU C 156 14.04 0.04 11.94
CA LEU C 156 15.26 0.08 11.14
C LEU C 156 16.50 0.31 12.01
N LEU C 157 16.42 1.26 12.94
CA LEU C 157 17.56 1.51 13.82
C LEU C 157 17.83 0.34 14.75
N SER C 158 16.77 -0.30 15.26
CA SER C 158 16.95 -1.48 16.09
C SER C 158 17.63 -2.60 15.30
N LEU C 159 17.22 -2.80 14.05
CA LEU C 159 17.84 -3.80 13.21
C LEU C 159 19.29 -3.46 12.92
N VAL C 160 19.59 -2.17 12.71
CA VAL C 160 20.96 -1.76 12.46
C VAL C 160 21.84 -2.01 13.68
N GLY C 161 21.34 -1.69 14.88
CA GLY C 161 22.10 -1.97 16.09
C GLY C 161 22.31 -3.45 16.30
N PHE C 162 21.26 -4.26 16.10
CA PHE C 162 21.40 -5.70 16.22
C PHE C 162 22.36 -6.24 15.18
N ILE C 163 22.40 -5.65 13.99
CA ILE C 163 23.31 -6.08 12.94
C ILE C 163 24.75 -5.76 13.31
N LEU C 164 24.97 -4.59 13.92
CA LEU C 164 26.32 -4.25 14.38
C LEU C 164 26.78 -5.20 15.48
N LEU C 165 25.89 -5.51 16.44
CA LEU C 165 26.24 -6.46 17.49
C LEU C 165 26.51 -7.84 16.91
N ALA C 166 25.70 -8.27 15.95
CA ALA C 166 25.91 -9.56 15.31
C ALA C 166 27.20 -9.57 14.51
N ALA C 167 27.57 -8.44 13.90
CA ALA C 167 28.83 -8.36 13.18
C ALA C 167 30.01 -8.50 14.14
N HIS C 168 29.91 -7.87 15.30
CA HIS C 168 30.95 -8.04 16.31
C HIS C 168 31.04 -9.50 16.76
N GLY C 169 29.89 -10.14 16.99
CA GLY C 169 29.89 -11.54 17.36
C GLY C 169 30.45 -12.44 16.28
N ILE C 170 30.16 -12.13 15.01
CA ILE C 170 30.68 -12.92 13.90
C ILE C 170 32.19 -12.73 13.77
N ALA C 171 32.68 -11.52 14.02
CA ALA C 171 34.13 -11.30 14.05
C ALA C 171 34.77 -12.13 15.15
N CYS C 172 34.12 -12.20 16.32
CA CYS C 172 34.65 -13.03 17.40
C CYS C 172 34.65 -14.51 17.00
N GLY C 173 33.58 -14.98 16.36
CA GLY C 173 33.56 -16.33 15.85
C GLY C 173 34.64 -16.58 14.81
N TRP C 174 34.95 -15.57 14.00
CA TRP C 174 36.03 -15.67 13.04
C TRP C 174 37.37 -15.83 13.76
N MET C 175 37.55 -15.13 14.88
CA MET C 175 38.69 -15.42 15.75
C MET C 175 38.70 -16.88 16.16
N SER C 176 37.53 -17.39 16.59
CA SER C 176 37.47 -18.71 17.18
C SER C 176 37.96 -19.81 16.23
N LEU C 177 37.94 -19.55 14.92
CA LEU C 177 38.40 -20.53 13.95
C LEU C 177 39.68 -20.13 13.23
N GLN C 178 40.10 -18.86 13.33
CA GLN C 178 41.35 -18.45 12.72
C GLN C 178 42.52 -19.16 13.40
N PRO C 179 43.50 -19.63 12.64
CA PRO C 179 44.66 -20.29 13.25
C PRO C 179 45.42 -19.33 14.16
N PRO C 180 45.94 -19.82 15.28
CA PRO C 180 46.71 -18.95 16.18
C PRO C 180 47.93 -18.38 15.48
N SER C 181 48.24 -17.13 15.79
CA SER C 181 49.37 -16.44 15.17
C SER C 181 49.82 -15.32 16.10
N GLU C 182 51.06 -14.86 15.87
CA GLU C 182 51.64 -13.77 16.64
C GLU C 182 51.21 -12.44 16.02
N ASN C 183 49.92 -12.13 16.20
CA ASN C 183 49.32 -10.91 15.69
C ASN C 183 48.67 -10.15 16.83
N PRO C 184 48.76 -8.82 16.84
CA PRO C 184 48.10 -8.05 17.89
C PRO C 184 46.59 -8.25 17.87
N ALA C 185 45.98 -8.17 19.05
CA ALA C 185 44.55 -8.36 19.16
C ALA C 185 43.78 -7.32 18.35
N GLY C 186 44.24 -6.07 18.38
CA GLY C 186 43.57 -5.04 17.61
C GLY C 186 43.60 -5.29 16.13
N THR C 187 44.77 -5.69 15.60
CA THR C 187 44.90 -5.92 14.17
C THR C 187 44.03 -7.10 13.71
N ARG C 188 44.06 -8.20 14.46
CA ARG C 188 43.24 -9.35 14.07
C ARG C 188 41.76 -9.06 14.23
N TYR C 189 41.38 -8.27 15.24
CA TYR C 189 39.97 -7.89 15.36
C TYR C 189 39.55 -7.00 14.20
N LEU C 190 40.44 -6.10 13.78
CA LEU C 190 40.14 -5.27 12.62
C LEU C 190 39.96 -6.12 11.38
N SER C 191 40.82 -7.12 11.18
CA SER C 191 40.69 -8.00 10.03
C SER C 191 39.38 -8.78 10.08
N ALA C 192 39.03 -9.32 11.26
CA ALA C 192 37.81 -10.10 11.39
C ALA C 192 36.57 -9.23 11.17
N PHE C 193 36.57 -8.02 11.73
CA PHE C 193 35.45 -7.11 11.53
C PHE C 193 35.34 -6.69 10.07
N TYR C 194 36.48 -6.48 9.41
CA TYR C 194 36.45 -6.17 7.98
C TYR C 194 35.84 -7.32 7.19
N TRP C 195 36.24 -8.55 7.50
CA TRP C 195 35.69 -9.70 6.78
C TRP C 195 34.19 -9.81 7.01
N THR C 196 33.73 -9.67 8.26
CA THR C 196 32.32 -9.85 8.53
C THR C 196 31.49 -8.72 7.95
N ILE C 197 32.00 -7.50 7.95
CA ILE C 197 31.26 -6.39 7.35
C ILE C 197 31.20 -6.58 5.83
N THR C 198 32.27 -7.09 5.23
CA THR C 198 32.24 -7.40 3.81
C THR C 198 31.21 -8.48 3.51
N THR C 199 31.11 -9.48 4.39
CA THR C 199 30.14 -10.56 4.17
C THR C 199 28.71 -10.07 4.31
N LEU C 200 28.41 -9.36 5.39
CA LEU C 200 27.02 -8.98 5.67
C LEU C 200 26.47 -8.04 4.61
N THR C 201 27.29 -7.10 4.14
CA THR C 201 26.86 -6.15 3.12
C THR C 201 26.88 -6.74 1.71
N THR C 202 27.03 -8.07 1.60
CA THR C 202 27.01 -8.78 0.32
C THR C 202 27.97 -8.14 -0.69
N ILE C 203 29.16 -7.80 -0.22
CA ILE C 203 30.21 -7.21 -1.05
C ILE C 203 31.21 -8.25 -1.52
N GLY C 204 31.76 -9.03 -0.59
CA GLY C 204 32.63 -10.13 -0.94
C GLY C 204 33.88 -9.77 -1.70
N TYR C 205 34.81 -9.06 -1.05
CA TYR C 205 36.07 -8.73 -1.70
C TYR C 205 36.86 -9.99 -2.05
N GLY C 206 36.89 -10.96 -1.14
CA GLY C 206 37.63 -12.19 -1.37
C GLY C 206 39.07 -12.17 -0.91
N ASP C 207 39.57 -11.04 -0.41
CA ASP C 207 40.92 -11.00 0.13
C ASP C 207 41.04 -11.74 1.46
N ILE C 208 39.92 -11.98 2.13
CA ILE C 208 39.88 -12.80 3.34
C ILE C 208 38.89 -13.93 3.07
N THR C 209 39.41 -15.14 2.91
CA THR C 209 38.63 -16.31 2.54
C THR C 209 38.94 -17.46 3.47
N PRO C 210 38.01 -18.40 3.65
CA PRO C 210 38.27 -19.54 4.52
C PRO C 210 39.41 -20.41 4.00
N SER C 211 40.13 -21.02 4.94
CA SER C 211 41.20 -21.95 4.61
C SER C 211 41.00 -23.34 5.20
N THR C 212 40.06 -23.52 6.12
CA THR C 212 39.76 -24.79 6.76
C THR C 212 38.30 -25.14 6.58
N PRO C 213 37.94 -26.43 6.59
CA PRO C 213 36.53 -26.80 6.42
C PRO C 213 35.59 -26.20 7.43
N THR C 214 36.00 -26.11 8.70
CA THR C 214 35.16 -25.46 9.70
C THR C 214 34.99 -23.98 9.40
N GLN C 215 36.07 -23.33 8.94
CA GLN C 215 35.96 -21.95 8.49
C GLN C 215 35.00 -21.82 7.32
N THR C 216 35.00 -22.80 6.41
CA THR C 216 34.11 -22.76 5.27
C THR C 216 32.65 -22.90 5.71
N VAL C 217 32.37 -23.81 6.65
CA VAL C 217 31.01 -23.96 7.16
C VAL C 217 30.55 -22.67 7.85
N TYR C 218 31.43 -22.10 8.67
CA TYR C 218 31.09 -20.86 9.36
C TYR C 218 30.86 -19.73 8.36
N THR C 219 31.65 -19.67 7.30
CA THR C 219 31.47 -18.64 6.29
C THR C 219 30.18 -18.83 5.51
N ILE C 220 29.77 -20.08 5.27
CA ILE C 220 28.47 -20.32 4.63
C ILE C 220 27.34 -19.84 5.53
N VAL C 221 27.43 -20.16 6.83
CA VAL C 221 26.39 -19.73 7.77
C VAL C 221 26.33 -18.22 7.83
N ILE C 222 27.50 -17.57 7.92
CA ILE C 222 27.54 -16.11 7.97
C ILE C 222 27.08 -15.51 6.65
N GLU C 223 27.32 -16.19 5.54
CA GLU C 223 26.84 -15.75 4.24
C GLU C 223 25.32 -15.70 4.22
N LEU C 224 24.69 -16.79 4.66
CA LEU C 224 23.23 -16.83 4.70
C LEU C 224 22.69 -15.78 5.67
N LEU C 225 23.31 -15.64 6.84
CA LEU C 225 22.86 -14.64 7.80
C LEU C 225 22.99 -13.24 7.26
N GLY C 226 24.12 -12.94 6.59
CA GLY C 226 24.32 -11.62 6.03
C GLY C 226 23.35 -11.31 4.91
N ALA C 227 23.06 -12.30 4.06
CA ALA C 227 22.03 -12.11 3.04
C ALA C 227 20.67 -11.83 3.69
N ALA C 228 20.35 -12.57 4.75
CA ALA C 228 19.07 -12.37 5.42
C ALA C 228 18.96 -10.97 6.02
N MET C 229 20.01 -10.52 6.72
CA MET C 229 19.93 -9.20 7.36
C MET C 229 20.06 -8.06 6.35
N TYR C 230 20.78 -8.28 5.24
CA TYR C 230 20.78 -7.26 4.19
C TYR C 230 19.41 -7.14 3.55
N GLY C 231 18.75 -8.27 3.30
CA GLY C 231 17.37 -8.23 2.83
C GLY C 231 16.45 -7.53 3.83
N LEU C 232 16.67 -7.79 5.12
CA LEU C 232 15.88 -7.12 6.15
C LEU C 232 16.10 -5.61 6.13
N VAL C 233 17.37 -5.18 5.98
CA VAL C 233 17.67 -3.76 5.93
C VAL C 233 17.02 -3.12 4.71
N ILE C 234 17.11 -3.78 3.56
CA ILE C 234 16.54 -3.21 2.35
C ILE C 234 15.02 -3.16 2.43
N GLY C 235 14.41 -4.19 3.02
CA GLY C 235 12.97 -4.17 3.19
C GLY C 235 12.50 -3.09 4.15
N ASN C 236 13.23 -2.90 5.26
CA ASN C 236 12.90 -1.84 6.18
C ASN C 236 13.04 -0.47 5.53
N ILE C 237 14.10 -0.29 4.73
CA ILE C 237 14.29 0.98 4.04
C ILE C 237 13.17 1.20 3.02
N ALA C 238 12.78 0.16 2.30
CA ALA C 238 11.69 0.28 1.33
C ALA C 238 10.38 0.64 2.01
N SER C 239 10.08 -0.01 3.14
CA SER C 239 8.86 0.31 3.88
C SER C 239 8.89 1.74 4.40
N LEU C 240 10.05 2.18 4.90
CA LEU C 240 10.16 3.55 5.38
C LEU C 240 9.98 4.56 4.25
N VAL C 241 10.57 4.28 3.09
CA VAL C 241 10.50 5.21 1.97
C VAL C 241 9.09 5.28 1.39
N SER C 242 8.43 4.12 1.26
CA SER C 242 7.10 4.09 0.66
C SER C 242 6.08 4.88 1.47
N LYS C 243 6.34 5.12 2.75
CA LYS C 243 5.45 5.90 3.60
C LYS C 243 6.03 7.25 3.96
N LEU C 244 7.16 7.64 3.36
CA LEU C 244 7.74 8.95 3.64
C LEU C 244 6.83 10.07 3.15
N ASP C 245 6.27 9.92 1.95
CA ASP C 245 5.42 10.95 1.37
C ASP C 245 4.03 10.40 1.08
N ALA C 246 3.43 9.73 2.06
CA ALA C 246 2.11 9.14 1.85
C ALA C 246 1.07 10.20 1.51
N ALA C 247 1.09 11.33 2.24
CA ALA C 247 0.14 12.40 1.96
C ALA C 247 0.39 13.01 0.58
N LYS C 248 1.66 13.25 0.25
CA LYS C 248 1.98 13.85 -1.04
C LYS C 248 1.60 12.93 -2.19
N LEU C 249 1.88 11.63 -2.04
CA LEU C 249 1.50 10.68 -3.07
C LEU C 249 -0.01 10.55 -3.20
N LEU C 250 -0.71 10.58 -2.06
CA LEU C 250 -2.17 10.53 -2.09
C LEU C 250 -2.73 11.74 -2.83
N HIS C 251 -2.21 12.92 -2.55
CA HIS C 251 -2.67 14.11 -3.27
C HIS C 251 -2.30 14.05 -4.75
N ARG C 252 -1.13 13.50 -5.07
CA ARG C 252 -0.72 13.40 -6.46
C ARG C 252 -1.65 12.48 -7.25
N GLU C 253 -1.98 11.32 -6.67
CA GLU C 253 -2.89 10.41 -7.36
C GLU C 253 -4.31 10.98 -7.40
N ARG C 254 -4.70 11.71 -6.35
CA ARG C 254 -5.97 12.43 -6.36
C ARG C 254 -6.07 13.41 -7.51
N VAL C 255 -5.03 14.21 -7.72
CA VAL C 255 -4.99 15.15 -8.84
C VAL C 255 -4.96 14.42 -10.18
N GLU C 256 -4.17 13.34 -10.27
CA GLU C 256 -4.02 12.64 -11.53
C GLU C 256 -5.33 11.99 -11.98
N ARG C 257 -6.03 11.33 -11.05
CA ARG C 257 -7.29 10.70 -11.42
C ARG C 257 -8.33 11.75 -11.82
N VAL C 258 -8.36 12.88 -11.12
CA VAL C 258 -9.33 13.92 -11.43
C VAL C 258 -9.04 14.51 -12.81
N THR C 259 -7.77 14.83 -13.09
CA THR C 259 -7.44 15.43 -14.37
C THR C 259 -7.62 14.43 -15.52
N ALA C 260 -7.35 13.15 -15.28
CA ALA C 260 -7.60 12.15 -16.32
C ALA C 260 -9.09 12.02 -16.62
N PHE C 261 -9.92 11.99 -15.57
CA PHE C 261 -11.36 11.91 -15.79
C PHE C 261 -11.88 13.15 -16.51
N LEU C 262 -11.37 14.32 -16.16
CA LEU C 262 -11.80 15.54 -16.82
C LEU C 262 -11.35 15.57 -18.28
N SER C 263 -10.12 15.15 -18.55
CA SER C 263 -9.64 15.10 -19.94
C SER C 263 -10.44 14.10 -20.77
N TYR C 264 -10.90 13.02 -20.13
CA TYR C 264 -11.78 12.09 -20.84
C TYR C 264 -13.10 12.77 -21.19
N LYS C 265 -13.62 13.60 -20.29
CA LYS C 265 -14.91 14.26 -20.48
C LYS C 265 -14.81 15.53 -21.30
N ARG C 266 -13.67 15.79 -21.94
CA ARG C 266 -13.47 16.96 -22.79
C ARG C 266 -13.72 18.26 -22.02
N ILE C 267 -12.91 18.47 -21.00
CA ILE C 267 -12.98 19.67 -20.17
C ILE C 267 -11.98 20.69 -20.69
N SER C 268 -12.43 21.94 -20.78
CA SER C 268 -11.63 22.99 -21.36
C SER C 268 -10.39 23.25 -20.50
N PRO C 269 -9.30 23.74 -21.10
CA PRO C 269 -8.09 24.01 -20.31
C PRO C 269 -8.30 25.05 -19.23
N GLU C 270 -9.28 25.94 -19.36
CA GLU C 270 -9.53 26.93 -18.31
C GLU C 270 -10.03 26.26 -17.03
N LEU C 271 -11.04 25.41 -17.15
CA LEU C 271 -11.55 24.69 -15.98
C LEU C 271 -10.50 23.74 -15.42
N GLN C 272 -9.74 23.10 -16.30
CA GLN C 272 -8.66 22.22 -15.84
C GLN C 272 -7.63 22.99 -15.05
N ARG C 273 -7.23 24.16 -15.53
CA ARG C 273 -6.27 24.98 -14.81
C ARG C 273 -6.83 25.47 -13.48
N ARG C 274 -8.11 25.84 -13.45
CA ARG C 274 -8.72 26.27 -12.20
C ARG C 274 -8.74 25.14 -11.18
N ILE C 275 -9.06 23.92 -11.62
CA ILE C 275 -9.10 22.78 -10.71
C ILE C 275 -7.70 22.44 -10.24
N ILE C 276 -6.71 22.52 -11.13
CA ILE C 276 -5.32 22.26 -10.74
C ILE C 276 -4.86 23.30 -9.71
N GLU C 277 -5.22 24.56 -9.92
CA GLU C 277 -4.86 25.60 -8.96
C GLU C 277 -5.54 25.37 -7.61
N TYR C 278 -6.80 24.95 -7.63
CA TYR C 278 -7.49 24.64 -6.37
C TYR C 278 -6.81 23.49 -5.65
N PHE C 279 -6.41 22.44 -6.39
CA PHE C 279 -5.74 21.32 -5.76
C PHE C 279 -4.38 21.73 -5.20
N ASP C 280 -3.66 22.59 -5.91
CA ASP C 280 -2.38 23.09 -5.41
C ASP C 280 -2.58 23.90 -4.12
N TYR C 281 -3.61 24.75 -4.09
CA TYR C 281 -3.91 25.50 -2.87
C TYR C 281 -4.28 24.57 -1.73
N LEU C 282 -5.08 23.55 -2.02
CA LEU C 282 -5.47 22.58 -0.99
C LEU C 282 -4.25 21.85 -0.44
N TRP C 283 -3.33 21.44 -1.31
CA TRP C 283 -2.13 20.76 -0.84
C TRP C 283 -1.24 21.71 -0.03
N GLU C 284 -1.15 22.97 -0.43
CA GLU C 284 -0.29 23.90 0.27
C GLU C 284 -0.86 24.35 1.61
N THR C 285 -2.18 24.29 1.78
CA THR C 285 -2.80 24.73 3.03
C THR C 285 -3.16 23.56 3.95
N ARG C 286 -4.00 22.64 3.47
CA ARG C 286 -4.49 21.54 4.29
C ARG C 286 -3.74 20.23 4.03
N ARG C 287 -2.64 20.28 3.27
CA ARG C 287 -1.87 19.08 2.91
C ARG C 287 -2.74 18.07 2.17
N GLY C 288 -3.70 18.55 1.39
CA GLY C 288 -4.56 17.68 0.61
C GLY C 288 -5.64 16.96 1.38
N TYR C 289 -5.84 17.30 2.65
CA TYR C 289 -6.83 16.62 3.48
C TYR C 289 -8.16 17.37 3.40
N GLU C 290 -9.23 16.63 3.08
CA GLU C 290 -10.56 17.20 3.13
C GLU C 290 -11.00 17.41 4.56
N GLU C 291 -11.69 18.54 4.80
CA GLU C 291 -12.10 18.86 6.16
C GLU C 291 -13.12 17.85 6.69
N ARG C 292 -14.06 17.42 5.85
CA ARG C 292 -15.10 16.51 6.31
C ARG C 292 -14.51 15.18 6.75
N GLU C 293 -13.56 14.64 5.99
CA GLU C 293 -12.96 13.36 6.34
C GLU C 293 -12.22 13.44 7.67
N VAL C 294 -11.48 14.52 7.90
CA VAL C 294 -10.75 14.67 9.15
C VAL C 294 -11.71 14.86 10.31
N LEU C 295 -12.75 15.68 10.13
CA LEU C 295 -13.69 15.97 11.21
C LEU C 295 -14.48 14.72 11.60
N LYS C 296 -14.95 13.95 10.62
CA LYS C 296 -15.74 12.78 10.92
C LYS C 296 -14.92 11.67 11.58
N GLU C 297 -13.59 11.74 11.47
CA GLU C 297 -12.75 10.71 12.07
C GLU C 297 -12.54 10.93 13.57
N LEU C 298 -12.90 12.12 14.09
CA LEU C 298 -12.86 12.52 15.49
C LEU C 298 -14.14 12.13 16.20
N PRO C 299 -14.11 11.95 17.52
CA PRO C 299 -15.33 11.65 18.27
C PRO C 299 -16.20 12.89 18.37
N HIS C 300 -17.43 12.69 18.87
CA HIS C 300 -18.38 13.78 18.96
C HIS C 300 -17.91 14.94 19.85
N PRO C 301 -17.42 14.71 21.07
CA PRO C 301 -17.00 15.87 21.89
C PRO C 301 -15.79 16.59 21.34
N LEU C 302 -14.79 15.86 20.84
CA LEU C 302 -13.63 16.51 20.26
C LEU C 302 -13.99 17.27 19.00
N ARG C 303 -14.86 16.70 18.17
CA ARG C 303 -15.34 17.42 16.99
C ARG C 303 -16.11 18.67 17.40
N LEU C 304 -16.89 18.59 18.47
CA LEU C 304 -17.62 19.76 18.95
C LEU C 304 -16.66 20.85 19.42
N ALA C 305 -15.61 20.47 20.14
CA ALA C 305 -14.63 21.45 20.60
C ALA C 305 -13.88 22.06 19.42
N VAL C 306 -13.57 21.24 18.42
CA VAL C 306 -12.90 21.75 17.22
C VAL C 306 -13.78 22.74 16.50
N ALA C 307 -15.07 22.43 16.38
CA ALA C 307 -16.02 23.38 15.77
C ALA C 307 -16.10 24.66 16.59
N MET C 308 -16.17 24.53 17.92
CA MET C 308 -16.08 25.69 18.80
C MET C 308 -14.93 26.59 18.40
N GLU C 309 -13.71 26.07 18.45
CA GLU C 309 -12.54 26.91 18.24
C GLU C 309 -12.47 27.43 16.81
N ILE C 310 -12.86 26.61 15.84
CA ILE C 310 -12.79 27.05 14.45
C ILE C 310 -13.78 28.18 14.18
N HIS C 311 -15.09 27.89 14.32
CA HIS C 311 -16.10 28.92 14.08
C HIS C 311 -17.06 28.95 15.27
N GLY C 312 -16.63 29.61 16.34
CA GLY C 312 -17.57 30.09 17.34
C GLY C 312 -17.58 31.60 17.38
N ASP C 313 -16.43 32.22 17.12
CA ASP C 313 -16.39 33.69 17.08
C ASP C 313 -17.19 34.23 15.91
N VAL C 314 -17.13 33.57 14.75
CA VAL C 314 -17.77 34.09 13.55
C VAL C 314 -19.28 34.04 13.69
N ILE C 315 -19.81 33.09 14.48
CA ILE C 315 -21.24 33.08 14.72
C ILE C 315 -21.58 33.90 15.96
N GLU C 316 -20.57 34.19 16.80
CA GLU C 316 -20.79 35.07 17.93
C GLU C 316 -20.97 36.51 17.47
N LYS C 317 -20.30 36.87 16.36
CA LYS C 317 -20.54 38.18 15.75
C LYS C 317 -21.94 38.26 15.14
N VAL C 318 -22.50 37.13 14.73
CA VAL C 318 -23.75 37.10 13.97
C VAL C 318 -24.88 37.69 14.80
N PRO C 319 -25.54 38.75 14.33
CA PRO C 319 -26.63 39.35 15.14
C PRO C 319 -27.85 38.45 15.29
N LEU C 320 -28.12 37.60 14.30
CA LEU C 320 -29.36 36.83 14.31
C LEU C 320 -29.40 35.83 15.46
N PHE C 321 -28.27 35.23 15.81
CA PHE C 321 -28.24 34.08 16.70
C PHE C 321 -28.13 34.43 18.18
N LYS C 322 -28.11 35.71 18.54
CA LYS C 322 -28.18 36.08 19.95
C LYS C 322 -29.59 35.90 20.50
N GLY C 323 -29.68 35.85 21.83
CA GLY C 323 -30.89 35.40 22.49
C GLY C 323 -31.09 33.90 22.39
N ALA C 324 -30.00 33.16 22.19
CA ALA C 324 -30.04 31.71 22.02
C ALA C 324 -29.02 31.07 22.95
N GLY C 325 -29.36 29.88 23.44
CA GLY C 325 -28.47 29.11 24.30
C GLY C 325 -27.31 28.46 23.56
N GLU C 326 -26.30 28.02 24.30
CA GLU C 326 -25.12 27.40 23.70
C GLU C 326 -25.44 26.08 23.01
N GLU C 327 -26.49 25.39 23.44
CA GLU C 327 -26.87 24.14 22.77
C GLU C 327 -27.27 24.39 21.34
N PHE C 328 -28.05 25.44 21.08
CA PHE C 328 -28.43 25.78 19.72
C PHE C 328 -27.21 26.13 18.87
N ILE C 329 -26.27 26.89 19.46
CA ILE C 329 -25.06 27.27 18.73
C ILE C 329 -24.25 26.04 18.35
N ARG C 330 -24.06 25.13 19.31
CA ARG C 330 -23.30 23.91 19.01
C ARG C 330 -24.02 23.07 17.97
N ASP C 331 -25.36 23.00 18.04
CA ASP C 331 -26.10 22.20 17.08
C ASP C 331 -25.99 22.78 15.67
N ILE C 332 -26.08 24.10 15.53
CA ILE C 332 -26.01 24.67 14.19
C ILE C 332 -24.61 24.57 13.63
N ILE C 333 -23.58 24.80 14.45
CA ILE C 333 -22.21 24.75 13.92
C ILE C 333 -21.74 23.32 13.72
N LEU C 334 -22.38 22.33 14.33
CA LEU C 334 -22.05 20.94 14.02
C LEU C 334 -22.54 20.52 12.63
N HIS C 335 -23.38 21.32 11.99
CA HIS C 335 -23.89 21.02 10.66
C HIS C 335 -23.33 21.95 9.60
N LEU C 336 -22.26 22.68 9.91
CA LEU C 336 -21.64 23.58 8.96
C LEU C 336 -20.78 22.79 7.97
N GLU C 337 -21.18 22.79 6.70
CA GLU C 337 -20.46 22.05 5.68
C GLU C 337 -19.45 22.97 5.02
N PRO C 338 -18.15 22.70 5.15
CA PRO C 338 -17.15 23.60 4.55
C PRO C 338 -17.11 23.45 3.03
N VAL C 339 -16.85 24.58 2.36
CA VAL C 339 -16.68 24.60 0.91
C VAL C 339 -15.58 25.60 0.59
N ILE C 340 -14.76 25.26 -0.41
CA ILE C 340 -13.64 26.09 -0.83
C ILE C 340 -14.00 26.72 -2.17
N TYR C 341 -13.89 28.04 -2.23
CA TYR C 341 -14.20 28.81 -3.44
C TYR C 341 -12.93 29.46 -3.97
N GLY C 342 -12.62 29.19 -5.23
CA GLY C 342 -11.46 29.78 -5.86
C GLY C 342 -11.68 31.21 -6.26
N PRO C 343 -10.60 31.88 -6.65
CA PRO C 343 -10.71 33.28 -7.09
C PRO C 343 -11.58 33.39 -8.33
N GLY C 344 -12.38 34.46 -8.37
CA GLY C 344 -13.26 34.70 -9.50
C GLY C 344 -14.49 33.83 -9.56
N GLU C 345 -14.77 33.06 -8.51
CA GLU C 345 -15.92 32.17 -8.49
C GLU C 345 -17.11 32.85 -7.84
N TYR C 346 -18.30 32.56 -8.36
CA TYR C 346 -19.55 33.14 -7.86
C TYR C 346 -20.10 32.26 -6.74
N ILE C 347 -20.11 32.79 -5.52
CA ILE C 347 -20.69 32.04 -4.41
C ILE C 347 -22.19 31.89 -4.60
N ILE C 348 -22.88 33.00 -4.90
CA ILE C 348 -24.29 32.99 -5.26
C ILE C 348 -24.52 34.04 -6.34
N ARG C 349 -25.75 34.12 -6.83
CA ARG C 349 -26.14 35.10 -7.83
C ARG C 349 -27.35 35.87 -7.34
N ALA C 350 -27.29 37.20 -7.46
CA ALA C 350 -28.41 38.03 -7.06
C ALA C 350 -29.61 37.77 -7.97
N GLY C 351 -30.80 37.82 -7.38
CA GLY C 351 -32.03 37.49 -8.07
C GLY C 351 -32.41 36.03 -8.01
N GLU C 352 -31.47 35.15 -7.67
CA GLU C 352 -31.78 33.74 -7.49
C GLU C 352 -32.38 33.50 -6.11
N MET C 353 -33.04 32.35 -5.97
CA MET C 353 -33.76 32.06 -4.74
C MET C 353 -32.85 32.12 -3.53
N GLY C 354 -31.89 31.20 -3.44
CA GLY C 354 -30.91 31.23 -2.37
C GLY C 354 -31.39 30.58 -1.10
N SER C 355 -30.63 29.61 -0.58
CA SER C 355 -31.00 28.93 0.65
C SER C 355 -29.77 28.62 1.50
N ASP C 356 -28.70 29.41 1.37
CA ASP C 356 -27.43 29.12 2.02
C ASP C 356 -26.92 30.36 2.74
N VAL C 357 -26.19 30.12 3.83
CA VAL C 357 -25.50 31.17 4.57
C VAL C 357 -24.04 30.75 4.72
N TYR C 358 -23.13 31.69 4.46
CA TYR C 358 -21.71 31.40 4.40
C TYR C 358 -20.96 32.20 5.47
N PHE C 359 -20.03 31.52 6.14
CA PHE C 359 -19.19 32.13 7.18
C PHE C 359 -17.74 32.04 6.74
N ILE C 360 -17.13 33.19 6.48
CA ILE C 360 -15.73 33.22 6.06
C ILE C 360 -14.85 32.75 7.21
N ASN C 361 -13.88 31.89 6.90
CA ASN C 361 -13.00 31.31 7.91
C ASN C 361 -11.58 31.83 7.81
N ARG C 362 -10.94 31.69 6.65
CA ARG C 362 -9.55 32.09 6.49
C ARG C 362 -9.25 32.93 5.25
N GLY C 363 -10.14 32.96 4.27
CA GLY C 363 -9.91 33.69 3.04
C GLY C 363 -10.47 35.09 3.08
N SER C 364 -10.35 35.76 1.93
CA SER C 364 -10.88 37.11 1.73
C SER C 364 -11.79 37.10 0.52
N VAL C 365 -12.95 37.76 0.64
CA VAL C 365 -13.98 37.71 -0.38
C VAL C 365 -14.60 39.09 -0.53
N GLU C 366 -15.07 39.39 -1.75
CA GLU C 366 -15.64 40.68 -2.08
C GLU C 366 -17.09 40.50 -2.49
N VAL C 367 -17.90 41.54 -2.26
CA VAL C 367 -19.31 41.55 -2.61
C VAL C 367 -19.56 42.70 -3.57
N LEU C 368 -20.24 42.40 -4.67
CA LEU C 368 -20.58 43.38 -5.69
C LEU C 368 -22.08 43.64 -5.68
N SER C 369 -22.53 44.45 -6.64
CA SER C 369 -23.94 44.77 -6.76
C SER C 369 -24.69 43.61 -7.41
N ALA C 370 -26.00 43.81 -7.62
CA ALA C 370 -26.80 42.78 -8.27
C ALA C 370 -26.32 42.53 -9.70
N ASP C 371 -26.02 43.59 -10.43
CA ASP C 371 -25.49 43.48 -11.78
C ASP C 371 -23.97 43.51 -11.83
N GLU C 372 -23.31 43.68 -10.69
CA GLU C 372 -21.85 43.58 -10.55
C GLU C 372 -21.13 44.69 -11.34
N LYS C 373 -21.50 45.94 -11.03
CA LYS C 373 -20.76 47.12 -11.45
C LYS C 373 -19.99 47.78 -10.32
N THR C 374 -20.58 47.87 -9.13
CA THR C 374 -19.97 48.54 -8.00
C THR C 374 -19.71 47.56 -6.86
N ARG C 375 -18.67 47.85 -6.09
CA ARG C 375 -18.28 47.00 -4.96
C ARG C 375 -18.99 47.49 -3.70
N TYR C 376 -19.86 46.65 -3.15
CA TYR C 376 -20.60 47.03 -1.95
C TYR C 376 -19.67 47.16 -0.75
N ALA C 377 -18.85 46.15 -0.49
CA ALA C 377 -17.97 46.14 0.67
C ALA C 377 -16.95 45.01 0.48
N ILE C 378 -16.11 44.83 1.49
CA ILE C 378 -15.10 43.77 1.52
C ILE C 378 -15.28 42.97 2.80
N LEU C 379 -15.39 41.65 2.67
CA LEU C 379 -15.56 40.76 3.80
C LEU C 379 -14.32 39.91 3.98
N SER C 380 -13.88 39.76 5.23
CA SER C 380 -12.66 39.02 5.53
C SER C 380 -12.93 37.92 6.56
N GLU C 381 -11.86 37.33 7.10
CA GLU C 381 -12.02 36.28 8.10
C GLU C 381 -12.78 36.79 9.31
N GLY C 382 -13.68 35.97 9.82
CA GLY C 382 -14.53 36.34 10.93
C GLY C 382 -15.84 36.99 10.53
N GLN C 383 -16.03 37.30 9.25
CA GLN C 383 -17.26 37.89 8.76
C GLN C 383 -18.14 36.83 8.11
N PHE C 384 -19.37 37.22 7.79
CA PHE C 384 -20.34 36.31 7.21
C PHE C 384 -21.30 37.10 6.33
N PHE C 385 -21.95 36.39 5.41
CA PHE C 385 -22.98 36.97 4.54
C PHE C 385 -24.07 35.93 4.33
N GLY C 386 -25.10 36.32 3.59
CA GLY C 386 -26.24 35.46 3.37
C GLY C 386 -27.19 35.36 4.53
N GLU C 387 -27.14 36.30 5.47
CA GLU C 387 -28.00 36.23 6.65
C GLU C 387 -29.46 36.47 6.30
N MET C 388 -29.73 37.14 5.18
CA MET C 388 -31.11 37.46 4.82
C MET C 388 -31.90 36.20 4.46
N ALA C 389 -31.22 35.16 3.99
CA ALA C 389 -31.90 33.94 3.59
C ALA C 389 -32.50 33.19 4.78
N LEU C 390 -31.97 33.38 5.98
CA LEU C 390 -32.46 32.66 7.15
C LEU C 390 -33.81 33.21 7.61
N ILE C 391 -34.01 34.52 7.53
CA ILE C 391 -35.21 35.14 8.05
C ILE C 391 -36.31 35.30 7.00
N LEU C 392 -35.98 35.24 5.72
CA LEU C 392 -36.96 35.47 4.66
C LEU C 392 -36.58 34.68 3.43
N ARG C 393 -37.61 34.17 2.74
CA ARG C 393 -37.43 33.39 1.52
C ARG C 393 -37.70 34.29 0.32
N ALA C 394 -36.72 35.10 -0.02
CA ALA C 394 -36.79 36.05 -1.13
C ALA C 394 -35.50 35.97 -1.93
N PRO C 395 -35.52 36.40 -3.20
CA PRO C 395 -34.29 36.41 -3.99
C PRO C 395 -33.22 37.28 -3.35
N ARG C 396 -31.96 36.86 -3.51
CA ARG C 396 -30.84 37.56 -2.91
C ARG C 396 -30.67 38.94 -3.53
N THR C 397 -30.12 39.86 -2.74
CA THR C 397 -29.99 41.25 -3.17
C THR C 397 -28.73 41.50 -3.98
N ALA C 398 -27.61 40.88 -3.62
CA ALA C 398 -26.34 41.17 -4.26
C ALA C 398 -25.55 39.89 -4.46
N THR C 399 -24.65 39.91 -5.45
CA THR C 399 -23.74 38.81 -5.70
C THR C 399 -22.47 38.97 -4.88
N VAL C 400 -21.84 37.85 -4.55
CA VAL C 400 -20.58 37.84 -3.82
C VAL C 400 -19.61 36.91 -4.55
N ARG C 401 -18.41 37.40 -4.83
CA ARG C 401 -17.40 36.64 -5.56
C ARG C 401 -16.10 36.63 -4.77
N ALA C 402 -15.39 35.50 -4.82
CA ALA C 402 -14.15 35.37 -4.08
C ALA C 402 -13.04 36.16 -4.74
N ARG C 403 -12.29 36.93 -3.95
CA ARG C 403 -11.12 37.64 -4.46
C ARG C 403 -9.97 36.67 -4.69
N ALA C 404 -9.54 35.98 -3.64
CA ALA C 404 -8.52 34.95 -3.70
C ALA C 404 -9.15 33.63 -3.23
N PHE C 405 -8.31 32.63 -3.04
CA PHE C 405 -8.77 31.33 -2.54
C PHE C 405 -9.30 31.49 -1.13
N CYS C 406 -10.62 31.44 -0.96
CA CYS C 406 -11.26 31.62 0.33
C CYS C 406 -12.02 30.35 0.71
N ASP C 407 -11.94 30.00 1.98
CA ASP C 407 -12.66 28.86 2.54
C ASP C 407 -13.75 29.37 3.48
N LEU C 408 -14.98 28.92 3.25
CA LEU C 408 -16.11 29.36 4.06
C LEU C 408 -17.05 28.20 4.28
N TYR C 409 -17.85 28.28 5.34
CA TYR C 409 -18.75 27.22 5.75
C TYR C 409 -20.17 27.56 5.31
N ARG C 410 -20.79 26.64 4.57
CA ARG C 410 -22.11 26.84 4.01
C ARG C 410 -23.13 26.05 4.83
N LEU C 411 -24.22 26.71 5.21
CA LEU C 411 -25.30 26.09 5.97
C LEU C 411 -26.59 26.25 5.16
N ASP C 412 -27.11 25.14 4.64
CA ASP C 412 -28.33 25.18 3.86
C ASP C 412 -29.55 25.34 4.77
N LYS C 413 -30.68 25.69 4.15
CA LYS C 413 -31.90 25.93 4.91
C LYS C 413 -32.47 24.67 5.54
N GLU C 414 -32.18 23.49 4.98
CA GLU C 414 -32.75 22.25 5.51
C GLU C 414 -32.21 21.97 6.91
N THR C 415 -30.89 22.01 7.09
CA THR C 415 -30.31 21.75 8.40
C THR C 415 -30.68 22.84 9.40
N PHE C 416 -30.75 24.10 8.94
CA PHE C 416 -31.15 25.18 9.83
C PHE C 416 -32.58 24.99 10.32
N ASP C 417 -33.50 24.63 9.41
CA ASP C 417 -34.87 24.38 9.80
C ASP C 417 -34.98 23.18 10.73
N ARG C 418 -34.18 22.13 10.47
CA ARG C 418 -34.18 20.98 11.36
C ARG C 418 -33.70 21.35 12.75
N ILE C 419 -32.67 22.20 12.84
CA ILE C 419 -32.13 22.59 14.14
C ILE C 419 -33.13 23.46 14.89
N LEU C 420 -33.69 24.47 14.21
CA LEU C 420 -34.62 25.37 14.88
C LEU C 420 -35.94 24.68 15.23
N SER C 421 -36.29 23.60 14.54
CA SER C 421 -37.48 22.85 14.91
C SER C 421 -37.32 22.21 16.29
N ARG C 422 -36.12 21.73 16.59
CA ARG C 422 -35.85 21.18 17.92
C ARG C 422 -35.83 22.24 19.00
N TYR C 423 -35.70 23.52 18.62
CA TYR C 423 -35.63 24.62 19.57
C TYR C 423 -36.69 25.66 19.19
N PRO C 424 -37.95 25.41 19.56
CA PRO C 424 -39.01 26.38 19.22
C PRO C 424 -38.79 27.75 19.85
N GLU C 425 -38.15 27.81 21.02
CA GLU C 425 -37.91 29.10 21.66
C GLU C 425 -36.98 29.98 20.84
N ILE C 426 -36.12 29.39 20.01
CA ILE C 426 -35.24 30.17 19.15
C ILE C 426 -35.94 30.57 17.86
N ALA C 427 -36.95 29.82 17.43
CA ALA C 427 -37.67 30.14 16.20
C ALA C 427 -38.56 31.37 16.32
N ALA C 428 -38.73 31.91 17.54
CA ALA C 428 -39.63 33.04 17.72
C ALA C 428 -39.00 34.35 17.26
N GLN C 429 -37.86 34.72 17.86
CA GLN C 429 -37.25 36.00 17.55
C GLN C 429 -36.71 36.06 16.13
N ILE C 430 -36.29 34.92 15.58
CA ILE C 430 -35.77 34.90 14.21
C ILE C 430 -36.87 35.19 13.21
N GLN C 431 -38.11 34.84 13.54
CA GLN C 431 -39.24 35.09 12.63
C GLN C 431 -39.73 36.53 12.76
N THR D 29 9.98 35.15 -11.09
CA THR D 29 10.24 34.12 -12.10
C THR D 29 11.72 34.01 -12.41
N TYR D 30 12.49 35.00 -11.95
CA TYR D 30 13.93 35.02 -12.17
C TYR D 30 14.72 34.35 -11.05
N THR D 31 14.04 33.76 -10.07
CA THR D 31 14.74 33.05 -9.02
C THR D 31 15.13 31.64 -9.42
N LEU D 32 14.55 31.11 -10.50
CA LEU D 32 14.89 29.77 -10.96
C LEU D 32 16.34 29.71 -11.44
N VAL D 33 16.77 30.72 -12.20
CA VAL D 33 18.16 30.73 -12.66
C VAL D 33 19.11 30.91 -11.49
N TRP D 34 18.71 31.69 -10.47
CA TRP D 34 19.55 31.83 -9.28
C TRP D 34 19.67 30.51 -8.54
N LYS D 35 18.57 29.76 -8.42
CA LYS D 35 18.63 28.46 -7.77
C LYS D 35 19.49 27.48 -8.58
N VAL D 36 19.41 27.55 -9.91
CA VAL D 36 20.25 26.71 -10.75
C VAL D 36 21.72 27.07 -10.56
N TRP D 37 22.02 28.36 -10.45
CA TRP D 37 23.40 28.79 -10.20
C TRP D 37 23.88 28.31 -8.83
N ILE D 38 23.00 28.33 -7.83
CA ILE D 38 23.36 27.81 -6.51
C ILE D 38 23.65 26.31 -6.60
N LEU D 39 22.82 25.58 -7.36
CA LEU D 39 23.09 24.17 -7.61
C LEU D 39 24.47 23.96 -8.23
N ALA D 40 24.78 24.75 -9.26
CA ALA D 40 26.06 24.60 -9.94
C ALA D 40 27.22 24.91 -9.00
N VAL D 41 27.09 25.98 -8.20
CA VAL D 41 28.19 26.39 -7.34
C VAL D 41 28.39 25.39 -6.20
N THR D 42 27.31 24.82 -5.66
CA THR D 42 27.46 23.86 -4.59
C THR D 42 27.98 22.52 -5.11
N LEU D 43 27.62 22.14 -6.34
CA LEU D 43 28.22 20.96 -6.94
C LEU D 43 29.71 21.19 -7.21
N TYR D 44 30.06 22.39 -7.67
CA TYR D 44 31.46 22.72 -7.89
C TYR D 44 32.25 22.63 -6.60
N TYR D 45 31.68 23.14 -5.50
CA TYR D 45 32.34 23.00 -4.21
C TYR D 45 32.46 21.54 -3.79
N ALA D 46 31.40 20.76 -3.98
CA ALA D 46 31.43 19.36 -3.59
C ALA D 46 32.48 18.57 -4.37
N ILE D 47 32.75 18.97 -5.61
CA ILE D 47 33.75 18.27 -6.42
C ILE D 47 35.13 18.84 -6.16
N ARG D 48 35.21 20.10 -5.70
CA ARG D 48 36.49 20.77 -5.60
C ARG D 48 37.15 20.59 -4.23
N ILE D 49 36.43 20.89 -3.14
CA ILE D 49 37.07 20.92 -1.82
C ILE D 49 37.70 19.59 -1.43
N PRO D 50 37.11 18.41 -1.71
CA PRO D 50 37.84 17.18 -1.37
C PRO D 50 39.02 16.93 -2.29
N LEU D 51 38.90 17.28 -3.57
CA LEU D 51 40.04 17.15 -4.48
C LEU D 51 41.19 18.05 -4.06
N THR D 52 40.88 19.29 -3.63
CA THR D 52 41.92 20.19 -3.16
C THR D 52 42.48 19.74 -1.82
N LEU D 53 41.65 19.09 -0.98
CA LEU D 53 42.18 18.47 0.22
C LEU D 53 43.17 17.38 -0.11
N VAL D 54 42.87 16.59 -1.14
CA VAL D 54 43.78 15.53 -1.57
C VAL D 54 45.05 16.12 -2.16
N PHE D 55 44.91 17.06 -3.10
CA PHE D 55 46.05 17.66 -3.79
C PHE D 55 46.24 19.09 -3.32
N PRO D 56 47.25 19.37 -2.50
CA PRO D 56 47.49 20.76 -2.09
C PRO D 56 47.81 21.69 -3.24
N SER D 57 48.30 21.17 -4.37
CA SER D 57 48.60 21.99 -5.54
C SER D 57 47.37 22.20 -6.41
N LEU D 58 46.25 22.55 -5.78
CA LEU D 58 45.02 22.85 -6.51
C LEU D 58 44.32 24.10 -6.01
N PHE D 59 44.75 24.71 -4.91
CA PHE D 59 44.11 25.91 -4.40
C PHE D 59 44.31 27.09 -5.35
N SER D 60 45.57 27.34 -5.74
CA SER D 60 45.85 28.49 -6.59
C SER D 60 45.21 28.43 -7.97
N PRO D 61 45.23 27.31 -8.72
CA PRO D 61 44.64 27.34 -10.07
C PRO D 61 43.16 27.67 -10.07
N LEU D 62 42.42 27.28 -9.04
CA LEU D 62 40.99 27.56 -8.95
C LEU D 62 40.67 28.65 -7.94
N LEU D 63 41.64 29.51 -7.62
CA LEU D 63 41.40 30.59 -6.67
C LEU D 63 40.32 31.56 -7.13
N PRO D 64 40.32 32.07 -8.37
CA PRO D 64 39.22 32.95 -8.77
C PRO D 64 37.85 32.31 -8.67
N LEU D 65 37.72 31.05 -9.08
CA LEU D 65 36.45 30.36 -8.94
C LEU D 65 36.09 30.17 -7.48
N ASP D 66 37.09 29.90 -6.63
CA ASP D 66 36.84 29.74 -5.20
C ASP D 66 36.30 31.02 -4.58
N ILE D 67 36.94 32.15 -4.87
CA ILE D 67 36.47 33.41 -4.28
C ILE D 67 35.12 33.81 -4.87
N LEU D 68 34.88 33.52 -6.16
CA LEU D 68 33.57 33.79 -6.74
C LEU D 68 32.50 32.96 -6.04
N ALA D 69 32.77 31.68 -5.78
CA ALA D 69 31.82 30.85 -5.07
C ALA D 69 31.58 31.35 -3.66
N SER D 70 32.65 31.79 -2.98
CA SER D 70 32.51 32.30 -1.62
C SER D 70 31.63 33.54 -1.60
N LEU D 71 31.88 34.49 -2.51
CA LEU D 71 31.06 35.70 -2.53
C LEU D 71 29.63 35.39 -2.96
N ALA D 72 29.44 34.41 -3.84
CA ALA D 72 28.08 34.00 -4.20
C ALA D 72 27.34 33.45 -2.99
N LEU D 73 28.00 32.61 -2.18
CA LEU D 73 27.37 32.09 -0.98
C LEU D 73 27.06 33.21 0.01
N ILE D 74 27.99 34.17 0.17
CA ILE D 74 27.75 35.28 1.08
C ILE D 74 26.56 36.11 0.63
N ALA D 75 26.47 36.37 -0.68
CA ALA D 75 25.34 37.15 -1.21
C ALA D 75 24.05 36.36 -1.23
N ASP D 76 24.12 35.03 -1.20
CA ASP D 76 22.92 34.20 -1.19
C ASP D 76 22.37 33.97 0.21
N ILE D 77 23.23 34.03 1.24
CA ILE D 77 22.78 33.75 2.60
C ILE D 77 21.73 34.75 3.10
N PRO D 78 21.69 36.03 2.63
CA PRO D 78 20.54 36.86 3.00
C PRO D 78 19.39 36.74 2.00
N LEU D 79 19.71 36.31 0.78
CA LEU D 79 18.70 36.21 -0.26
C LEU D 79 17.69 35.10 0.00
N ASP D 80 18.02 34.14 0.85
CA ASP D 80 17.07 33.09 1.20
C ASP D 80 15.87 33.64 1.94
N LEU D 81 16.08 34.65 2.79
CA LEU D 81 14.98 35.28 3.50
C LEU D 81 14.03 36.03 2.57
N ALA D 82 14.50 36.43 1.39
CA ALA D 82 13.67 37.13 0.43
C ALA D 82 13.03 36.13 -0.52
N PHE D 83 11.71 36.20 -0.66
CA PHE D 83 10.94 35.29 -1.51
C PHE D 83 11.18 33.83 -1.12
N GLU D 84 10.82 33.51 0.12
CA GLU D 84 10.99 32.16 0.64
C GLU D 84 10.04 31.19 -0.03
N SER D 99 16.30 25.12 11.44
CA SER D 99 16.34 24.54 10.11
C SER D 99 17.33 25.28 9.21
N ARG D 100 17.59 26.55 9.54
CA ARG D 100 18.52 27.37 8.79
C ARG D 100 19.96 27.24 9.29
N LEU D 101 20.20 26.40 10.29
CA LEU D 101 21.56 26.22 10.80
C LEU D 101 22.55 25.71 9.76
N PRO D 102 22.23 24.71 8.92
CA PRO D 102 23.21 24.30 7.89
C PRO D 102 23.59 25.42 6.94
N ASP D 103 22.64 26.29 6.58
CA ASP D 103 22.96 27.42 5.71
C ASP D 103 23.95 28.36 6.37
N LEU D 104 23.74 28.66 7.66
CA LEU D 104 24.67 29.53 8.38
C LEU D 104 26.04 28.87 8.51
N LEU D 105 26.07 27.57 8.75
CA LEU D 105 27.35 26.87 8.86
C LEU D 105 28.11 26.88 7.54
N ALA D 106 27.40 26.69 6.42
CA ALA D 106 28.03 26.69 5.11
C ALA D 106 28.24 28.09 4.54
N ALA D 107 27.76 29.12 5.23
CA ALA D 107 27.92 30.48 4.72
C ALA D 107 29.37 30.96 4.86
N LEU D 108 29.86 31.01 6.10
CA LEU D 108 31.20 31.54 6.32
C LEU D 108 32.26 30.60 5.75
N PRO D 109 33.32 31.15 5.16
CA PRO D 109 34.33 30.34 4.42
C PRO D 109 35.41 29.70 5.29
N LEU D 110 35.11 28.52 5.83
CA LEU D 110 36.14 27.76 6.53
C LEU D 110 37.15 27.17 5.55
N ASP D 111 36.72 26.86 4.32
CA ASP D 111 37.60 26.21 3.36
C ASP D 111 38.75 27.13 2.94
N LEU D 112 38.47 28.42 2.80
CA LEU D 112 39.52 29.36 2.38
C LEU D 112 40.63 29.45 3.42
N LEU D 113 40.26 29.45 4.71
CA LEU D 113 41.27 29.61 5.75
C LEU D 113 42.17 28.39 5.86
N VAL D 114 41.60 27.19 5.83
CA VAL D 114 42.39 25.98 6.04
C VAL D 114 43.32 25.73 4.85
N PHE D 115 42.85 26.03 3.63
CA PHE D 115 43.69 25.78 2.46
C PHE D 115 44.81 26.81 2.36
N ALA D 116 44.52 28.07 2.69
CA ALA D 116 45.55 29.10 2.65
C ALA D 116 46.62 28.85 3.70
N LEU D 117 46.21 28.40 4.89
CA LEU D 117 47.16 28.15 5.97
C LEU D 117 47.81 26.78 5.88
N HIS D 118 47.36 25.92 4.96
CA HIS D 118 47.90 24.57 4.78
C HIS D 118 47.86 23.79 6.09
N LEU D 119 46.70 23.84 6.75
CA LEU D 119 46.53 23.14 8.01
C LEU D 119 46.54 21.63 7.79
N PRO D 120 46.94 20.86 8.80
CA PRO D 120 46.93 19.39 8.67
C PRO D 120 45.52 18.87 8.48
N SER D 121 45.44 17.57 8.18
CA SER D 121 44.14 16.95 7.88
C SER D 121 43.13 17.07 9.02
N PRO D 122 43.47 16.81 10.29
CA PRO D 122 42.46 16.99 11.34
C PRO D 122 41.95 18.42 11.45
N LEU D 123 42.79 19.41 11.22
CA LEU D 123 42.38 20.81 11.28
C LEU D 123 41.81 21.33 9.96
N SER D 124 41.94 20.56 8.88
CA SER D 124 41.37 20.93 7.60
C SER D 124 40.10 20.17 7.27
N LEU D 125 39.74 19.15 8.06
CA LEU D 125 38.47 18.47 7.87
C LEU D 125 37.28 19.38 8.14
N LEU D 126 37.50 20.53 8.79
CA LEU D 126 36.43 21.48 9.02
C LEU D 126 36.00 22.19 7.74
N SER D 127 36.76 22.09 6.66
CA SER D 127 36.35 22.67 5.40
C SER D 127 35.16 21.94 4.79
N LEU D 128 34.85 20.73 5.27
CA LEU D 128 33.74 19.94 4.77
C LEU D 128 32.38 20.54 5.12
N VAL D 129 32.33 21.65 5.87
CA VAL D 129 31.06 22.27 6.22
C VAL D 129 30.38 22.87 5.01
N ARG D 130 31.11 23.05 3.90
CA ARG D 130 30.51 23.60 2.69
C ARG D 130 29.43 22.67 2.13
N LEU D 131 29.52 21.37 2.44
CA LEU D 131 28.48 20.44 2.02
C LEU D 131 27.19 20.57 2.81
N LEU D 132 27.18 21.38 3.87
CA LEU D 132 25.91 21.70 4.52
C LEU D 132 24.99 22.50 3.61
N LYS D 133 25.55 23.13 2.56
CA LYS D 133 24.74 23.77 1.54
C LYS D 133 23.87 22.75 0.81
N LEU D 134 24.30 21.49 0.77
CA LEU D 134 23.56 20.46 0.04
C LEU D 134 22.19 20.20 0.66
N ILE D 135 22.08 20.27 1.99
CA ILE D 135 20.79 20.03 2.63
C ILE D 135 19.78 21.09 2.23
N SER D 136 20.18 22.37 2.29
CA SER D 136 19.30 23.44 1.87
C SER D 136 19.02 23.39 0.38
N VAL D 137 20.00 22.96 -0.42
CA VAL D 137 19.79 22.82 -1.86
C VAL D 137 18.74 21.76 -2.14
N GLN D 138 18.83 20.61 -1.45
CA GLN D 138 17.84 19.56 -1.64
C GLN D 138 16.46 20.01 -1.17
N ARG D 139 16.41 20.75 -0.05
CA ARG D 139 15.13 21.28 0.42
C ARG D 139 14.52 22.22 -0.61
N SER D 140 15.32 23.12 -1.18
CA SER D 140 14.81 24.05 -2.19
C SER D 140 14.37 23.30 -3.44
N ALA D 141 15.12 22.28 -3.85
CA ALA D 141 14.76 21.51 -5.04
C ALA D 141 13.43 20.78 -4.83
N THR D 142 13.24 20.19 -3.65
CA THR D 142 11.96 19.55 -3.34
C THR D 142 10.84 20.58 -3.24
N ARG D 143 11.15 21.80 -2.83
CA ARG D 143 10.13 22.83 -2.71
C ARG D 143 9.68 23.36 -4.06
N ILE D 144 10.60 23.51 -5.01
CA ILE D 144 10.30 24.23 -6.24
C ILE D 144 9.62 23.34 -7.28
N LEU D 145 10.08 22.10 -7.46
CA LEU D 145 9.61 21.28 -8.57
C LEU D 145 8.92 20.00 -8.12
N SER D 146 8.34 19.99 -6.91
CA SER D 146 7.57 18.83 -6.47
C SER D 146 6.29 18.67 -7.27
N TYR D 147 5.68 19.78 -7.68
CA TYR D 147 4.41 19.70 -8.41
C TYR D 147 4.58 19.22 -9.83
N ARG D 148 5.77 19.38 -10.42
CA ARG D 148 6.00 19.02 -11.81
C ARG D 148 6.63 17.65 -11.98
N ILE D 149 7.32 17.13 -10.96
CA ILE D 149 8.02 15.86 -11.04
C ILE D 149 7.52 14.97 -9.91
N ASN D 150 7.33 13.69 -10.21
CA ASN D 150 6.90 12.70 -9.23
C ASN D 150 7.82 12.76 -8.01
N PRO D 151 7.28 13.01 -6.81
CA PRO D 151 8.15 13.15 -5.64
C PRO D 151 9.01 11.93 -5.34
N ALA D 152 8.50 10.73 -5.60
CA ALA D 152 9.33 9.53 -5.43
C ALA D 152 10.52 9.55 -6.38
N LEU D 153 10.26 9.88 -7.65
CA LEU D 153 11.35 9.97 -8.62
C LEU D 153 12.30 11.10 -8.28
N LEU D 154 11.77 12.23 -7.79
CA LEU D 154 12.62 13.35 -7.39
C LEU D 154 13.54 12.94 -6.25
N ARG D 155 12.99 12.23 -5.26
CA ARG D 155 13.82 11.75 -4.15
C ARG D 155 14.85 10.76 -4.65
N LEU D 156 14.48 9.90 -5.60
CA LEU D 156 15.44 8.95 -6.15
C LEU D 156 16.59 9.65 -6.86
N LEU D 157 16.29 10.67 -7.68
CA LEU D 157 17.35 11.40 -8.37
C LEU D 157 18.20 12.20 -7.38
N SER D 158 17.58 12.78 -6.35
CA SER D 158 18.37 13.48 -5.34
C SER D 158 19.30 12.53 -4.62
N LEU D 159 18.82 11.33 -4.28
CA LEU D 159 19.66 10.33 -3.64
C LEU D 159 20.78 9.88 -4.56
N VAL D 160 20.49 9.74 -5.86
CA VAL D 160 21.52 9.35 -6.82
C VAL D 160 22.61 10.41 -6.92
N GLY D 161 22.21 11.68 -6.99
CA GLY D 161 23.20 12.75 -7.02
C GLY D 161 24.02 12.83 -5.75
N PHE D 162 23.37 12.70 -4.60
CA PHE D 162 24.10 12.68 -3.33
C PHE D 162 25.03 11.48 -3.26
N ILE D 163 24.62 10.35 -3.84
CA ILE D 163 25.47 9.15 -3.83
C ILE D 163 26.69 9.36 -4.72
N LEU D 164 26.52 10.02 -5.86
CA LEU D 164 27.65 10.32 -6.72
C LEU D 164 28.63 11.27 -6.02
N LEU D 165 28.10 12.31 -5.37
CA LEU D 165 28.97 13.22 -4.63
C LEU D 165 29.68 12.51 -3.48
N ALA D 166 28.97 11.63 -2.77
CA ALA D 166 29.58 10.86 -1.70
C ALA D 166 30.63 9.90 -2.24
N ALA D 167 30.40 9.33 -3.42
CA ALA D 167 31.40 8.47 -4.03
C ALA D 167 32.67 9.25 -4.38
N HIS D 168 32.50 10.46 -4.90
CA HIS D 168 33.67 11.31 -5.14
C HIS D 168 34.41 11.61 -3.84
N GLY D 169 33.67 11.94 -2.79
CA GLY D 169 34.29 12.20 -1.51
C GLY D 169 35.00 10.98 -0.94
N ILE D 170 34.41 9.79 -1.13
CA ILE D 170 35.03 8.57 -0.63
C ILE D 170 36.29 8.25 -1.44
N ALA D 171 36.27 8.53 -2.73
CA ALA D 171 37.50 8.37 -3.52
C ALA D 171 38.59 9.32 -3.02
N CYS D 172 38.21 10.55 -2.67
CA CYS D 172 39.19 11.47 -2.10
C CYS D 172 39.73 10.97 -0.77
N GLY D 173 38.85 10.45 0.09
CA GLY D 173 39.31 9.83 1.32
C GLY D 173 40.22 8.64 1.08
N TRP D 174 39.95 7.88 0.02
CA TRP D 174 40.83 6.78 -0.36
C TRP D 174 42.21 7.30 -0.74
N MET D 175 42.26 8.43 -1.44
CA MET D 175 43.55 9.12 -1.64
C MET D 175 44.20 9.41 -0.30
N SER D 176 43.44 9.95 0.65
CA SER D 176 44.01 10.43 1.90
C SER D 176 44.74 9.34 2.67
N LEU D 177 44.42 8.07 2.43
CA LEU D 177 45.07 6.97 3.11
C LEU D 177 45.95 6.12 2.20
N GLN D 178 45.82 6.25 0.88
CA GLN D 178 46.70 5.52 -0.02
C GLN D 178 48.14 5.99 0.16
N PRO D 179 49.11 5.07 0.17
CA PRO D 179 50.51 5.46 0.30
C PRO D 179 50.94 6.33 -0.87
N PRO D 180 51.79 7.33 -0.62
CA PRO D 180 52.26 8.18 -1.72
C PRO D 180 53.02 7.38 -2.76
N SER D 181 52.84 7.74 -4.02
CA SER D 181 53.49 7.03 -5.12
C SER D 181 53.59 7.98 -6.31
N GLU D 182 54.47 7.62 -7.24
CA GLU D 182 54.68 8.40 -8.47
C GLU D 182 53.65 7.95 -9.51
N ASN D 183 52.40 8.33 -9.26
CA ASN D 183 51.29 7.99 -10.12
C ASN D 183 50.56 9.27 -10.53
N PRO D 184 50.12 9.38 -11.78
CA PRO D 184 49.36 10.57 -12.19
C PRO D 184 48.09 10.73 -11.38
N ALA D 185 47.70 11.99 -11.19
CA ALA D 185 46.49 12.28 -10.42
C ALA D 185 45.26 11.66 -11.06
N GLY D 186 45.16 11.72 -12.38
CA GLY D 186 44.02 11.14 -13.07
C GLY D 186 43.93 9.64 -12.88
N THR D 187 45.05 8.94 -13.00
CA THR D 187 45.04 7.49 -12.87
C THR D 187 44.67 7.06 -11.45
N ARG D 188 45.25 7.70 -10.44
CA ARG D 188 44.93 7.34 -9.07
C ARG D 188 43.49 7.72 -8.71
N TYR D 189 42.99 8.84 -9.26
CA TYR D 189 41.59 9.17 -9.02
C TYR D 189 40.67 8.15 -9.68
N LEU D 190 41.04 7.68 -10.88
CA LEU D 190 40.25 6.65 -11.53
C LEU D 190 40.23 5.38 -10.71
N SER D 191 41.38 4.99 -10.16
CA SER D 191 41.45 3.80 -9.32
C SER D 191 40.60 3.96 -8.06
N ALA D 192 40.68 5.12 -7.41
CA ALA D 192 39.91 5.36 -6.20
C ALA D 192 38.41 5.37 -6.48
N PHE D 193 38.01 6.03 -7.57
CA PHE D 193 36.60 6.05 -7.94
C PHE D 193 36.10 4.66 -8.30
N TYR D 194 36.94 3.87 -8.98
CA TYR D 194 36.57 2.49 -9.27
C TYR D 194 36.36 1.70 -7.99
N TRP D 195 37.27 1.85 -7.03
CA TRP D 195 37.13 1.13 -5.77
C TRP D 195 35.86 1.54 -5.04
N THR D 196 35.59 2.85 -4.97
CA THR D 196 34.43 3.29 -4.20
C THR D 196 33.12 2.91 -4.90
N ILE D 197 33.09 2.95 -6.24
CA ILE D 197 31.89 2.53 -6.94
C ILE D 197 31.67 1.03 -6.78
N THR D 198 32.76 0.26 -6.76
CA THR D 198 32.63 -1.17 -6.49
C THR D 198 32.10 -1.41 -5.08
N THR D 199 32.54 -0.61 -4.11
CA THR D 199 32.08 -0.79 -2.73
C THR D 199 30.61 -0.42 -2.58
N LEU D 200 30.22 0.76 -3.10
CA LEU D 200 28.86 1.25 -2.86
C LEU D 200 27.82 0.36 -3.51
N THR D 201 28.10 -0.16 -4.72
CA THR D 201 27.17 -1.03 -5.43
C THR D 201 27.21 -2.46 -4.91
N THR D 202 27.86 -2.71 -3.78
CA THR D 202 27.94 -4.03 -3.15
C THR D 202 28.39 -5.10 -4.13
N ILE D 203 29.39 -4.77 -4.93
CA ILE D 203 29.96 -5.69 -5.92
C ILE D 203 31.21 -6.36 -5.39
N GLY D 204 32.17 -5.58 -4.89
CA GLY D 204 33.35 -6.12 -4.25
C GLY D 204 34.21 -7.02 -5.12
N TYR D 205 34.87 -6.44 -6.12
CA TYR D 205 35.77 -7.22 -6.96
C TYR D 205 36.93 -7.78 -6.14
N GLY D 206 37.51 -6.97 -5.26
CA GLY D 206 38.62 -7.39 -4.45
C GLY D 206 39.99 -7.12 -5.06
N ASP D 207 40.04 -6.60 -6.29
CA ASP D 207 41.34 -6.25 -6.87
C ASP D 207 41.95 -5.02 -6.22
N ILE D 208 41.15 -4.23 -5.52
CA ILE D 208 41.63 -3.09 -4.73
C ILE D 208 41.16 -3.31 -3.31
N THR D 209 42.09 -3.64 -2.42
CA THR D 209 41.80 -3.99 -1.04
C THR D 209 42.69 -3.20 -0.10
N PRO D 210 42.26 -2.99 1.14
CA PRO D 210 43.10 -2.24 2.09
C PRO D 210 44.39 -2.99 2.40
N SER D 211 45.44 -2.21 2.68
CA SER D 211 46.72 -2.75 3.07
C SER D 211 47.20 -2.25 4.43
N THR D 212 46.56 -1.23 5.00
CA THR D 212 46.91 -0.67 6.29
C THR D 212 45.70 -0.67 7.22
N PRO D 213 45.92 -0.70 8.53
CA PRO D 213 44.76 -0.74 9.45
C PRO D 213 43.83 0.45 9.30
N THR D 214 44.36 1.66 9.08
CA THR D 214 43.49 2.81 8.86
C THR D 214 42.69 2.64 7.57
N GLN D 215 43.33 2.10 6.52
CA GLN D 215 42.61 1.79 5.30
C GLN D 215 41.50 0.77 5.57
N THR D 216 41.77 -0.20 6.43
CA THR D 216 40.76 -1.21 6.76
C THR D 216 39.57 -0.59 7.49
N VAL D 217 39.84 0.30 8.45
CA VAL D 217 38.75 0.97 9.16
C VAL D 217 37.94 1.81 8.18
N TYR D 218 38.62 2.57 7.32
CA TYR D 218 37.92 3.38 6.34
C TYR D 218 37.08 2.53 5.39
N THR D 219 37.62 1.37 4.99
CA THR D 219 36.88 0.48 4.11
C THR D 219 35.68 -0.13 4.81
N ILE D 220 35.77 -0.42 6.11
CA ILE D 220 34.61 -0.89 6.85
C ILE D 220 33.53 0.20 6.90
N VAL D 221 33.94 1.43 7.17
CA VAL D 221 32.97 2.54 7.23
C VAL D 221 32.31 2.73 5.87
N ILE D 222 33.12 2.71 4.80
CA ILE D 222 32.57 2.87 3.46
C ILE D 222 31.71 1.68 3.08
N GLU D 223 32.03 0.49 3.58
CA GLU D 223 31.21 -0.69 3.35
C GLU D 223 29.83 -0.50 3.93
N LEU D 224 29.76 -0.08 5.20
CA LEU D 224 28.48 0.16 5.83
C LEU D 224 27.71 1.27 5.12
N LEU D 225 28.40 2.35 4.75
CA LEU D 225 27.73 3.45 4.05
C LEU D 225 27.20 3.00 2.70
N GLY D 226 27.99 2.22 1.96
CA GLY D 226 27.55 1.75 0.67
C GLY D 226 26.38 0.79 0.77
N ALA D 227 26.38 -0.09 1.77
CA ALA D 227 25.22 -0.93 2.00
C ALA D 227 23.99 -0.09 2.32
N ALA D 228 24.15 0.94 3.14
CA ALA D 228 23.03 1.79 3.50
C ALA D 228 22.46 2.50 2.28
N MET D 229 23.33 3.10 1.45
CA MET D 229 22.82 3.84 0.30
C MET D 229 22.33 2.92 -0.80
N TYR D 230 22.87 1.71 -0.93
CA TYR D 230 22.32 0.75 -1.88
C TYR D 230 20.93 0.31 -1.44
N GLY D 231 20.75 0.07 -0.14
CA GLY D 231 19.42 -0.21 0.37
C GLY D 231 18.47 0.95 0.15
N LEU D 232 18.97 2.18 0.32
CA LEU D 232 18.13 3.35 0.05
C LEU D 232 17.73 3.43 -1.41
N VAL D 233 18.67 3.15 -2.33
CA VAL D 233 18.36 3.18 -3.75
C VAL D 233 17.32 2.11 -4.08
N ILE D 234 17.50 0.90 -3.55
CA ILE D 234 16.57 -0.18 -3.85
C ILE D 234 15.19 0.12 -3.27
N GLY D 235 15.14 0.69 -2.07
CA GLY D 235 13.85 1.05 -1.48
C GLY D 235 13.16 2.15 -2.26
N ASN D 236 13.91 3.17 -2.71
CA ASN D 236 13.32 4.21 -3.53
C ASN D 236 12.79 3.65 -4.84
N ILE D 237 13.55 2.74 -5.46
CA ILE D 237 13.10 2.13 -6.71
C ILE D 237 11.84 1.30 -6.47
N ALA D 238 11.80 0.55 -5.36
CA ALA D 238 10.62 -0.25 -5.05
C ALA D 238 9.40 0.63 -4.82
N SER D 239 9.57 1.73 -4.09
CA SER D 239 8.46 2.64 -3.86
C SER D 239 7.98 3.28 -5.16
N LEU D 240 8.92 3.66 -6.03
CA LEU D 240 8.55 4.23 -7.32
C LEU D 240 7.80 3.21 -8.18
N VAL D 241 8.26 1.96 -8.18
CA VAL D 241 7.65 0.94 -9.04
C VAL D 241 6.27 0.56 -8.53
N SER D 242 6.12 0.43 -7.20
CA SER D 242 4.84 0.01 -6.63
C SER D 242 3.72 1.01 -6.91
N LYS D 243 4.06 2.27 -7.21
CA LYS D 243 3.06 3.28 -7.54
C LYS D 243 3.10 3.67 -9.01
N LEU D 244 3.87 2.96 -9.84
CA LEU D 244 3.90 3.26 -11.27
C LEU D 244 2.55 2.99 -11.92
N ASP D 245 1.93 1.88 -11.58
CA ASP D 245 0.65 1.49 -12.17
C ASP D 245 -0.42 1.34 -11.09
N ALA D 246 -0.54 2.34 -10.22
CA ALA D 246 -1.52 2.27 -9.14
C ALA D 246 -2.94 2.15 -9.69
N ALA D 247 -3.26 2.96 -10.71
CA ALA D 247 -4.60 2.90 -11.30
C ALA D 247 -4.84 1.56 -11.98
N LYS D 248 -3.85 1.08 -12.74
CA LYS D 248 -3.99 -0.19 -13.45
C LYS D 248 -4.15 -1.35 -12.46
N LEU D 249 -3.35 -1.34 -11.39
CA LEU D 249 -3.46 -2.40 -10.39
C LEU D 249 -4.79 -2.33 -9.65
N LEU D 250 -5.26 -1.11 -9.37
CA LEU D 250 -6.55 -0.94 -8.72
C LEU D 250 -7.66 -1.50 -9.60
N HIS D 251 -7.63 -1.21 -10.90
CA HIS D 251 -8.64 -1.75 -11.80
C HIS D 251 -8.51 -3.27 -11.92
N ARG D 252 -7.28 -3.79 -11.91
CA ARG D 252 -7.09 -5.23 -12.01
C ARG D 252 -7.67 -5.95 -10.81
N GLU D 253 -7.41 -5.44 -9.60
CA GLU D 253 -7.97 -6.07 -8.41
C GLU D 253 -9.48 -5.87 -8.34
N ARG D 254 -9.98 -4.72 -8.82
CA ARG D 254 -11.41 -4.49 -8.95
C ARG D 254 -12.07 -5.55 -9.83
N VAL D 255 -11.50 -5.83 -10.99
CA VAL D 255 -12.01 -6.86 -11.89
C VAL D 255 -11.90 -8.25 -11.26
N GLU D 256 -10.76 -8.53 -10.61
CA GLU D 256 -10.53 -9.86 -10.05
C GLU D 256 -11.52 -10.16 -8.93
N ARG D 257 -11.75 -9.21 -8.02
CA ARG D 257 -12.68 -9.46 -6.93
C ARG D 257 -14.11 -9.64 -7.46
N VAL D 258 -14.48 -8.84 -8.46
CA VAL D 258 -15.83 -8.95 -9.02
C VAL D 258 -16.02 -10.29 -9.70
N THR D 259 -15.05 -10.71 -10.51
CA THR D 259 -15.19 -11.98 -11.22
C THR D 259 -15.12 -13.16 -10.28
N ALA D 260 -14.33 -13.07 -9.20
CA ALA D 260 -14.31 -14.15 -8.22
C ALA D 260 -15.65 -14.25 -7.49
N PHE D 261 -16.22 -13.11 -7.09
CA PHE D 261 -17.51 -13.14 -6.43
C PHE D 261 -18.59 -13.68 -7.36
N LEU D 262 -18.56 -13.30 -8.63
CA LEU D 262 -19.55 -13.81 -9.59
C LEU D 262 -19.38 -15.30 -9.82
N SER D 263 -18.14 -15.78 -9.94
CA SER D 263 -17.91 -17.20 -10.13
C SER D 263 -18.34 -18.00 -8.90
N TYR D 264 -18.22 -17.41 -7.71
CA TYR D 264 -18.75 -18.05 -6.52
C TYR D 264 -20.27 -18.17 -6.59
N LYS D 265 -20.93 -17.15 -7.12
CA LYS D 265 -22.40 -17.11 -7.19
C LYS D 265 -22.95 -17.83 -8.41
N ARG D 266 -22.12 -18.59 -9.12
CA ARG D 266 -22.55 -19.36 -10.29
C ARG D 266 -23.19 -18.46 -11.35
N ILE D 267 -22.37 -17.54 -11.87
CA ILE D 267 -22.80 -16.62 -12.90
C ILE D 267 -22.40 -17.18 -14.26
N SER D 268 -23.33 -17.12 -15.21
CA SER D 268 -23.11 -17.72 -16.52
C SER D 268 -21.97 -17.00 -17.25
N PRO D 269 -21.28 -17.70 -18.15
CA PRO D 269 -20.18 -17.06 -18.89
C PRO D 269 -20.62 -15.88 -19.73
N GLU D 270 -21.89 -15.81 -20.14
CA GLU D 270 -22.35 -14.67 -20.91
C GLU D 270 -22.33 -13.39 -20.07
N LEU D 271 -22.91 -13.43 -18.88
CA LEU D 271 -22.90 -12.26 -18.00
C LEU D 271 -21.48 -11.93 -17.55
N GLN D 272 -20.67 -12.96 -17.29
CA GLN D 272 -19.27 -12.72 -16.93
C GLN D 272 -18.53 -12.00 -18.04
N ARG D 273 -18.73 -12.44 -19.29
CA ARG D 273 -18.07 -11.80 -20.42
C ARG D 273 -18.57 -10.38 -20.61
N ARG D 274 -19.87 -10.15 -20.41
CA ARG D 274 -20.41 -8.79 -20.53
C ARG D 274 -19.80 -7.87 -19.47
N ILE D 275 -19.67 -8.36 -18.24
CA ILE D 275 -19.10 -7.55 -17.17
C ILE D 275 -17.63 -7.30 -17.43
N ILE D 276 -16.90 -8.30 -17.93
CA ILE D 276 -15.49 -8.12 -18.26
C ILE D 276 -15.34 -7.07 -19.37
N GLU D 277 -16.20 -7.13 -20.38
CA GLU D 277 -16.15 -6.15 -21.46
C GLU D 277 -16.46 -4.75 -20.94
N TYR D 278 -17.43 -4.63 -20.04
CA TYR D 278 -17.73 -3.34 -19.45
C TYR D 278 -16.53 -2.80 -18.67
N PHE D 279 -15.87 -3.66 -17.90
CA PHE D 279 -14.71 -3.22 -17.14
C PHE D 279 -13.57 -2.82 -18.06
N ASP D 280 -13.38 -3.54 -19.16
CA ASP D 280 -12.35 -3.17 -20.13
C ASP D 280 -12.65 -1.82 -20.75
N TYR D 281 -13.92 -1.58 -21.11
CA TYR D 281 -14.31 -0.28 -21.65
C TYR D 281 -14.08 0.83 -20.62
N LEU D 282 -14.44 0.56 -19.37
CA LEU D 282 -14.24 1.55 -18.31
C LEU D 282 -12.76 1.88 -18.13
N TRP D 283 -11.90 0.86 -18.16
CA TRP D 283 -10.47 1.11 -18.03
C TRP D 283 -9.93 1.87 -19.24
N GLU D 284 -10.43 1.55 -20.44
CA GLU D 284 -9.91 2.21 -21.63
C GLU D 284 -10.41 3.64 -21.78
N THR D 285 -11.54 3.99 -21.17
CA THR D 285 -12.09 5.34 -21.29
C THR D 285 -11.80 6.20 -20.06
N ARG D 286 -12.25 5.77 -18.89
CA ARG D 286 -12.12 6.54 -17.66
C ARG D 286 -10.95 6.09 -16.80
N ARG D 287 -10.10 5.21 -17.30
CA ARG D 287 -8.98 4.64 -16.54
C ARG D 287 -9.46 3.95 -15.27
N GLY D 288 -10.64 3.34 -15.32
CA GLY D 288 -11.19 2.61 -14.20
C GLY D 288 -11.74 3.46 -13.08
N TYR D 289 -11.86 4.78 -13.27
CA TYR D 289 -12.36 5.67 -12.25
C TYR D 289 -13.87 5.84 -12.37
N GLU D 290 -14.58 5.60 -11.26
CA GLU D 290 -16.01 5.86 -11.24
C GLU D 290 -16.27 7.36 -11.22
N GLU D 291 -17.31 7.79 -11.96
CA GLU D 291 -17.61 9.21 -12.06
C GLU D 291 -18.03 9.78 -10.70
N ARG D 292 -18.83 9.04 -9.94
CA ARG D 292 -19.32 9.56 -8.67
C ARG D 292 -18.19 9.81 -7.69
N GLU D 293 -17.23 8.89 -7.61
CA GLU D 293 -16.11 9.06 -6.69
C GLU D 293 -15.28 10.28 -7.04
N VAL D 294 -15.00 10.49 -8.33
CA VAL D 294 -14.22 11.64 -8.74
C VAL D 294 -14.98 12.94 -8.49
N LEU D 295 -16.28 12.95 -8.82
CA LEU D 295 -17.07 14.17 -8.66
C LEU D 295 -17.23 14.56 -7.21
N LYS D 296 -17.49 13.58 -6.33
CA LYS D 296 -17.68 13.91 -4.92
C LYS D 296 -16.39 14.35 -4.25
N GLU D 297 -15.23 14.07 -4.86
CA GLU D 297 -13.96 14.47 -4.26
C GLU D 297 -13.63 15.93 -4.51
N LEU D 298 -14.35 16.60 -5.43
CA LEU D 298 -14.26 18.00 -5.79
C LEU D 298 -15.16 18.86 -4.90
N PRO D 299 -14.84 20.13 -4.72
CA PRO D 299 -15.70 21.01 -3.93
C PRO D 299 -16.98 21.34 -4.70
N HIS D 300 -17.91 21.98 -3.99
CA HIS D 300 -19.21 22.28 -4.60
C HIS D 300 -19.11 23.19 -5.82
N PRO D 301 -18.39 24.32 -5.80
CA PRO D 301 -18.36 25.16 -7.01
C PRO D 301 -17.65 24.51 -8.18
N LEU D 302 -16.53 23.82 -7.94
CA LEU D 302 -15.83 23.15 -9.02
C LEU D 302 -16.67 22.01 -9.59
N ARG D 303 -17.35 21.26 -8.73
CA ARG D 303 -18.26 20.22 -9.20
C ARG D 303 -19.38 20.82 -10.03
N LEU D 304 -19.89 21.98 -9.61
CA LEU D 304 -20.96 22.65 -10.36
C LEU D 304 -20.46 23.07 -11.74
N ALA D 305 -19.25 23.61 -11.81
CA ALA D 305 -18.69 24.01 -13.10
C ALA D 305 -18.44 22.80 -13.99
N VAL D 306 -17.98 21.69 -13.39
CA VAL D 306 -17.77 20.47 -14.15
C VAL D 306 -19.09 19.95 -14.70
N ALA D 307 -20.15 19.98 -13.89
CA ALA D 307 -21.46 19.58 -14.38
C ALA D 307 -21.94 20.51 -15.49
N MET D 308 -21.73 21.82 -15.32
CA MET D 308 -22.00 22.77 -16.39
C MET D 308 -21.39 22.30 -17.70
N GLU D 309 -20.06 22.14 -17.72
CA GLU D 309 -19.37 21.84 -18.97
C GLU D 309 -19.75 20.46 -19.51
N ILE D 310 -19.93 19.48 -18.62
CA ILE D 310 -20.25 18.13 -19.08
C ILE D 310 -21.64 18.10 -19.69
N HIS D 311 -22.68 18.40 -18.89
CA HIS D 311 -24.05 18.38 -19.41
C HIS D 311 -24.74 19.68 -19.02
N GLY D 312 -24.46 20.74 -19.79
CA GLY D 312 -25.34 21.88 -19.82
C GLY D 312 -25.97 22.03 -21.19
N ASP D 313 -25.22 21.68 -22.23
CA ASP D 313 -25.77 21.76 -23.58
C ASP D 313 -26.91 20.76 -23.77
N VAL D 314 -26.75 19.55 -23.22
CA VAL D 314 -27.73 18.49 -23.44
C VAL D 314 -29.06 18.83 -22.77
N ILE D 315 -29.02 19.60 -21.68
CA ILE D 315 -30.26 20.03 -21.06
C ILE D 315 -30.72 21.36 -21.65
N GLU D 316 -29.79 22.07 -22.32
CA GLU D 316 -30.17 23.30 -23.01
C GLU D 316 -30.98 22.97 -24.25
N LYS D 317 -30.71 21.84 -24.88
CA LYS D 317 -31.55 21.36 -25.98
C LYS D 317 -32.94 20.96 -25.49
N VAL D 318 -33.05 20.53 -24.23
CA VAL D 318 -34.27 19.95 -23.71
C VAL D 318 -35.41 20.97 -23.76
N PRO D 319 -36.51 20.68 -24.46
CA PRO D 319 -37.59 21.66 -24.55
C PRO D 319 -38.32 21.91 -23.22
N LEU D 320 -38.36 20.90 -22.34
CA LEU D 320 -39.17 21.01 -21.14
C LEU D 320 -38.62 22.07 -20.19
N PHE D 321 -37.31 22.22 -20.11
CA PHE D 321 -36.68 23.00 -19.05
C PHE D 321 -36.49 24.47 -19.39
N LYS D 322 -36.93 24.93 -20.56
CA LYS D 322 -36.93 26.36 -20.84
C LYS D 322 -38.03 27.09 -20.09
N GLY D 323 -37.89 28.39 -19.98
CA GLY D 323 -38.69 29.18 -19.05
C GLY D 323 -38.28 28.99 -17.60
N ALA D 324 -37.03 28.57 -17.39
CA ALA D 324 -36.50 28.30 -16.06
C ALA D 324 -35.18 29.03 -15.87
N GLY D 325 -34.93 29.48 -14.65
CA GLY D 325 -33.68 30.12 -14.29
C GLY D 325 -32.50 29.19 -14.19
N GLU D 326 -31.28 29.76 -14.20
CA GLU D 326 -30.07 28.96 -14.13
C GLU D 326 -29.93 28.22 -12.81
N GLU D 327 -30.52 28.73 -11.74
CA GLU D 327 -30.47 28.02 -10.45
C GLU D 327 -31.15 26.65 -10.55
N PHE D 328 -32.32 26.61 -11.19
CA PHE D 328 -33.02 25.33 -11.36
C PHE D 328 -32.19 24.37 -12.20
N ILE D 329 -31.56 24.88 -13.26
CA ILE D 329 -30.73 24.03 -14.13
C ILE D 329 -29.56 23.45 -13.35
N ARG D 330 -28.88 24.29 -12.58
CA ARG D 330 -27.74 23.81 -11.80
C ARG D 330 -28.21 22.80 -10.75
N ASP D 331 -29.37 23.04 -10.13
CA ASP D 331 -29.87 22.12 -9.11
C ASP D 331 -30.22 20.77 -9.71
N ILE D 332 -30.86 20.75 -10.88
CA ILE D 332 -31.24 19.46 -11.45
C ILE D 332 -30.01 18.71 -11.96
N ILE D 333 -29.06 19.42 -12.57
CA ILE D 333 -27.90 18.70 -13.09
C ILE D 333 -26.91 18.31 -11.99
N LEU D 334 -27.00 18.93 -10.81
CA LEU D 334 -26.19 18.47 -9.69
C LEU D 334 -26.67 17.13 -9.13
N HIS D 335 -27.86 16.66 -9.53
CA HIS D 335 -28.40 15.40 -9.06
C HIS D 335 -28.43 14.34 -10.17
N LEU D 336 -27.71 14.58 -11.27
CA LEU D 336 -27.67 13.62 -12.37
C LEU D 336 -26.73 12.47 -12.01
N GLU D 337 -27.29 11.27 -11.87
CA GLU D 337 -26.50 10.10 -11.51
C GLU D 337 -26.06 9.38 -12.78
N PRO D 338 -24.77 9.32 -13.07
CA PRO D 338 -24.33 8.67 -14.31
C PRO D 338 -24.45 7.16 -14.22
N VAL D 339 -24.78 6.55 -15.36
CA VAL D 339 -24.86 5.09 -15.49
C VAL D 339 -24.33 4.70 -16.86
N ILE D 340 -23.60 3.59 -16.90
CA ILE D 340 -23.00 3.09 -18.12
C ILE D 340 -23.79 1.86 -18.58
N TYR D 341 -24.24 1.89 -19.83
CA TYR D 341 -25.01 0.81 -20.42
C TYR D 341 -24.21 0.17 -21.55
N GLY D 342 -24.02 -1.15 -21.46
CA GLY D 342 -23.30 -1.87 -22.48
C GLY D 342 -24.16 -2.13 -23.70
N PRO D 343 -23.51 -2.60 -24.76
CA PRO D 343 -24.25 -2.90 -26.00
C PRO D 343 -25.27 -4.01 -25.77
N GLY D 344 -26.43 -3.85 -26.41
CA GLY D 344 -27.49 -4.83 -26.29
C GLY D 344 -28.25 -4.80 -24.98
N GLU D 345 -28.04 -3.79 -24.15
CA GLU D 345 -28.71 -3.69 -22.86
C GLU D 345 -29.96 -2.83 -22.98
N TYR D 346 -30.99 -3.20 -22.23
CA TYR D 346 -32.26 -2.49 -22.24
C TYR D 346 -32.23 -1.39 -21.19
N ILE D 347 -32.27 -0.14 -21.64
CA ILE D 347 -32.32 0.98 -20.70
C ILE D 347 -33.65 0.97 -19.95
N ILE D 348 -34.75 0.86 -20.68
CA ILE D 348 -36.08 0.69 -20.09
C ILE D 348 -36.88 -0.26 -20.98
N ARG D 349 -38.10 -0.57 -20.55
CA ARG D 349 -39.00 -1.44 -21.30
C ARG D 349 -40.33 -0.72 -21.50
N ALA D 350 -40.82 -0.74 -22.72
CA ALA D 350 -42.11 -0.13 -23.02
C ALA D 350 -43.23 -0.88 -22.30
N GLY D 351 -44.23 -0.13 -21.84
CA GLY D 351 -45.30 -0.68 -21.05
C GLY D 351 -45.04 -0.70 -19.57
N GLU D 352 -43.79 -0.55 -19.14
CA GLU D 352 -43.47 -0.46 -17.73
C GLU D 352 -43.71 0.97 -17.24
N MET D 353 -43.81 1.11 -15.91
CA MET D 353 -44.16 2.41 -15.32
C MET D 353 -43.17 3.48 -15.74
N GLY D 354 -41.91 3.37 -15.29
CA GLY D 354 -40.88 4.29 -15.70
C GLY D 354 -40.85 5.57 -14.89
N SER D 355 -39.69 5.89 -14.32
CA SER D 355 -39.55 7.10 -13.53
C SER D 355 -38.19 7.75 -13.73
N ASP D 356 -37.57 7.53 -14.89
CA ASP D 356 -36.21 7.99 -15.14
C ASP D 356 -36.13 8.74 -16.47
N VAL D 357 -35.21 9.70 -16.53
CA VAL D 357 -34.90 10.42 -17.76
C VAL D 357 -33.40 10.34 -17.98
N TYR D 358 -33.00 10.04 -19.22
CA TYR D 358 -31.61 9.76 -19.53
C TYR D 358 -31.09 10.78 -20.55
N PHE D 359 -29.88 11.27 -20.32
CA PHE D 359 -29.21 12.23 -21.18
C PHE D 359 -27.93 11.59 -21.71
N ILE D 360 -27.88 11.34 -23.02
CA ILE D 360 -26.71 10.75 -23.63
C ILE D 360 -25.55 11.72 -23.55
N ASN D 361 -24.37 11.22 -23.17
CA ASN D 361 -23.19 12.05 -22.98
C ASN D 361 -22.12 11.81 -24.05
N ARG D 362 -21.68 10.56 -24.21
CA ARG D 362 -20.61 10.25 -25.14
C ARG D 362 -20.88 9.06 -26.05
N GLY D 363 -21.84 8.21 -25.73
CA GLY D 363 -22.12 7.02 -26.51
C GLY D 363 -23.19 7.25 -27.57
N SER D 364 -23.53 6.15 -28.25
CA SER D 364 -24.58 6.14 -29.25
C SER D 364 -25.59 5.06 -28.89
N VAL D 365 -26.88 5.39 -29.01
CA VAL D 365 -27.95 4.51 -28.56
C VAL D 365 -29.08 4.56 -29.57
N GLU D 366 -29.81 3.44 -29.67
CA GLU D 366 -30.92 3.30 -30.61
C GLU D 366 -32.22 3.07 -29.85
N VAL D 367 -33.32 3.50 -30.46
CA VAL D 367 -34.65 3.34 -29.90
C VAL D 367 -35.49 2.50 -30.85
N LEU D 368 -36.15 1.49 -30.33
CA LEU D 368 -37.01 0.60 -31.10
C LEU D 368 -38.47 0.84 -30.71
N SER D 369 -39.35 0.02 -31.28
CA SER D 369 -40.78 0.12 -30.99
C SER D 369 -41.07 -0.52 -29.64
N ALA D 370 -42.37 -0.54 -29.28
CA ALA D 370 -42.78 -1.16 -28.02
C ALA D 370 -42.47 -2.64 -28.03
N ASP D 371 -42.73 -3.33 -29.14
CA ASP D 371 -42.43 -4.75 -29.27
C ASP D 371 -41.07 -4.99 -29.94
N GLU D 372 -40.37 -3.94 -30.34
CA GLU D 372 -39.00 -4.01 -30.85
C GLU D 372 -38.92 -4.79 -32.17
N LYS D 373 -39.71 -4.34 -33.14
CA LYS D 373 -39.58 -4.76 -34.53
C LYS D 373 -38.98 -3.69 -35.43
N THR D 374 -39.37 -2.43 -35.25
CA THR D 374 -38.92 -1.33 -36.10
C THR D 374 -38.11 -0.33 -35.28
N ARG D 375 -37.17 0.32 -35.95
CA ARG D 375 -36.30 1.30 -35.33
C ARG D 375 -36.93 2.68 -35.46
N TYR D 376 -37.30 3.28 -34.32
CA TYR D 376 -37.93 4.60 -34.34
C TYR D 376 -36.97 5.67 -34.83
N ALA D 377 -35.77 5.73 -34.23
CA ALA D 377 -34.79 6.76 -34.57
C ALA D 377 -33.45 6.34 -33.97
N ILE D 378 -32.46 7.22 -34.13
CA ILE D 378 -31.12 7.02 -33.59
C ILE D 378 -30.76 8.25 -32.75
N LEU D 379 -30.35 8.03 -31.51
CA LEU D 379 -29.96 9.10 -30.61
C LEU D 379 -28.47 9.04 -30.34
N SER D 380 -27.82 10.21 -30.36
CA SER D 380 -26.37 10.28 -30.18
C SER D 380 -26.02 11.25 -29.06
N GLU D 381 -24.74 11.58 -28.95
CA GLU D 381 -24.28 12.51 -27.92
C GLU D 381 -24.99 13.85 -28.05
N GLY D 382 -25.39 14.42 -26.91
CA GLY D 382 -26.14 15.65 -26.88
C GLY D 382 -27.64 15.48 -26.95
N GLN D 383 -28.13 14.27 -27.16
CA GLN D 383 -29.56 13.99 -27.21
C GLN D 383 -30.02 13.38 -25.88
N PHE D 384 -31.33 13.26 -25.75
CA PHE D 384 -31.93 12.75 -24.53
C PHE D 384 -33.26 12.07 -24.86
N PHE D 385 -33.70 11.19 -23.96
CA PHE D 385 -34.98 10.52 -24.08
C PHE D 385 -35.58 10.37 -22.68
N GLY D 386 -36.79 9.80 -22.64
CA GLY D 386 -37.50 9.66 -21.38
C GLY D 386 -38.14 10.94 -20.87
N GLU D 387 -38.32 11.94 -21.74
CA GLU D 387 -38.89 13.21 -21.29
C GLU D 387 -40.36 13.09 -20.92
N MET D 388 -41.04 12.08 -21.44
CA MET D 388 -42.47 11.92 -21.16
C MET D 388 -42.72 11.57 -19.71
N ALA D 389 -41.76 10.93 -19.03
CA ALA D 389 -41.96 10.53 -17.65
C ALA D 389 -41.99 11.72 -16.70
N LEU D 390 -41.41 12.85 -17.08
CA LEU D 390 -41.39 14.02 -16.19
C LEU D 390 -42.74 14.70 -16.12
N ILE D 391 -43.47 14.74 -17.24
CA ILE D 391 -44.73 15.47 -17.30
C ILE D 391 -45.94 14.60 -17.02
N LEU D 392 -45.82 13.28 -17.11
CA LEU D 392 -46.96 12.40 -16.94
C LEU D 392 -46.49 11.06 -16.40
N ARG D 393 -47.31 10.47 -15.52
CA ARG D 393 -47.02 9.18 -14.91
C ARG D 393 -47.83 8.11 -15.64
N ALA D 394 -47.32 7.71 -16.79
CA ALA D 394 -47.93 6.69 -17.64
C ALA D 394 -46.86 5.72 -18.13
N PRO D 395 -47.26 4.51 -18.53
CA PRO D 395 -46.27 3.56 -19.05
C PRO D 395 -45.56 4.11 -20.28
N ARG D 396 -44.28 3.76 -20.41
CA ARG D 396 -43.47 4.26 -21.51
C ARG D 396 -43.96 3.73 -22.85
N THR D 397 -43.73 4.51 -23.90
CA THR D 397 -44.24 4.19 -25.23
C THR D 397 -43.33 3.23 -26.00
N ALA D 398 -42.01 3.39 -25.88
CA ALA D 398 -41.09 2.60 -26.68
C ALA D 398 -39.88 2.20 -25.84
N THR D 399 -39.24 1.12 -26.26
CA THR D 399 -38.01 0.65 -25.63
C THR D 399 -36.81 1.31 -26.29
N VAL D 400 -35.73 1.45 -25.52
CA VAL D 400 -34.48 2.00 -26.02
C VAL D 400 -33.34 1.08 -25.58
N ARG D 401 -32.50 0.69 -26.53
CA ARG D 401 -31.40 -0.23 -26.26
C ARG D 401 -30.10 0.38 -26.78
N ALA D 402 -29.01 0.14 -26.05
CA ALA D 402 -27.72 0.69 -26.43
C ALA D 402 -27.14 -0.05 -27.62
N ARG D 403 -26.66 0.70 -28.61
CA ARG D 403 -25.97 0.09 -29.75
C ARG D 403 -24.58 -0.37 -29.35
N ALA D 404 -23.75 0.56 -28.89
CA ALA D 404 -22.43 0.28 -28.36
C ALA D 404 -22.38 0.73 -26.90
N PHE D 405 -21.19 0.72 -26.32
CA PHE D 405 -21.01 1.16 -24.95
C PHE D 405 -21.32 2.65 -24.83
N CYS D 406 -22.47 2.98 -24.25
CA CYS D 406 -22.92 4.36 -24.12
C CYS D 406 -23.02 4.74 -22.65
N ASP D 407 -22.62 5.96 -22.34
CA ASP D 407 -22.72 6.51 -20.98
C ASP D 407 -23.75 7.63 -20.98
N LEU D 408 -24.72 7.53 -20.08
CA LEU D 408 -25.79 8.51 -20.00
C LEU D 408 -26.13 8.76 -18.53
N TYR D 409 -26.73 9.92 -18.27
CA TYR D 409 -27.04 10.36 -16.93
C TYR D 409 -28.52 10.14 -16.66
N ARG D 410 -28.83 9.43 -15.58
CA ARG D 410 -30.18 9.07 -15.22
C ARG D 410 -30.65 9.94 -14.07
N LEU D 411 -31.84 10.52 -14.22
CA LEU D 411 -32.45 11.36 -13.19
C LEU D 411 -33.79 10.75 -12.82
N ASP D 412 -33.90 10.22 -11.60
CA ASP D 412 -35.14 9.61 -11.16
C ASP D 412 -36.15 10.68 -10.77
N LYS D 413 -37.41 10.25 -10.63
CA LYS D 413 -38.50 11.19 -10.34
C LYS D 413 -38.39 11.79 -8.94
N GLU D 414 -37.75 11.09 -8.00
CA GLU D 414 -37.67 11.59 -6.63
C GLU D 414 -36.86 12.88 -6.57
N THR D 415 -35.66 12.88 -7.15
CA THR D 415 -34.83 14.08 -7.13
C THR D 415 -35.46 15.20 -7.95
N PHE D 416 -36.09 14.87 -9.07
CA PHE D 416 -36.76 15.89 -9.87
C PHE D 416 -37.89 16.55 -9.10
N ASP D 417 -38.70 15.74 -8.42
CA ASP D 417 -39.78 16.29 -7.61
C ASP D 417 -39.26 17.12 -6.45
N ARG D 418 -38.15 16.69 -5.84
CA ARG D 418 -37.54 17.47 -4.76
C ARG D 418 -37.04 18.81 -5.28
N ILE D 419 -36.44 18.82 -6.48
CA ILE D 419 -35.92 20.07 -7.03
C ILE D 419 -37.05 21.00 -7.40
N LEU D 420 -38.07 20.49 -8.10
CA LEU D 420 -39.18 21.35 -8.52
C LEU D 420 -40.02 21.82 -7.35
N SER D 421 -40.01 21.10 -6.23
CA SER D 421 -40.72 21.56 -5.04
C SER D 421 -40.10 22.85 -4.51
N ARG D 422 -38.78 22.96 -4.55
CA ARG D 422 -38.10 24.18 -4.14
C ARG D 422 -38.34 25.33 -5.10
N TYR D 423 -38.81 25.05 -6.32
CA TYR D 423 -39.05 26.06 -7.35
C TYR D 423 -40.49 25.91 -7.85
N PRO D 424 -41.46 26.41 -7.10
CA PRO D 424 -42.86 26.31 -7.56
C PRO D 424 -43.12 27.01 -8.88
N GLU D 425 -42.38 28.08 -9.18
CA GLU D 425 -42.59 28.79 -10.43
C GLU D 425 -42.24 27.93 -11.63
N ILE D 426 -41.35 26.95 -11.46
CA ILE D 426 -41.02 26.05 -12.56
C ILE D 426 -42.00 24.89 -12.66
N ALA D 427 -42.68 24.54 -11.57
CA ALA D 427 -43.65 23.45 -11.58
C ALA D 427 -44.92 23.79 -12.34
N ALA D 428 -45.12 25.05 -12.72
CA ALA D 428 -46.35 25.45 -13.38
C ALA D 428 -46.38 25.02 -14.85
N GLN D 429 -45.42 25.48 -15.64
CA GLN D 429 -45.44 25.20 -17.07
C GLN D 429 -45.19 23.73 -17.37
N ILE D 430 -44.44 23.04 -16.50
CA ILE D 430 -44.17 21.62 -16.74
C ILE D 430 -45.45 20.80 -16.56
N GLN D 431 -46.37 21.26 -15.73
CA GLN D 431 -47.62 20.54 -15.50
C GLN D 431 -48.63 20.84 -16.61
P CMP E . -43.92 -16.28 9.62
O1P CMP E . -42.99 -15.22 9.08
O2P CMP E . -45.22 -15.86 10.28
O5' CMP E . -43.09 -17.12 10.71
C5' CMP E . -41.94 -17.87 10.34
C4' CMP E . -42.05 -18.25 8.89
O4' CMP E . -41.38 -19.50 8.58
C3' CMP E . -43.48 -18.52 8.47
O3' CMP E . -44.24 -17.33 8.43
C2' CMP E . -43.28 -19.25 7.15
O2' CMP E . -42.95 -18.34 6.12
C1' CMP E . -42.04 -20.10 7.47
N9 CMP E . -42.38 -21.49 7.82
C8 CMP E . -42.81 -21.93 9.01
N7 CMP E . -43.02 -23.27 8.99
C5 CMP E . -42.74 -23.70 7.75
C6 CMP E . -42.74 -25.01 7.05
N6 CMP E . -43.12 -26.15 7.68
N1 CMP E . -42.36 -25.03 5.75
C2 CMP E . -41.99 -23.90 5.11
N3 CMP E . -41.95 -22.69 5.69
C4 CMP E . -42.30 -22.53 6.99
O18 6OU F . 2.31 -18.08 -11.06
C19 6OU F . 3.50 -17.32 -10.77
C20 6OU F . 3.10 -16.04 -10.06
C21 6OU F . 2.13 -15.20 -10.85
O22 6OU F . 1.70 -14.06 -10.04
P23 6OU F . 0.62 -13.04 -10.63
O24 6OU F . 0.47 -11.91 -9.66
O25 6OU F . -0.58 -13.83 -11.05
O26 6OU F . 1.34 -12.48 -11.96
O30 6OU F . 4.29 -15.26 -9.76
C31 6OU F . 5.08 -15.66 -8.74
O32 6OU F . 4.82 -16.62 -8.06
C33 6OU F . 6.29 -14.80 -8.56
C34 6OU F . 7.22 -14.80 -9.74
C35 6OU F . 8.47 -13.98 -9.49
C36 6OU F . 9.47 -14.02 -10.63
C37 6OU F . 10.72 -13.22 -10.35
C38 6OU F . 11.76 -13.24 -11.47
C39 6OU F . 12.98 -12.45 -11.17
C40 6OU F . 14.02 -12.47 -12.25
C41 6OU F . 15.17 -11.86 -12.17
C42 6OU F . 16.26 -11.85 -13.19
C43 6OU F . 17.46 -11.08 -12.75
C44 6OU F . 18.59 -11.03 -13.76
C45 6OU F . 19.80 -10.26 -13.30
C46 6OU F . 19.54 -8.82 -12.97
C47 6OU F . 20.75 -8.05 -12.50
C13 6OU G . 29.99 1.95 -24.38
C14 6OU G . 31.36 2.38 -24.89
C15 6OU G . 32.04 1.30 -25.67
C16 6OU G . 33.36 1.73 -26.25
O17 6OU G . 34.31 2.09 -25.60
O18 6OU G . 33.38 1.67 -27.58
C19 6OU G . 32.17 1.21 -28.24
C20 6OU G . 32.35 1.33 -29.74
O30 6OU G . 33.45 0.51 -30.21
C31 6OU G . 33.23 -0.75 -30.60
O32 6OU G . 34.12 -1.44 -30.99
C33 6OU G . 31.80 -1.22 -30.52
C34 6OU G . 31.64 -2.48 -29.72
C35 6OU G . 30.18 -2.82 -29.45
C36 6OU G . 29.47 -1.85 -28.55
C37 6OU G . 28.06 -2.24 -28.20
C38 6OU G . 27.36 -1.31 -27.22
C39 6OU G . 25.97 -1.72 -26.86
C40 6OU G . 25.32 -0.80 -25.87
C41 6OU G . 24.11 -0.94 -25.39
C42 6OU G . 23.14 -2.03 -25.75
C43 6OU G . 21.83 -1.91 -25.04
C08 6OU H . 20.91 -21.58 -20.21
C09 6OU H . 21.68 -22.62 -20.97
C10 6OU H . 22.50 -22.07 -22.12
C11 6OU H . 23.22 -23.13 -22.93
C12 6OU H . 23.99 -22.59 -24.11
C13 6OU H . 24.62 -23.65 -24.99
C14 6OU H . 26.05 -24.02 -24.66
C15 6OU H . 26.19 -24.78 -23.37
C16 6OU H . 27.61 -25.17 -23.07
O17 6OU H . 27.99 -25.72 -22.06
O18 6OU H . 28.42 -24.84 -24.07
C19 6OU H . 29.83 -25.13 -23.89
C20 6OU H . 30.56 -24.68 -25.13
C21 6OU H . 32.05 -24.51 -24.91
O22 6OU H . 32.73 -24.13 -26.13
O30 6OU H . 29.95 -23.40 -25.49
C31 6OU H . 30.02 -22.99 -26.76
O32 6OU H . 30.56 -23.60 -27.64
C33 6OU H . 29.29 -21.69 -26.95
C34 6OU H . 29.76 -20.61 -26.02
C35 6OU H . 28.72 -19.53 -25.81
C36 6OU H . 29.16 -18.44 -24.86
C37 6OU H . 28.05 -17.51 -24.43
C38 6OU H . 26.97 -18.17 -23.58
C39 6OU H . 25.92 -17.24 -23.08
C40 6OU H . 24.91 -17.89 -22.19
C41 6OU H . 23.91 -17.29 -21.60
C42 6OU H . 22.91 -17.94 -20.70
C43 6OU H . 21.88 -16.99 -20.18
C19 6OU I . 33.54 -15.45 -37.26
C20 6OU I . 34.13 -15.05 -35.94
C21 6OU I . 35.32 -15.88 -35.53
O22 6OU I . 36.34 -15.80 -36.56
O30 6OU I . 33.11 -15.14 -34.89
C31 6OU I . 32.14 -14.20 -34.86
O32 6OU I . 32.10 -13.28 -35.63
C33 6OU I . 31.16 -14.44 -33.76
C34 6OU I . 30.46 -15.76 -33.87
C35 6OU I . 29.48 -16.00 -32.73
C36 6OU I . 30.11 -15.97 -31.36
C37 6OU I . 29.16 -16.32 -30.23
C38 6OU I . 27.98 -15.38 -30.10
C39 6OU I . 27.05 -15.74 -28.98
C40 6OU I . 25.91 -14.78 -28.81
C41 6OU I . 25.02 -14.83 -27.86
C42 6OU I . 23.89 -13.88 -27.65
C43 6OU I . 23.13 -14.14 -26.38
C44 6OU I . 22.02 -13.14 -26.10
C45 6OU I . 21.28 -13.39 -24.81
P CMP J . -31.38 14.17 33.22
O1P CMP J . -31.06 13.59 31.86
O2P CMP J . -32.62 15.01 33.38
O5' CMP J . -30.11 15.05 33.66
C5' CMP J . -28.84 14.47 33.85
C4' CMP J . -29.02 13.02 34.23
O4' CMP J . -27.97 12.52 35.08
C3' CMP J . -30.26 12.78 35.05
O3' CMP J . -31.43 12.94 34.28
C2' CMP J . -30.00 11.39 35.61
O2' CMP J . -30.23 10.40 34.63
C1' CMP J . -28.48 11.46 35.87
N9 CMP J . -28.16 11.73 37.28
C8 CMP J . -28.18 12.94 37.89
N7 CMP J . -27.85 12.83 39.20
C5 CMP J . -27.60 11.53 39.45
C6 CMP J . -27.19 10.73 40.63
N6 CMP J . -26.97 11.32 41.83
N1 CMP J . -27.05 9.40 40.46
C2 CMP J . -27.26 8.81 39.26
N3 CMP J . -27.63 9.47 38.16
C4 CMP J . -27.82 10.82 38.19
O18 6OU K . 7.70 -12.69 15.33
C19 6OU K . 8.50 -12.50 14.15
C20 6OU K . 7.74 -11.65 13.17
C21 6OU K . 6.40 -12.22 12.79
O22 6OU K . 5.69 -11.28 11.95
P23 6OU K . 4.20 -11.63 11.46
O24 6OU K . 3.75 -10.55 10.50
O25 6OU K . 3.36 -11.94 12.67
O26 6OU K . 4.41 -12.98 10.63
O30 6OU K . 8.54 -11.44 11.97
C31 6OU K . 9.57 -10.59 12.03
O32 6OU K . 9.84 -9.95 13.02
C33 6OU K . 10.34 -10.50 10.74
C34 6OU K . 11.00 -11.79 10.35
C35 6OU K . 11.82 -11.64 9.08
C36 6OU K . 12.56 -12.90 8.68
C37 6OU K . 13.41 -12.73 7.44
C38 6OU K . 14.17 -13.98 7.02
C39 6OU K . 15.00 -13.79 5.79
C40 6OU K . 15.77 -15.00 5.37
C41 6OU K . 16.58 -15.03 4.33
C42 6OU K . 17.40 -16.18 3.85
C43 6OU K . 18.23 -15.84 2.65
C44 6OU K . 19.07 -17.00 2.13
C45 6OU K . 19.93 -16.64 0.93
C46 6OU K . 19.15 -16.15 -0.26
C47 6OU K . 20.00 -15.79 -1.45
C13 6OU L . 22.39 -27.95 -14.60
C14 6OU L . 23.36 -28.61 -15.57
C15 6OU L . 24.29 -29.56 -14.89
C16 6OU L . 25.22 -30.27 -15.83
O17 6OU L . 26.02 -29.73 -16.55
O18 6OU L . 25.04 -31.59 -15.81
C19 6OU L . 24.04 -32.12 -14.91
C20 6OU L . 23.91 -33.61 -15.12
O30 6OU L . 25.17 -34.30 -14.84
C31 6OU L . 25.41 -34.75 -13.60
O32 6OU L . 26.44 -35.33 -13.34
C33 6OU L . 24.33 -34.52 -12.58
C34 6OU L . 24.83 -33.80 -11.36
C35 6OU L . 23.71 -33.37 -10.43
C36 6OU L . 22.81 -32.31 -11.01
C37 6OU L . 21.74 -31.81 -10.06
C38 6OU L . 20.89 -30.67 -10.61
C39 6OU L . 19.86 -30.15 -9.66
C40 6OU L . 19.06 -29.02 -10.19
C41 6OU L . 18.11 -28.39 -9.56
C42 6OU L . 17.63 -28.70 -8.18
C43 6OU L . 16.51 -27.81 -7.73
C08 6OU M . 24.46 -24.51 10.64
C09 6OU M . 25.46 -25.45 11.27
C10 6OU M . 25.80 -26.64 10.41
C11 6OU M . 26.76 -27.62 11.06
C12 6OU M . 27.05 -28.84 10.23
C13 6OU M . 27.90 -29.88 10.91
C14 6OU M . 29.40 -29.77 10.66
C15 6OU M . 30.03 -28.58 11.32
C16 6OU M . 31.52 -28.51 11.10
O17 6OU M . 32.23 -27.61 11.46
O18 6OU M . 31.96 -29.58 10.45
C19 6OU M . 33.37 -29.61 10.13
C20 6OU M . 33.65 -30.89 9.39
C21 6OU M . 34.96 -30.87 8.63
O22 6OU M . 35.23 -32.13 7.98
O30 6OU M . 32.54 -31.07 8.47
C31 6OU M . 32.23 -32.31 8.04
O32 6OU M . 32.84 -33.29 8.37
C33 6OU M . 31.02 -32.28 7.16
C34 6OU M . 31.16 -31.34 6.01
C35 6OU M . 29.81 -30.90 5.45
C36 6OU M . 29.90 -29.94 4.29
C37 6OU M . 28.60 -29.29 3.91
C38 6OU M . 28.03 -28.37 4.98
C39 6OU M . 26.77 -27.66 4.58
C40 6OU M . 26.28 -26.69 5.59
C41 6OU M . 25.22 -25.93 5.48
C42 6OU M . 24.72 -24.95 6.51
C43 6OU M . 23.48 -24.22 6.07
C19 6OU N . 30.72 -42.54 -0.46
C20 6OU N . 31.30 -41.27 -1.05
C21 6OU N . 32.78 -41.10 -0.77
O22 6OU N . 33.51 -42.25 -1.29
O30 6OU N . 30.58 -40.11 -0.53
C31 6OU N . 29.34 -39.89 -0.99
O32 6OU N . 28.80 -40.56 -1.82
C33 6OU N . 28.71 -38.68 -0.33
C34 6OU N . 28.60 -38.80 1.15
C35 6OU N . 28.00 -37.56 1.80
C36 6OU N . 28.76 -36.29 1.53
C37 6OU N . 28.23 -35.08 2.26
C38 6OU N . 26.79 -34.72 1.91
C39 6OU N . 26.28 -33.52 2.64
C40 6OU N . 24.88 -33.13 2.23
C41 6OU N . 24.25 -32.06 2.67
C42 6OU N . 22.87 -31.63 2.28
C43 6OU N . 22.50 -30.30 2.84
C44 6OU N . 21.14 -29.79 2.40
C45 6OU N . 20.77 -28.43 2.95
P CMP O . -28.87 38.12 0.68
O1P CMP O . -28.57 36.69 1.04
O2P CMP O . -30.31 38.52 0.41
O5' CMP O . -28.03 38.46 -0.65
C5' CMP O . -26.61 38.43 -0.64
C4' CMP O . -26.13 38.72 0.76
O4' CMP O . -24.84 39.37 0.79
C3' CMP O . -27.02 39.67 1.51
O3' CMP O . -28.26 39.07 1.83
C2' CMP O . -26.13 40.07 2.68
O2' CMP O . -26.10 39.05 3.66
C1' CMP O . -24.76 40.14 1.98
N9 CMP O . -24.37 41.51 1.63
C8 CMP O . -24.77 42.20 0.56
N7 CMP O . -24.22 43.45 0.53
C5 CMP O . -23.44 43.56 1.62
C6 CMP O . -22.57 44.60 2.20
N6 CMP O . -22.41 45.81 1.61
N1 CMP O . -21.92 44.31 3.36
C2 CMP O . -22.06 43.12 3.96
N3 CMP O . -22.84 42.12 3.49
C4 CMP O . -23.54 42.28 2.34
O18 6OU P . 14.45 13.08 8.67
C19 6OU P . 14.93 11.83 8.14
C20 6OU P . 13.73 11.03 7.66
C21 6OU P . 12.70 10.79 8.73
O22 6OU P . 11.54 10.12 8.14
P23 6OU P . 10.27 9.80 9.07
O24 6OU P . 9.29 9.01 8.26
O25 6OU P . 9.83 11.09 9.73
O26 6OU P . 10.88 8.85 10.20
O30 6OU P . 14.18 9.75 7.12
C31 6OU P . 14.78 9.75 5.92
O32 6OU P . 14.92 10.74 5.25
C33 6OU P . 15.23 8.37 5.50
C34 6OU P . 16.29 7.79 6.39
C35 6OU P . 16.79 6.45 5.89
C36 6OU P . 17.89 5.85 6.73
C37 6OU P . 18.40 4.52 6.20
C38 6OU P . 19.52 3.90 7.02
C39 6OU P . 20.01 2.59 6.47
C40 6OU P . 21.12 1.98 7.25
C41 6OU P . 21.69 0.84 6.93
C42 6OU P . 22.82 0.17 7.63
C43 6OU P . 23.26 -1.10 6.95
C44 6OU P . 24.41 -1.83 7.65
C45 6OU P . 24.85 -3.08 6.95
C46 6OU P . 23.75 -4.12 6.80
C47 6OU P . 24.19 -5.39 6.10
C13 6OU Q . 29.24 -19.67 15.94
C14 6OU Q . 30.23 -20.81 16.12
C15 6OU Q . 31.57 -20.33 16.61
C16 6OU Q . 32.55 -21.46 16.88
O17 6OU Q . 32.95 -22.22 16.03
O18 6OU Q . 32.93 -21.52 18.14
C19 6OU Q . 32.37 -20.53 19.05
C20 6OU Q . 32.83 -20.85 20.45
O30 6OU Q . 34.28 -20.80 20.57
C31 6OU Q . 34.88 -19.63 20.91
O32 6OU Q . 36.08 -19.57 21.01
C33 6OU Q . 33.97 -18.47 21.16
C34 6OU Q . 34.31 -17.26 20.33
C35 6OU Q . 33.27 -16.17 20.42
C36 6OU Q . 31.94 -16.53 19.81
C37 6OU Q . 30.93 -15.42 19.80
C38 6OU Q . 29.61 -15.75 19.11
C39 6OU Q . 28.63 -14.62 19.09
C40 6OU Q . 27.37 -14.96 18.37
C41 6OU Q . 26.34 -14.16 18.21
C42 6OU Q . 26.25 -12.76 18.72
C43 6OU Q . 24.95 -12.08 18.37
C08 6OU R . 33.62 5.24 12.42
C09 6OU R . 34.99 5.66 12.88
C10 6OU R . 35.65 4.66 13.80
C11 6OU R . 37.00 5.10 14.31
C12 6OU R . 37.64 4.14 15.29
C13 6OU R . 38.93 4.61 15.91
C14 6OU R . 40.21 4.18 15.19
C15 6OU R . 40.39 4.84 13.86
C16 6OU R . 41.67 4.43 13.17
O17 6OU R . 42.00 4.76 12.06
O18 6OU R . 42.40 3.64 13.94
C19 6OU R . 43.64 3.14 13.38
C20 6OU R . 44.30 2.26 14.42
C21 6OU R . 45.34 1.34 13.83
O22 6OU R . 46.00 0.55 14.87
O30 6OU R . 43.22 1.48 15.02
C31 6OU R . 43.37 1.01 16.27
O32 6OU R . 44.37 1.17 16.92
C33 6OU R . 42.14 0.30 16.74
C34 6OU R . 41.70 -0.78 15.80
C35 6OU R . 40.22 -1.11 15.95
C36 6OU R . 39.73 -2.19 15.01
C37 6OU R . 38.24 -2.34 14.95
C38 6OU R . 37.52 -1.14 14.36
C39 6OU R . 36.03 -1.31 14.23
C40 6OU R . 35.35 -0.16 13.57
C41 6OU R . 34.07 -0.07 13.31
C42 6OU R . 33.39 1.08 12.66
C43 6OU R . 31.92 0.88 12.49
C19 6OU S . 44.84 -8.02 26.06
C20 6OU S . 44.76 -8.57 24.65
C21 6OU S . 46.06 -8.49 23.89
O22 6OU S . 47.10 -9.18 24.62
O30 6OU S . 43.73 -7.87 23.91
C31 6OU S . 42.44 -8.13 24.20
O32 6OU S . 42.10 -8.94 25.02
C33 6OU S . 41.49 -7.31 23.37
C34 6OU S . 41.66 -5.83 23.56
C35 6OU S . 40.72 -5.02 22.70
C36 6OU S . 40.86 -5.28 21.21
C37 6OU S . 40.00 -4.39 20.34
C38 6OU S . 38.50 -4.52 20.60
C39 6OU S . 37.66 -3.63 19.73
C40 6OU S . 36.19 -3.81 19.94
C41 6OU S . 35.26 -3.21 19.24
C42 6OU S . 33.77 -3.39 19.40
C43 6OU S . 32.98 -2.67 18.37
C44 6OU S . 31.49 -2.87 18.46
C45 6OU S . 30.68 -2.17 17.39
C08 6OU T . 30.11 8.18 -18.43
C09 6OU T . 31.26 8.48 -19.35
C10 6OU T . 32.40 9.23 -18.71
C11 6OU T . 33.52 9.58 -19.65
C12 6OU T . 34.63 10.39 -19.02
C13 6OU T . 35.70 10.86 -19.98
C14 6OU T . 36.91 9.94 -20.12
C15 6OU T . 36.61 8.64 -20.82
C16 6OU T . 37.82 7.77 -20.98
O17 6OU T . 37.81 6.65 -21.43
O18 6OU T . 38.92 8.38 -20.54
C19 6OU T . 40.15 7.62 -20.61
C20 6OU T . 41.26 8.49 -20.06
C21 6OU T . 42.48 7.69 -19.67
O22 6OU T . 43.55 8.57 -19.20
O30 6OU T . 40.69 9.16 -18.90
C31 6OU T . 41.22 10.34 -18.51
O32 6OU T . 42.15 10.85 -19.06
C33 6OU T . 40.46 10.91 -17.34
C34 6OU T . 40.35 9.95 -16.19
C35 6OU T . 39.18 10.28 -15.29
C36 6OU T . 39.04 9.33 -14.12
C37 6OU T . 37.73 9.46 -13.37
C38 6OU T . 36.50 9.07 -14.19
C39 6OU T . 35.22 9.13 -13.41
C40 6OU T . 34.03 8.66 -14.20
C41 6OU T . 32.80 8.58 -13.75
C42 6OU T . 31.62 8.12 -14.53
C43 6OU T . 30.35 8.13 -13.75
C19 6OU U . 47.71 19.09 -10.71
C20 6OU U . 47.63 17.68 -10.20
C21 6OU U . 48.65 16.75 -10.82
O22 6OU U . 49.98 17.28 -10.61
O30 6OU U . 46.31 17.13 -10.43
C31 6OU U . 45.29 17.57 -9.66
O32 6OU U . 45.43 18.36 -8.77
C33 6OU U . 43.97 16.95 -10.03
C34 6OU U . 43.57 17.22 -11.44
C35 6OU U . 42.25 16.55 -11.81
C36 6OU U . 42.24 15.06 -11.66
C37 6OU U . 40.98 14.39 -12.13
C38 6OU U . 39.72 14.83 -11.39
C39 6OU U . 38.47 14.16 -11.87
C40 6OU U . 37.25 14.55 -11.09
C41 6OU U . 36.06 14.03 -11.27
C42 6OU U . 34.81 14.38 -10.50
C43 6OU U . 33.65 13.51 -10.86
C44 6OU U . 32.39 13.79 -10.05
C45 6OU U . 31.23 12.89 -10.38
P CMP V . -41.37 7.58 -22.76
O1P CMP V . -40.45 7.78 -21.58
O2P CMP V . -42.86 7.54 -22.54
O5' CMP V . -40.96 6.19 -23.45
C5' CMP V . -39.66 6.01 -24.00
C4' CMP V . -39.13 7.34 -24.43
O4' CMP V . -38.23 7.26 -25.56
C3' CMP V . -40.20 8.28 -24.93
O3' CMP V . -41.03 8.72 -23.87
C2' CMP V . -39.38 9.34 -25.64
O2' CMP V . -38.78 10.23 -24.70
C1' CMP V . -38.27 8.48 -26.27
N9 CMP V . -38.54 8.20 -27.70
C8 CMP V . -39.34 7.24 -28.17
N7 CMP V . -39.35 7.25 -29.54
C5 CMP V . -38.53 8.23 -29.94
C6 CMP V . -38.07 8.77 -31.24
N6 CMP V . -38.53 8.26 -32.41
N1 CMP V . -37.20 9.80 -31.22
C2 CMP V . -36.75 10.32 -30.07
N3 CMP V . -37.11 9.87 -28.86
C4 CMP V . -37.99 8.85 -28.72
O18 6OU W . 9.06 7.67 -17.71
C19 6OU W . 9.91 6.98 -16.77
C20 6OU W . 9.09 6.60 -15.55
C21 6OU W . 8.41 7.78 -14.89
O22 6OU W . 7.55 7.29 -13.82
P23 6OU W . 6.68 8.35 -12.99
O24 6OU W . 5.99 7.62 -11.87
O25 6OU W . 5.87 9.16 -13.96
O26 6OU W . 7.80 9.32 -12.35
O30 6OU W . 9.92 5.90 -14.59
C31 6OU W . 10.27 4.64 -14.85
O32 6OU W . 9.89 4.04 -15.83
C33 6OU W . 11.18 4.05 -13.80
C34 6OU W . 12.50 4.74 -13.69
C35 6OU W . 13.41 4.08 -12.67
C36 6OU W . 14.78 4.70 -12.57
C37 6OU W . 15.69 4.00 -11.59
C38 6OU W . 17.08 4.61 -11.47
C39 6OU W . 17.97 3.91 -10.49
C40 6OU W . 19.35 4.47 -10.37
C41 6OU W . 20.27 3.99 -9.58
C42 6OU W . 21.67 4.49 -9.42
C43 6OU W . 22.47 3.65 -8.46
C44 6OU W . 23.90 4.12 -8.26
C45 6OU W . 24.70 3.27 -7.31
C46 6OU W . 24.12 3.18 -5.92
C47 6OU W . 24.92 2.34 -4.97
C13 6OU X . 36.79 10.23 6.14
C14 6OU X . 38.17 10.18 6.77
C15 6OU X . 39.25 10.53 5.80
C16 6OU X . 40.63 10.57 6.42
O17 6OU X . 41.16 9.62 6.94
O18 6OU X . 41.20 11.76 6.35
C19 6OU X . 40.44 12.81 5.69
C20 6OU X . 41.20 14.11 5.82
O30 6OU X . 42.50 14.04 5.17
C31 6OU X . 42.62 14.39 3.88
O32 6OU X . 43.68 14.33 3.32
C33 6OU X . 41.37 14.85 3.19
C34 6OU X . 41.07 14.08 1.95
C35 6OU X . 39.69 14.39 1.37
C36 6OU X . 38.55 13.94 2.24
C37 6OU X . 37.18 14.17 1.64
C38 6OU X . 36.03 13.62 2.48
C39 6OU X . 34.68 13.82 1.86
C40 6OU X . 33.56 13.26 2.68
C41 6OU X . 32.29 13.30 2.37
C42 6OU X . 31.71 13.92 1.13
C43 6OU X . 30.23 13.82 1.05
#